data_8DJ6
#
_entry.id   8DJ6
#
_cell.length_a   214.110
_cell.length_b   124.832
_cell.length_c   117.262
_cell.angle_alpha   90.000
_cell.angle_beta   113.749
_cell.angle_gamma   90.000
#
_symmetry.space_group_name_H-M   'C 1 2 1'
#
loop_
_entity.id
_entity.type
_entity.pdbx_description
1 polymer 'Beta sliding clamp'
2 polymer Imub-peptide
3 non-polymer 'FORMIC ACID'
4 non-polymer 'ACETATE ION'
5 water water
#
loop_
_entity_poly.entity_id
_entity_poly.type
_entity_poly.pdbx_seq_one_letter_code
_entity_poly.pdbx_strand_id
1 'polypeptide(L)'
;MATTTVGLTDLKVRLVRDDFADAVAWVARSLPSRPTVPVLAGVLLTGSDDGLTISSFDYEVSAEVQIPAEIAAPGTVLVS
GRLLSEITRALPNKPVDLSVEGTRVSLTCGSARFSLPTMAVEDYPALPELPAETGSVPADLFAEAIGQVAVAAGRDDTLP
MLTGIRVEISGDRMVLAATDRFRLAVRELTWTTKTPDVEAAVLVPAKTLAEAAKTGLDGSEVQLALGAGPSVGQDGLLGI
RSEGKRSTTRLLDAEFPKFRQLLPTEHTAMATIGVGELTEAIKRVALVADRGAQVRMEFADDVLHLSAGADDVGRAEEDL
PVSFSGEPLTIAFNPGYLTDGLGALHSERVTFGFTTPSKPAVLRPATEADAALNGNGPFPAAETDYVYLLMPVRLPG
;
A,C,B,D
2 'polypeptide(L)' (ACE)QLPLWG(NH2) E,F,G,H
#
loop_
_chem_comp.id
_chem_comp.type
_chem_comp.name
_chem_comp.formula
ACE non-polymer 'ACETYL GROUP' 'C2 H4 O'
ACT non-polymer 'ACETATE ION' 'C2 H3 O2 -1'
FMT non-polymer 'FORMIC ACID' 'C H2 O2'
NH2 non-polymer 'AMINO GROUP' 'H2 N'
#
# COMPACT_ATOMS: atom_id res chain seq x y z
N LEU A 8 33.39 -29.28 -19.52
CA LEU A 8 33.94 -30.63 -19.40
C LEU A 8 33.24 -31.41 -18.29
N THR A 9 32.77 -30.70 -17.27
CA THR A 9 32.11 -31.30 -16.13
C THR A 9 30.84 -30.52 -15.81
N ASP A 10 29.74 -31.25 -15.64
CA ASP A 10 28.45 -30.66 -15.26
C ASP A 10 27.90 -31.42 -14.07
N LEU A 11 27.33 -30.66 -13.13
CA LEU A 11 26.88 -31.25 -11.87
C LEU A 11 25.79 -32.28 -12.12
N LYS A 12 26.02 -33.49 -11.61
CA LYS A 12 25.02 -34.55 -11.59
C LYS A 12 25.08 -35.21 -10.22
N VAL A 13 24.00 -35.11 -9.46
CA VAL A 13 24.00 -35.50 -8.07
C VAL A 13 22.65 -36.07 -7.68
N ARG A 14 22.66 -37.03 -6.77
CA ARG A 14 21.45 -37.52 -6.12
C ARG A 14 21.47 -37.07 -4.66
N LEU A 15 20.30 -36.66 -4.17
CA LEU A 15 20.18 -36.04 -2.86
C LEU A 15 18.97 -36.61 -2.14
N VAL A 16 19.00 -36.52 -0.81
CA VAL A 16 17.83 -36.83 0.00
C VAL A 16 16.93 -35.61 0.05
N ARG A 17 15.62 -35.83 -0.15
CA ARG A 17 14.71 -34.70 -0.25
C ARG A 17 14.78 -33.82 1.00
N ASP A 18 14.71 -34.43 2.19
CA ASP A 18 14.69 -33.63 3.42
C ASP A 18 15.94 -32.79 3.55
N ASP A 19 17.11 -33.40 3.37
CA ASP A 19 18.36 -32.65 3.43
C ASP A 19 18.34 -31.47 2.46
N PHE A 20 17.97 -31.75 1.21
CA PHE A 20 18.03 -30.73 0.18
C PHE A 20 17.01 -29.62 0.43
N ALA A 21 15.77 -29.98 0.74
CA ALA A 21 14.73 -28.98 0.95
C ALA A 21 15.00 -28.13 2.18
N ASP A 22 15.48 -28.76 3.26
CA ASP A 22 15.81 -27.99 4.46
C ASP A 22 16.95 -27.03 4.20
N ALA A 23 18.02 -27.53 3.56
CA ALA A 23 19.17 -26.66 3.26
C ALA A 23 18.75 -25.51 2.36
N VAL A 24 18.06 -25.81 1.26
CA VAL A 24 17.60 -24.74 0.37
C VAL A 24 16.67 -23.80 1.11
N ALA A 25 15.92 -24.30 2.07
CA ALA A 25 15.01 -23.45 2.83
C ALA A 25 15.78 -22.44 3.68
N TRP A 26 16.77 -22.92 4.45
CA TRP A 26 17.55 -22.00 5.28
C TRP A 26 18.32 -21.01 4.42
N VAL A 27 18.94 -21.50 3.33
CA VAL A 27 19.72 -20.61 2.48
C VAL A 27 18.82 -19.58 1.81
N ALA A 28 17.62 -19.99 1.41
CA ALA A 28 16.72 -19.09 0.69
C ALA A 28 16.23 -17.93 1.54
N ARG A 29 16.30 -18.05 2.87
CA ARG A 29 15.84 -16.97 3.73
C ARG A 29 16.72 -15.73 3.60
N SER A 30 18.01 -15.92 3.31
CA SER A 30 18.93 -14.81 3.15
C SER A 30 18.94 -14.23 1.74
N LEU A 31 17.95 -14.60 0.92
CA LEU A 31 17.91 -14.13 -0.45
C LEU A 31 17.29 -12.74 -0.54
N PRO A 32 17.71 -11.92 -1.49
CA PRO A 32 17.04 -10.64 -1.74
C PRO A 32 15.87 -10.82 -2.71
N SER A 33 15.03 -9.79 -2.75
CA SER A 33 13.86 -9.77 -3.61
C SER A 33 14.10 -8.80 -4.76
N ARG A 34 14.03 -9.29 -5.99
CA ARG A 34 14.25 -8.49 -7.18
C ARG A 34 15.49 -7.61 -7.03
N PRO A 35 16.66 -8.21 -6.79
CA PRO A 35 17.87 -7.40 -6.61
C PRO A 35 18.33 -6.77 -7.91
N THR A 36 19.02 -5.64 -7.78
CA THR A 36 19.56 -4.96 -8.95
C THR A 36 20.50 -5.88 -9.72
N VAL A 37 21.26 -6.71 -9.01
CA VAL A 37 22.16 -7.69 -9.62
C VAL A 37 21.41 -9.02 -9.72
N PRO A 38 20.89 -9.39 -10.89
CA PRO A 38 20.02 -10.59 -10.95
C PRO A 38 20.65 -11.85 -10.38
N VAL A 39 21.95 -12.06 -10.56
CA VAL A 39 22.55 -13.32 -10.10
C VAL A 39 22.37 -13.49 -8.60
N LEU A 40 22.24 -12.39 -7.86
CA LEU A 40 22.06 -12.50 -6.41
C LEU A 40 20.74 -13.16 -6.04
N ALA A 41 19.78 -13.20 -6.96
CA ALA A 41 18.55 -13.93 -6.70
C ALA A 41 18.73 -15.44 -6.80
N GLY A 42 19.87 -15.91 -7.28
CA GLY A 42 20.10 -17.32 -7.46
C GLY A 42 20.74 -17.97 -6.25
N VAL A 43 20.47 -19.26 -6.11
CA VAL A 43 21.16 -20.12 -5.15
C VAL A 43 22.26 -20.84 -5.90
N LEU A 44 23.45 -20.88 -5.29
CA LEU A 44 24.62 -21.50 -5.89
C LEU A 44 24.75 -22.93 -5.37
N LEU A 45 24.81 -23.89 -6.29
CA LEU A 45 24.95 -25.30 -5.97
C LEU A 45 26.31 -25.78 -6.46
N THR A 46 27.12 -26.31 -5.55
CA THR A 46 28.47 -26.79 -5.86
C THR A 46 28.61 -28.21 -5.34
N GLY A 47 28.66 -29.17 -6.26
CA GLY A 47 28.77 -30.57 -5.89
C GLY A 47 30.19 -31.08 -6.13
N SER A 48 30.72 -31.77 -5.13
CA SER A 48 32.09 -32.26 -5.20
C SER A 48 32.27 -33.40 -4.20
N ASP A 49 33.12 -34.36 -4.60
CA ASP A 49 33.45 -35.50 -3.76
C ASP A 49 32.19 -36.24 -3.32
N ASP A 50 31.72 -36.00 -2.09
CA ASP A 50 30.53 -36.66 -1.58
C ASP A 50 29.62 -35.67 -0.87
N GLY A 51 29.62 -34.41 -1.33
CA GLY A 51 28.80 -33.40 -0.69
C GLY A 51 28.31 -32.37 -1.69
N LEU A 52 27.25 -31.66 -1.29
CA LEU A 52 26.69 -30.57 -2.06
C LEU A 52 26.66 -29.32 -1.18
N THR A 53 27.20 -28.22 -1.70
CA THR A 53 27.21 -26.95 -1.00
C THR A 53 26.16 -26.03 -1.62
N ILE A 54 25.30 -25.47 -0.77
CA ILE A 54 24.21 -24.60 -1.19
C ILE A 54 24.43 -23.23 -0.56
N SER A 55 24.46 -22.19 -1.39
CA SER A 55 24.92 -20.88 -0.97
C SER A 55 24.02 -19.77 -1.49
N SER A 56 23.98 -18.68 -0.73
CA SER A 56 23.31 -17.45 -1.14
C SER A 56 24.09 -16.27 -0.58
N PHE A 57 23.95 -15.13 -1.25
CA PHE A 57 24.76 -13.95 -0.91
C PHE A 57 24.15 -12.73 -1.58
N ASP A 58 24.14 -11.61 -0.86
CA ASP A 58 23.57 -10.36 -1.38
C ASP A 58 24.44 -9.17 -0.96
N TYR A 59 25.76 -9.36 -0.92
CA TYR A 59 26.72 -8.33 -0.58
C TYR A 59 26.74 -7.99 0.91
N GLU A 60 25.60 -8.13 1.59
CA GLU A 60 25.52 -7.87 3.02
C GLU A 60 25.57 -9.14 3.86
N VAL A 61 24.77 -10.13 3.51
CA VAL A 61 24.66 -11.38 4.28
C VAL A 61 24.95 -12.54 3.35
N SER A 62 25.61 -13.57 3.89
CA SER A 62 25.89 -14.79 3.16
C SER A 62 25.40 -15.99 3.97
N ALA A 63 24.85 -16.97 3.28
CA ALA A 63 24.41 -18.22 3.89
C ALA A 63 24.98 -19.37 3.07
N GLU A 64 25.49 -20.40 3.76
CA GLU A 64 26.14 -21.51 3.08
C GLU A 64 26.03 -22.74 3.95
N VAL A 65 25.55 -23.84 3.37
CA VAL A 65 25.38 -25.10 4.09
C VAL A 65 25.79 -26.25 3.18
N GLN A 66 26.41 -27.27 3.76
CA GLN A 66 26.85 -28.45 3.04
C GLN A 66 26.05 -29.66 3.51
N ILE A 67 25.63 -30.48 2.56
CA ILE A 67 24.81 -31.66 2.87
C ILE A 67 25.42 -32.88 2.20
N PRO A 68 25.11 -34.07 2.69
CA PRO A 68 25.56 -35.28 2.00
C PRO A 68 24.99 -35.36 0.59
N ALA A 69 25.73 -36.00 -0.30
CA ALA A 69 25.33 -36.06 -1.69
C ALA A 69 26.02 -37.23 -2.38
N GLU A 70 25.28 -37.90 -3.27
CA GLU A 70 25.87 -38.91 -4.16
C GLU A 70 26.25 -38.19 -5.44
N ILE A 71 27.54 -37.91 -5.61
CA ILE A 71 28.04 -37.16 -6.75
C ILE A 71 28.39 -38.14 -7.86
N ALA A 72 27.68 -38.03 -8.99
CA ALA A 72 28.05 -38.74 -10.20
C ALA A 72 28.98 -37.92 -11.07
N ALA A 73 28.90 -36.60 -10.97
CA ALA A 73 29.79 -35.69 -11.67
C ALA A 73 29.78 -34.35 -10.94
N PRO A 74 30.94 -33.83 -10.53
CA PRO A 74 30.94 -32.57 -9.79
C PRO A 74 30.71 -31.38 -10.71
N GLY A 75 30.47 -30.24 -10.10
CA GLY A 75 30.26 -29.03 -10.87
C GLY A 75 29.52 -28.00 -10.06
N THR A 76 29.31 -26.85 -10.68
CA THR A 76 28.63 -25.71 -10.06
C THR A 76 27.54 -25.21 -10.99
N VAL A 77 26.46 -24.71 -10.39
CA VAL A 77 25.35 -24.17 -11.15
C VAL A 77 24.62 -23.15 -10.29
N LEU A 78 24.03 -22.15 -10.93
CA LEU A 78 23.28 -21.09 -10.26
C LEU A 78 21.84 -21.17 -10.77
N VAL A 79 20.89 -21.33 -9.86
CA VAL A 79 19.48 -21.44 -10.23
C VAL A 79 18.66 -20.48 -9.39
N SER A 80 17.48 -20.14 -9.90
CA SER A 80 16.58 -19.22 -9.21
C SER A 80 16.33 -19.69 -7.78
N GLY A 81 16.68 -18.84 -6.82
CA GLY A 81 16.57 -19.18 -5.42
C GLY A 81 15.17 -19.50 -4.96
N ARG A 82 14.25 -18.55 -5.07
CA ARG A 82 12.89 -18.78 -4.60
CA ARG A 82 12.90 -18.78 -4.59
C ARG A 82 12.23 -19.93 -5.34
N LEU A 83 12.47 -20.02 -6.65
CA LEU A 83 11.87 -21.09 -7.43
C LEU A 83 12.36 -22.46 -6.96
N LEU A 84 13.68 -22.59 -6.76
CA LEU A 84 14.20 -23.85 -6.22
C LEU A 84 13.63 -24.13 -4.84
N SER A 85 13.47 -23.09 -4.02
CA SER A 85 12.89 -23.28 -2.69
C SER A 85 11.48 -23.85 -2.77
N GLU A 86 10.62 -23.19 -3.56
CA GLU A 86 9.24 -23.69 -3.72
C GLU A 86 9.23 -25.12 -4.23
N ILE A 87 10.01 -25.39 -5.28
CA ILE A 87 10.04 -26.73 -5.84
C ILE A 87 10.42 -27.75 -4.77
N THR A 88 11.57 -27.55 -4.13
CA THR A 88 12.03 -28.51 -3.14
C THR A 88 11.01 -28.71 -2.03
N ARG A 89 10.39 -27.63 -1.55
CA ARG A 89 9.40 -27.76 -0.49
C ARG A 89 8.15 -28.51 -0.96
N ALA A 90 7.94 -28.61 -2.27
CA ALA A 90 6.75 -29.27 -2.81
C ALA A 90 7.09 -30.61 -3.47
N LEU A 91 8.25 -31.23 -3.13
CA LEU A 91 8.62 -32.48 -3.78
C LEU A 91 8.18 -33.69 -2.96
N PRO A 92 7.89 -34.81 -3.61
CA PRO A 92 7.58 -36.04 -2.85
C PRO A 92 8.77 -36.49 -2.03
N ASN A 93 8.48 -37.24 -0.96
CA ASN A 93 9.53 -37.77 -0.12
C ASN A 93 10.25 -38.90 -0.83
N LYS A 94 10.99 -38.56 -1.89
CA LYS A 94 11.73 -39.53 -2.69
C LYS A 94 13.08 -38.93 -3.05
N PRO A 95 14.02 -39.74 -3.57
CA PRO A 95 15.34 -39.20 -3.90
C PRO A 95 15.22 -38.12 -4.98
N VAL A 96 16.05 -37.09 -4.85
CA VAL A 96 16.08 -35.96 -5.78
C VAL A 96 17.29 -36.13 -6.68
N ASP A 97 17.06 -36.19 -7.98
CA ASP A 97 18.13 -36.30 -8.98
C ASP A 97 18.26 -34.97 -9.69
N LEU A 98 19.41 -34.33 -9.52
CA LEU A 98 19.72 -33.04 -10.13
C LEU A 98 20.82 -33.24 -11.16
N SER A 99 20.60 -32.72 -12.37
CA SER A 99 21.52 -32.96 -13.47
C SER A 99 21.56 -31.73 -14.37
N VAL A 100 22.73 -31.10 -14.47
CA VAL A 100 22.91 -29.95 -15.33
C VAL A 100 23.07 -30.43 -16.77
N GLU A 101 22.17 -29.99 -17.65
CA GLU A 101 22.17 -30.35 -19.06
C GLU A 101 22.37 -29.07 -19.85
N GLY A 102 23.64 -28.76 -20.17
CA GLY A 102 23.95 -27.57 -20.93
C GLY A 102 23.50 -26.29 -20.23
N THR A 103 22.49 -25.63 -20.79
CA THR A 103 21.98 -24.39 -20.24
C THR A 103 20.83 -24.59 -19.27
N ARG A 104 20.45 -25.83 -18.98
CA ARG A 104 19.31 -26.12 -18.13
C ARG A 104 19.71 -27.05 -17.00
N VAL A 105 18.82 -27.18 -16.02
CA VAL A 105 19.03 -28.01 -14.84
C VAL A 105 17.80 -28.90 -14.71
N SER A 106 17.99 -30.20 -14.92
CA SER A 106 16.92 -31.16 -14.72
C SER A 106 16.86 -31.56 -13.25
N LEU A 107 15.66 -31.47 -12.68
CA LEU A 107 15.41 -31.91 -11.32
C LEU A 107 14.29 -32.94 -11.37
N THR A 108 14.57 -34.16 -10.91
CA THR A 108 13.63 -35.26 -10.99
C THR A 108 13.42 -35.85 -9.61
N CYS A 109 12.16 -35.99 -9.22
CA CYS A 109 11.79 -36.58 -7.93
C CYS A 109 10.53 -37.39 -8.13
N GLY A 110 10.64 -38.70 -7.98
CA GLY A 110 9.50 -39.57 -8.25
C GLY A 110 9.01 -39.36 -9.67
N SER A 111 7.73 -39.02 -9.79
CA SER A 111 7.11 -38.77 -11.10
C SER A 111 7.20 -37.32 -11.53
N ALA A 112 7.64 -36.41 -10.66
CA ALA A 112 7.75 -35.00 -11.00
C ALA A 112 9.10 -34.71 -11.64
N ARG A 113 9.07 -33.90 -12.70
CA ARG A 113 10.28 -33.55 -13.44
C ARG A 113 10.25 -32.07 -13.77
N PHE A 114 11.33 -31.37 -13.42
CA PHE A 114 11.48 -29.95 -13.67
C PHE A 114 12.71 -29.70 -14.53
N SER A 115 12.68 -28.60 -15.29
CA SER A 115 13.79 -28.19 -16.14
C SER A 115 13.94 -26.68 -15.99
N LEU A 116 14.90 -26.25 -15.13
CA LEU A 116 15.09 -24.84 -14.87
C LEU A 116 16.23 -24.28 -15.71
N PRO A 117 16.15 -23.02 -16.14
CA PRO A 117 17.29 -22.42 -16.84
C PRO A 117 18.39 -22.02 -15.87
N THR A 118 19.64 -22.21 -16.31
CA THR A 118 20.77 -21.82 -15.49
C THR A 118 20.95 -20.31 -15.53
N MET A 119 21.55 -19.77 -14.47
CA MET A 119 21.88 -18.36 -14.39
C MET A 119 23.37 -18.15 -14.63
N ALA A 120 23.76 -16.87 -14.73
CA ALA A 120 25.13 -16.50 -15.09
C ALA A 120 26.04 -16.69 -13.88
N VAL A 121 26.39 -17.96 -13.61
CA VAL A 121 27.28 -18.24 -12.50
C VAL A 121 28.63 -17.56 -12.71
N GLU A 122 29.01 -17.32 -13.98
CA GLU A 122 30.22 -16.57 -14.27
C GLU A 122 30.23 -15.23 -13.54
N ASP A 123 29.07 -14.58 -13.45
CA ASP A 123 28.96 -13.26 -12.85
C ASP A 123 28.56 -13.29 -11.38
N TYR A 124 28.53 -14.47 -10.77
CA TYR A 124 28.13 -14.57 -9.37
C TYR A 124 29.30 -14.20 -8.47
N PRO A 125 29.10 -13.36 -7.45
CA PRO A 125 30.22 -12.95 -6.62
C PRO A 125 30.76 -14.09 -5.77
N ALA A 126 32.01 -13.94 -5.36
CA ALA A 126 32.63 -14.90 -4.46
C ALA A 126 32.07 -14.73 -3.05
N LEU A 127 31.77 -15.85 -2.40
CA LEU A 127 31.24 -15.78 -1.04
C LEU A 127 32.33 -15.33 -0.08
N PRO A 128 32.00 -14.51 0.92
CA PRO A 128 33.03 -14.09 1.88
C PRO A 128 33.57 -15.27 2.67
N GLU A 129 34.89 -15.29 2.87
CA GLU A 129 35.52 -16.26 3.74
C GLU A 129 35.44 -15.78 5.18
N LEU A 130 34.95 -16.64 6.06
CA LEU A 130 34.78 -16.25 7.45
C LEU A 130 36.14 -15.86 8.04
N PRO A 131 36.19 -14.86 8.94
CA PRO A 131 37.46 -14.57 9.64
C PRO A 131 37.85 -15.72 10.53
N ALA A 132 39.03 -15.63 11.15
CA ALA A 132 39.46 -16.65 12.09
C ALA A 132 38.46 -16.75 13.24
N GLU A 133 38.25 -17.97 13.75
CA GLU A 133 37.36 -18.15 14.88
C GLU A 133 37.89 -17.42 16.10
N THR A 134 37.04 -16.59 16.70
CA THR A 134 37.40 -15.86 17.90
C THR A 134 37.00 -16.61 19.17
N GLY A 135 35.86 -17.29 19.14
CA GLY A 135 35.41 -18.03 20.31
C GLY A 135 34.18 -18.83 20.01
N SER A 136 33.56 -19.34 21.07
CA SER A 136 32.42 -20.23 20.97
C SER A 136 31.39 -19.86 22.02
N VAL A 137 30.12 -19.95 21.64
CA VAL A 137 29.00 -19.59 22.50
C VAL A 137 27.95 -20.69 22.43
N PRO A 138 27.27 -21.01 23.53
CA PRO A 138 26.14 -21.96 23.43
C PRO A 138 25.03 -21.39 22.54
N ALA A 139 24.51 -22.25 21.67
CA ALA A 139 23.52 -21.81 20.68
C ALA A 139 22.29 -21.22 21.36
N ASP A 140 21.63 -22.00 22.22
CA ASP A 140 20.40 -21.55 22.84
C ASP A 140 20.60 -20.23 23.57
N LEU A 141 21.65 -20.15 24.39
CA LEU A 141 21.91 -18.93 25.15
C LEU A 141 22.18 -17.75 24.23
N PHE A 142 22.98 -17.96 23.18
CA PHE A 142 23.27 -16.90 22.24
C PHE A 142 22.00 -16.37 21.59
N ALA A 143 21.19 -17.28 21.03
CA ALA A 143 19.94 -16.88 20.41
C ALA A 143 19.06 -16.11 21.38
N GLU A 144 18.93 -16.61 22.61
CA GLU A 144 18.11 -15.93 23.61
C GLU A 144 18.60 -14.52 23.84
N ALA A 145 19.91 -14.35 24.08
CA ALA A 145 20.45 -13.01 24.33
C ALA A 145 20.13 -12.08 23.17
N ILE A 146 20.33 -12.54 21.94
CA ILE A 146 20.01 -11.72 20.77
C ILE A 146 18.55 -11.31 20.83
N GLY A 147 17.66 -12.25 21.12
CA GLY A 147 16.24 -11.91 21.20
C GLY A 147 15.95 -10.87 22.26
N GLN A 148 16.56 -11.01 23.44
CA GLN A 148 16.28 -10.10 24.53
C GLN A 148 16.77 -8.69 24.22
N VAL A 149 17.77 -8.54 23.36
CA VAL A 149 18.33 -7.22 23.07
C VAL A 149 17.69 -6.63 21.83
N ALA A 150 17.34 -7.49 20.86
CA ALA A 150 16.83 -7.01 19.58
C ALA A 150 15.57 -6.17 19.75
N VAL A 151 14.75 -6.47 20.77
CA VAL A 151 13.51 -5.74 20.97
C VAL A 151 13.75 -4.23 21.04
N ALA A 152 14.95 -3.82 21.46
CA ALA A 152 15.25 -2.41 21.65
C ALA A 152 15.91 -1.76 20.45
N ALA A 153 16.29 -2.53 19.44
CA ALA A 153 16.99 -1.95 18.29
C ALA A 153 16.04 -1.08 17.48
N GLY A 154 16.57 0.02 16.94
CA GLY A 154 15.81 0.89 16.08
C GLY A 154 15.61 0.34 14.69
N ARG A 155 14.89 1.10 13.87
CA ARG A 155 14.53 0.67 12.53
C ARG A 155 14.98 1.74 11.53
N ASP A 156 14.44 1.68 10.31
CA ASP A 156 14.79 2.67 9.30
C ASP A 156 14.38 4.07 9.72
N ASP A 157 13.37 4.18 10.58
CA ASP A 157 12.88 5.49 11.01
C ASP A 157 13.94 6.32 11.71
N THR A 158 15.08 5.73 12.08
CA THR A 158 16.11 6.45 12.82
C THR A 158 17.47 6.34 12.15
N LEU A 159 18.52 6.76 12.85
CA LEU A 159 19.87 6.81 12.31
C LEU A 159 20.48 5.41 12.22
N PRO A 160 21.46 5.21 11.36
CA PRO A 160 22.02 3.86 11.17
C PRO A 160 22.66 3.28 12.42
N MET A 161 23.22 4.12 13.30
CA MET A 161 23.87 3.58 14.49
C MET A 161 22.87 2.88 15.41
N LEU A 162 21.62 3.32 15.41
CA LEU A 162 20.59 2.71 16.24
C LEU A 162 20.00 1.44 15.64
N THR A 163 20.36 1.10 14.40
CA THR A 163 19.82 -0.09 13.75
C THR A 163 20.65 -1.34 14.00
N GLY A 164 21.70 -1.24 14.80
CA GLY A 164 22.55 -2.39 15.05
C GLY A 164 22.56 -2.86 16.49
N ILE A 165 23.06 -4.07 16.71
CA ILE A 165 23.29 -4.61 18.04
C ILE A 165 24.78 -4.57 18.30
N ARG A 166 25.18 -3.87 19.36
CA ARG A 166 26.58 -3.81 19.73
C ARG A 166 26.98 -5.09 20.43
N VAL A 167 28.07 -5.70 19.97
CA VAL A 167 28.60 -6.94 20.53
C VAL A 167 29.98 -6.62 21.08
N GLU A 168 30.11 -6.63 22.41
CA GLU A 168 31.39 -6.40 23.07
C GLU A 168 31.89 -7.73 23.63
N ILE A 169 33.18 -8.02 23.40
CA ILE A 169 33.81 -9.22 23.91
C ILE A 169 35.02 -8.79 24.75
N SER A 170 35.10 -9.34 25.96
CA SER A 170 36.19 -9.06 26.91
C SER A 170 36.51 -10.38 27.59
N GLY A 171 37.45 -11.14 27.02
CA GLY A 171 37.79 -12.43 27.58
C GLY A 171 36.64 -13.42 27.38
N ASP A 172 36.26 -14.09 28.46
CA ASP A 172 35.18 -15.07 28.44
C ASP A 172 33.82 -14.46 28.73
N ARG A 173 33.68 -13.14 28.52
CA ARG A 173 32.45 -12.43 28.87
C ARG A 173 32.13 -11.47 27.74
N MET A 174 30.92 -11.57 27.19
CA MET A 174 30.47 -10.66 26.15
C MET A 174 29.14 -10.06 26.55
N VAL A 175 28.92 -8.82 26.12
CA VAL A 175 27.68 -8.10 26.37
C VAL A 175 27.10 -7.64 25.05
N LEU A 176 25.80 -7.83 24.87
CA LEU A 176 25.06 -7.34 23.73
C LEU A 176 24.23 -6.14 24.16
N ALA A 177 24.13 -5.14 23.29
CA ALA A 177 23.42 -3.92 23.61
C ALA A 177 22.66 -3.42 22.38
N ALA A 178 21.53 -2.78 22.63
CA ALA A 178 20.75 -2.18 21.55
C ALA A 178 19.83 -1.12 22.14
N THR A 179 19.58 -0.07 21.35
CA THR A 179 18.71 1.00 21.78
C THR A 179 18.12 1.70 20.57
N ASP A 180 16.97 2.35 20.78
CA ASP A 180 16.28 3.12 19.74
C ASP A 180 16.05 4.56 20.18
N ARG A 181 16.72 5.02 21.23
CA ARG A 181 16.63 6.35 21.84
C ARG A 181 15.55 6.39 22.92
N PHE A 182 14.73 5.36 23.06
CA PHE A 182 13.68 5.32 24.07
C PHE A 182 13.74 4.11 24.97
N ARG A 183 14.42 3.05 24.54
CA ARG A 183 14.61 1.86 25.35
C ARG A 183 16.00 1.30 25.06
N LEU A 184 16.69 0.88 26.12
CA LEU A 184 18.02 0.30 26.02
C LEU A 184 18.00 -1.09 26.63
N ALA A 185 18.47 -2.07 25.86
CA ALA A 185 18.53 -3.46 26.32
C ALA A 185 19.98 -3.91 26.33
N VAL A 186 20.43 -4.45 27.47
CA VAL A 186 21.79 -4.93 27.63
C VAL A 186 21.75 -6.31 28.25
N ARG A 187 22.41 -7.27 27.60
CA ARG A 187 22.49 -8.64 28.08
C ARG A 187 23.96 -9.06 28.16
N GLU A 188 24.36 -9.57 29.32
CA GLU A 188 25.70 -10.09 29.53
C GLU A 188 25.63 -11.61 29.60
N LEU A 189 26.59 -12.26 28.95
CA LEU A 189 26.68 -13.71 28.99
C LEU A 189 28.13 -14.13 28.84
N THR A 190 28.45 -15.31 29.37
CA THR A 190 29.80 -15.84 29.33
C THR A 190 29.95 -16.79 28.15
N TRP A 191 31.11 -16.76 27.52
CA TRP A 191 31.42 -17.64 26.40
C TRP A 191 32.86 -18.13 26.55
N THR A 192 33.29 -18.97 25.61
CA THR A 192 34.63 -19.56 25.65
C THR A 192 35.45 -18.98 24.49
N THR A 193 36.33 -18.03 24.81
CA THR A 193 37.17 -17.41 23.80
C THR A 193 38.40 -18.27 23.51
N LYS A 194 38.93 -18.13 22.30
CA LYS A 194 40.15 -18.83 21.91
C LYS A 194 41.41 -18.03 22.23
N THR A 195 41.29 -16.76 22.58
CA THR A 195 42.43 -15.92 22.94
C THR A 195 42.02 -15.06 24.13
N PRO A 196 42.44 -15.42 25.35
CA PRO A 196 42.05 -14.61 26.52
C PRO A 196 42.41 -13.15 26.36
N ASP A 197 41.79 -12.29 27.16
CA ASP A 197 41.98 -10.84 27.11
C ASP A 197 41.61 -10.25 25.75
N VAL A 198 40.93 -11.00 24.88
CA VAL A 198 40.40 -10.41 23.67
C VAL A 198 39.45 -9.29 24.07
N GLU A 199 39.74 -8.08 23.62
CA GLU A 199 38.97 -6.89 23.99
C GLU A 199 38.60 -6.16 22.71
N ALA A 200 37.35 -6.32 22.27
CA ALA A 200 36.91 -5.67 21.04
C ALA A 200 35.40 -5.54 21.05
N ALA A 201 34.90 -4.64 20.20
CA ALA A 201 33.48 -4.38 20.09
C ALA A 201 33.13 -4.11 18.63
N VAL A 202 32.01 -4.65 18.18
CA VAL A 202 31.53 -4.46 16.82
C VAL A 202 30.04 -4.13 16.87
N LEU A 203 29.53 -3.66 15.73
CA LEU A 203 28.12 -3.30 15.57
C LEU A 203 27.54 -4.13 14.44
N VAL A 204 26.58 -4.98 14.74
CA VAL A 204 26.00 -5.90 13.76
C VAL A 204 24.59 -5.45 13.41
N PRO A 205 24.18 -5.48 12.14
CA PRO A 205 22.78 -5.16 11.81
C PRO A 205 21.80 -6.01 12.62
N ALA A 206 20.95 -5.33 13.40
CA ALA A 206 20.08 -6.04 14.33
C ALA A 206 19.15 -7.00 13.61
N LYS A 207 18.53 -6.54 12.51
CA LYS A 207 17.62 -7.40 11.75
C LYS A 207 18.31 -8.70 11.35
N THR A 208 19.50 -8.59 10.75
CA THR A 208 20.22 -9.78 10.30
C THR A 208 20.52 -10.71 11.47
N LEU A 209 21.10 -10.17 12.55
CA LEU A 209 21.50 -11.01 13.67
C LEU A 209 20.29 -11.71 14.29
N ALA A 210 19.19 -10.98 14.50
CA ALA A 210 17.99 -11.60 15.04
C ALA A 210 17.50 -12.74 14.15
N GLU A 211 17.50 -12.53 12.83
CA GLU A 211 17.12 -13.59 11.90
C GLU A 211 18.00 -14.81 12.12
N ALA A 212 19.32 -14.63 12.12
CA ALA A 212 20.22 -15.75 12.35
C ALA A 212 19.90 -16.46 13.66
N ALA A 213 19.38 -15.72 14.65
CA ALA A 213 19.03 -16.34 15.92
C ALA A 213 17.81 -17.24 15.78
N LYS A 214 16.77 -16.77 15.08
CA LYS A 214 15.52 -17.54 15.02
C LYS A 214 15.67 -18.79 14.15
N THR A 215 16.41 -18.69 13.05
CA THR A 215 16.45 -19.73 12.04
C THR A 215 17.72 -20.56 12.05
N GLY A 216 18.87 -19.93 12.23
CA GLY A 216 20.14 -20.62 12.29
C GLY A 216 20.46 -21.12 13.68
N LEU A 217 21.75 -21.30 13.94
CA LEU A 217 22.25 -21.72 15.24
C LEU A 217 21.70 -23.10 15.61
N ASP A 218 22.19 -24.10 14.88
CA ASP A 218 21.86 -25.49 15.12
C ASP A 218 22.92 -26.13 16.01
N GLY A 219 22.50 -27.08 16.83
CA GLY A 219 23.40 -27.74 17.75
C GLY A 219 23.53 -26.98 19.06
N SER A 220 24.47 -27.46 19.87
CA SER A 220 24.71 -26.88 21.18
C SER A 220 25.79 -25.80 21.17
N GLU A 221 26.65 -25.79 20.16
CA GLU A 221 27.80 -24.90 20.11
C GLU A 221 27.75 -24.04 18.86
N VAL A 222 28.18 -22.79 18.98
CA VAL A 222 28.20 -21.83 17.88
C VAL A 222 29.53 -21.10 17.91
N GLN A 223 30.30 -21.22 16.84
CA GLN A 223 31.58 -20.54 16.73
C GLN A 223 31.38 -19.16 16.11
N LEU A 224 31.94 -18.14 16.74
CA LEU A 224 31.91 -16.78 16.23
C LEU A 224 33.24 -16.44 15.60
N ALA A 225 33.21 -15.91 14.38
CA ALA A 225 34.41 -15.57 13.61
C ALA A 225 34.49 -14.06 13.47
N LEU A 226 35.37 -13.44 14.27
CA LEU A 226 35.57 -12.00 14.23
C LEU A 226 37.03 -11.61 14.05
N GLY A 227 37.94 -12.56 13.94
CA GLY A 227 39.36 -12.30 13.87
C GLY A 227 40.07 -12.85 15.09
N ALA A 228 41.35 -12.52 15.19
CA ALA A 228 42.19 -13.00 16.28
C ALA A 228 43.23 -11.95 16.63
N GLY A 229 43.44 -11.75 17.93
CA GLY A 229 44.47 -10.85 18.42
C GLY A 229 44.14 -9.39 18.16
N PRO A 230 45.00 -8.69 17.40
CA PRO A 230 44.78 -7.25 17.19
C PRO A 230 43.76 -6.96 16.11
N SER A 231 43.63 -7.86 15.14
CA SER A 231 42.72 -7.68 14.03
C SER A 231 41.28 -8.06 14.36
N VAL A 232 40.96 -8.30 15.63
CA VAL A 232 39.61 -8.69 16.02
C VAL A 232 38.67 -7.54 15.70
N GLY A 233 37.70 -7.80 14.82
CA GLY A 233 36.79 -6.77 14.35
C GLY A 233 37.32 -5.93 13.22
N GLN A 234 38.60 -6.06 12.86
CA GLN A 234 39.17 -5.28 11.77
C GLN A 234 38.89 -5.88 10.41
N ASP A 235 38.30 -7.08 10.34
CA ASP A 235 38.06 -7.72 9.05
C ASP A 235 36.89 -7.05 8.32
N GLY A 236 35.85 -6.67 9.05
CA GLY A 236 34.72 -5.97 8.48
C GLY A 236 33.43 -6.76 8.42
N LEU A 237 33.40 -7.98 8.95
CA LEU A 237 32.19 -8.78 8.93
C LEU A 237 32.25 -9.79 10.07
N LEU A 238 31.07 -10.26 10.47
CA LEU A 238 30.90 -11.26 11.51
C LEU A 238 30.55 -12.59 10.88
N GLY A 239 31.30 -13.63 11.24
CA GLY A 239 31.03 -14.98 10.78
C GLY A 239 30.42 -15.80 11.91
N ILE A 240 29.53 -16.72 11.53
CA ILE A 240 28.91 -17.64 12.48
C ILE A 240 28.95 -19.03 11.86
N ARG A 241 29.45 -20.00 12.63
CA ARG A 241 29.57 -21.37 12.17
C ARG A 241 28.95 -22.29 13.22
N SER A 242 28.11 -23.22 12.78
CA SER A 242 27.50 -24.19 13.68
C SER A 242 27.01 -25.36 12.84
N GLU A 243 27.55 -26.55 13.11
CA GLU A 243 27.21 -27.74 12.31
C GLU A 243 27.72 -27.48 10.88
N GLY A 244 27.01 -28.01 9.88
CA GLY A 244 27.38 -27.76 8.50
C GLY A 244 27.04 -26.38 7.99
N LYS A 245 26.31 -25.59 8.77
CA LYS A 245 25.90 -24.26 8.35
C LYS A 245 26.98 -23.23 8.68
N ARG A 246 27.04 -22.19 7.86
CA ARG A 246 27.94 -21.07 8.10
C ARG A 246 27.37 -19.84 7.41
N SER A 247 27.35 -18.71 8.12
CA SER A 247 26.80 -17.48 7.58
C SER A 247 27.73 -16.33 7.93
N THR A 248 27.62 -15.25 7.15
CA THR A 248 28.41 -14.04 7.38
C THR A 248 27.50 -12.82 7.30
N THR A 249 27.88 -11.78 8.03
CA THR A 249 27.13 -10.53 8.08
C THR A 249 28.09 -9.36 8.05
N ARG A 250 27.83 -8.41 7.15
CA ARG A 250 28.63 -7.19 7.10
C ARG A 250 28.36 -6.34 8.33
N LEU A 251 29.42 -5.79 8.92
CA LEU A 251 29.28 -4.96 10.10
C LEU A 251 28.93 -3.53 9.73
N LEU A 252 28.43 -2.79 10.72
CA LEU A 252 28.13 -1.37 10.56
C LEU A 252 29.33 -0.53 11.01
N ASP A 253 29.67 0.47 10.20
CA ASP A 253 30.76 1.37 10.53
C ASP A 253 30.35 2.44 11.53
N ALA A 254 29.06 2.61 11.79
CA ALA A 254 28.60 3.65 12.71
C ALA A 254 29.03 3.33 14.13
N GLU A 255 29.26 4.38 14.92
CA GLU A 255 29.67 4.24 16.30
C GLU A 255 28.44 4.16 17.21
N PHE A 256 28.38 3.10 18.02
CA PHE A 256 27.27 2.95 18.94
C PHE A 256 27.37 4.00 20.05
N PRO A 257 26.23 4.47 20.57
CA PRO A 257 26.28 5.44 21.67
C PRO A 257 26.91 4.82 22.92
N LYS A 258 27.44 5.69 23.77
CA LYS A 258 27.98 5.27 25.07
C LYS A 258 26.79 4.99 25.98
N PHE A 259 26.19 3.81 25.79
CA PHE A 259 24.94 3.48 26.45
C PHE A 259 25.08 3.36 27.96
N ARG A 260 26.28 3.09 28.47
CA ARG A 260 26.42 2.79 29.89
C ARG A 260 26.12 4.01 30.76
N GLN A 261 26.36 5.22 30.26
CA GLN A 261 26.09 6.42 31.06
C GLN A 261 24.63 6.82 31.04
N LEU A 262 23.75 5.96 30.53
CA LEU A 262 22.32 6.10 30.74
C LEU A 262 21.81 5.30 31.93
N LEU A 263 22.60 4.31 32.39
CA LEU A 263 22.20 3.43 33.47
C LEU A 263 22.34 4.14 34.82
N PRO A 264 21.36 4.03 35.70
CA PRO A 264 21.48 4.66 37.02
C PRO A 264 22.34 3.85 37.96
N THR A 265 22.92 4.55 38.95
CA THR A 265 23.70 3.90 39.98
C THR A 265 22.86 3.56 41.22
N GLU A 266 21.84 4.36 41.51
CA GLU A 266 20.96 4.10 42.64
C GLU A 266 19.52 4.40 42.22
N HIS A 267 18.58 3.79 42.94
CA HIS A 267 17.15 3.96 42.71
C HIS A 267 16.50 4.59 43.93
N THR A 268 15.61 5.55 43.70
CA THR A 268 14.81 6.09 44.80
C THR A 268 13.62 5.19 45.13
N ALA A 269 13.19 4.36 44.19
CA ALA A 269 12.08 3.44 44.44
C ALA A 269 12.31 2.13 43.73
N MET A 270 11.79 1.06 44.32
CA MET A 270 11.90 -0.29 43.78
C MET A 270 10.53 -0.94 43.84
N ALA A 271 10.18 -1.68 42.79
CA ALA A 271 8.88 -2.35 42.73
C ALA A 271 9.07 -3.72 42.10
N THR A 272 8.65 -4.77 42.81
CA THR A 272 8.73 -6.12 42.32
C THR A 272 7.31 -6.68 42.17
N ILE A 273 7.06 -7.38 41.07
CA ILE A 273 5.72 -7.87 40.75
C ILE A 273 5.86 -8.99 39.73
N GLY A 274 4.80 -9.78 39.58
CA GLY A 274 4.80 -10.86 38.61
C GLY A 274 4.63 -10.35 37.18
N VAL A 275 5.43 -10.93 36.28
CA VAL A 275 5.44 -10.47 34.89
C VAL A 275 4.08 -10.71 34.25
N GLY A 276 3.57 -11.95 34.34
CA GLY A 276 2.29 -12.25 33.72
C GLY A 276 1.19 -11.34 34.18
N GLU A 277 1.03 -11.18 35.50
CA GLU A 277 -0.01 -10.31 36.03
C GLU A 277 0.14 -8.90 35.48
N LEU A 278 1.34 -8.31 35.62
CA LEU A 278 1.53 -6.94 35.16
C LEU A 278 1.27 -6.82 33.66
N THR A 279 1.73 -7.80 32.87
CA THR A 279 1.59 -7.71 31.43
C THR A 279 0.11 -7.73 31.02
N GLU A 280 -0.67 -8.66 31.57
CA GLU A 280 -2.08 -8.72 31.23
C GLU A 280 -2.80 -7.43 31.65
N ALA A 281 -2.50 -6.92 32.84
CA ALA A 281 -3.12 -5.68 33.28
C ALA A 281 -2.75 -4.53 32.33
N ILE A 282 -1.49 -4.47 31.91
CA ILE A 282 -1.07 -3.42 30.97
C ILE A 282 -1.81 -3.58 29.65
N LYS A 283 -1.95 -4.81 29.17
CA LYS A 283 -2.65 -5.05 27.90
C LYS A 283 -4.11 -4.63 28.01
N ARG A 284 -4.77 -4.97 29.12
CA ARG A 284 -6.16 -4.55 29.30
C ARG A 284 -6.28 -3.03 29.33
N VAL A 285 -5.50 -2.38 30.21
CA VAL A 285 -5.64 -0.94 30.38
C VAL A 285 -5.25 -0.19 29.11
N ALA A 286 -4.30 -0.72 28.34
CA ALA A 286 -3.81 0.01 27.18
C ALA A 286 -4.80 0.02 26.03
N LEU A 287 -5.78 -0.90 26.01
CA LEU A 287 -6.78 -0.91 24.96
C LEU A 287 -7.44 0.45 24.79
N VAL A 288 -7.53 1.23 25.88
CA VAL A 288 -8.22 2.51 25.85
C VAL A 288 -7.29 3.67 25.59
N ALA A 289 -5.98 3.47 25.68
CA ALA A 289 -5.01 4.47 25.24
C ALA A 289 -4.84 4.35 23.73
N ASP A 290 -4.97 5.48 23.03
CA ASP A 290 -4.95 5.47 21.57
C ASP A 290 -3.60 5.95 21.05
N ARG A 291 -3.58 6.69 19.94
CA ARG A 291 -2.33 7.24 19.41
C ARG A 291 -1.50 7.87 20.51
N GLY A 292 -2.14 8.51 21.48
CA GLY A 292 -1.45 9.00 22.66
C GLY A 292 -1.27 7.90 23.68
N ALA A 293 -0.36 6.97 23.39
CA ALA A 293 -0.20 5.76 24.18
C ALA A 293 0.57 6.09 25.45
N GLN A 294 -0.13 6.18 26.58
CA GLN A 294 0.48 6.37 27.88
C GLN A 294 -0.29 5.51 28.88
N VAL A 295 0.40 4.56 29.51
CA VAL A 295 -0.13 3.86 30.67
C VAL A 295 0.48 4.50 31.90
N ARG A 296 -0.38 4.96 32.80
CA ARG A 296 0.03 5.65 34.02
C ARG A 296 0.15 4.64 35.14
N MET A 297 1.33 4.59 35.77
CA MET A 297 1.61 3.69 36.87
C MET A 297 1.76 4.50 38.15
N GLU A 298 0.92 4.20 39.14
CA GLU A 298 0.95 4.88 40.44
C GLU A 298 1.33 3.87 41.51
N PHE A 299 2.49 4.08 42.12
CA PHE A 299 3.00 3.20 43.17
C PHE A 299 2.81 3.84 44.54
N ALA A 300 2.20 3.09 45.46
CA ALA A 300 2.03 3.57 46.82
C ALA A 300 1.73 2.37 47.73
N ASP A 301 2.28 2.42 48.95
CA ASP A 301 2.15 1.30 49.88
C ASP A 301 2.63 0.02 49.22
N ASP A 302 1.72 -0.90 48.95
CA ASP A 302 2.00 -2.11 48.17
C ASP A 302 0.96 -2.30 47.09
N VAL A 303 0.50 -1.19 46.52
CA VAL A 303 -0.52 -1.20 45.48
C VAL A 303 0.00 -0.46 44.26
N LEU A 304 -0.17 -1.08 43.08
CA LEU A 304 0.11 -0.45 41.80
C LEU A 304 -1.21 -0.14 41.13
N HIS A 305 -1.46 1.15 40.88
CA HIS A 305 -2.68 1.62 40.25
C HIS A 305 -2.37 2.00 38.80
N LEU A 306 -2.81 1.16 37.86
CA LEU A 306 -2.68 1.44 36.44
C LEU A 306 -3.90 2.22 35.95
N SER A 307 -3.66 3.16 35.05
CA SER A 307 -4.74 3.92 34.45
C SER A 307 -4.34 4.38 33.05
N ALA A 308 -5.33 4.78 32.26
CA ALA A 308 -5.08 5.26 30.91
C ALA A 308 -6.39 5.72 30.30
N GLY A 309 -6.28 6.47 29.21
CA GLY A 309 -7.42 6.77 28.36
C GLY A 309 -7.74 8.25 28.33
N ALA A 310 -8.58 8.60 27.35
CA ALA A 310 -9.15 9.93 27.21
C ALA A 310 -10.66 9.80 27.07
N ASP A 311 -11.38 10.78 27.62
CA ASP A 311 -12.84 10.70 27.69
C ASP A 311 -13.46 10.39 26.33
N ASP A 312 -12.89 10.92 25.24
CA ASP A 312 -13.47 10.70 23.93
C ASP A 312 -13.37 9.23 23.50
N VAL A 313 -12.34 8.52 23.94
CA VAL A 313 -12.18 7.11 23.65
C VAL A 313 -12.63 6.24 24.82
N GLY A 314 -12.34 6.69 26.04
CA GLY A 314 -12.63 5.91 27.23
C GLY A 314 -11.55 6.09 28.27
N ARG A 315 -11.74 5.53 29.46
CA ARG A 315 -10.74 5.62 30.51
C ARG A 315 -10.81 4.35 31.34
N ALA A 316 -9.67 3.68 31.48
CA ALA A 316 -9.58 2.41 32.17
C ALA A 316 -8.58 2.50 33.33
N GLU A 317 -8.66 1.52 34.22
CA GLU A 317 -7.75 1.44 35.35
C GLU A 317 -7.87 0.06 35.98
N GLU A 318 -6.82 -0.32 36.70
CA GLU A 318 -6.76 -1.63 37.35
C GLU A 318 -5.67 -1.61 38.41
N ASP A 319 -5.96 -2.22 39.55
CA ASP A 319 -5.06 -2.26 40.69
C ASP A 319 -4.42 -3.64 40.82
N LEU A 320 -3.14 -3.66 41.17
CA LEU A 320 -2.41 -4.91 41.37
C LEU A 320 -1.62 -4.85 42.67
N PRO A 321 -1.38 -5.99 43.29
CA PRO A 321 -0.47 -6.02 44.45
C PRO A 321 0.99 -6.03 44.00
N VAL A 322 1.80 -5.25 44.70
CA VAL A 322 3.18 -5.01 44.31
C VAL A 322 4.05 -4.91 45.56
N SER A 323 5.22 -5.54 45.52
CA SER A 323 6.22 -5.39 46.56
C SER A 323 6.99 -4.11 46.26
N PHE A 324 6.54 -3.01 46.87
CA PHE A 324 7.09 -1.69 46.61
C PHE A 324 7.87 -1.19 47.82
N SER A 325 8.98 -0.51 47.55
CA SER A 325 9.82 0.09 48.57
C SER A 325 10.35 1.41 48.05
N GLY A 326 10.37 2.42 48.91
CA GLY A 326 10.82 3.74 48.56
C GLY A 326 9.70 4.77 48.61
N GLU A 327 9.96 5.89 47.99
CA GLU A 327 8.99 6.97 47.96
C GLU A 327 7.87 6.67 46.96
N PRO A 328 6.64 7.09 47.25
CA PRO A 328 5.56 6.93 46.27
C PRO A 328 5.94 7.56 44.94
N LEU A 329 5.38 7.03 43.86
CA LEU A 329 5.79 7.47 42.53
C LEU A 329 4.63 7.35 41.55
N THR A 330 4.53 8.32 40.65
CA THR A 330 3.58 8.29 39.55
C THR A 330 4.35 8.52 38.26
N ILE A 331 4.45 7.49 37.42
CA ILE A 331 5.27 7.53 36.22
C ILE A 331 4.50 6.87 35.09
N ALA A 332 4.65 7.41 33.88
CA ALA A 332 3.93 6.94 32.70
C ALA A 332 4.89 6.33 31.69
N PHE A 333 4.41 5.32 30.97
CA PHE A 333 5.23 4.63 29.98
C PHE A 333 4.42 4.33 28.74
N ASN A 334 5.13 4.05 27.66
CA ASN A 334 4.51 3.54 26.44
C ASN A 334 4.12 2.08 26.66
N PRO A 335 2.85 1.70 26.46
CA PRO A 335 2.46 0.32 26.77
C PRO A 335 3.23 -0.73 25.99
N GLY A 336 3.44 -0.49 24.68
CA GLY A 336 4.14 -1.47 23.87
C GLY A 336 5.60 -1.63 24.28
N TYR A 337 6.28 -0.50 24.52
CA TYR A 337 7.64 -0.58 25.04
C TYR A 337 7.68 -1.36 26.34
N LEU A 338 6.73 -1.10 27.24
CA LEU A 338 6.73 -1.76 28.54
C LEU A 338 6.53 -3.26 28.38
N THR A 339 5.53 -3.67 27.60
CA THR A 339 5.30 -5.09 27.38
C THR A 339 6.45 -5.74 26.63
N ASP A 340 7.15 -4.99 25.78
CA ASP A 340 8.34 -5.52 25.11
C ASP A 340 9.40 -5.89 26.13
N GLY A 341 9.71 -4.96 27.04
CA GLY A 341 10.70 -5.27 28.07
C GLY A 341 10.29 -6.45 28.93
N LEU A 342 9.05 -6.42 29.44
CA LEU A 342 8.57 -7.53 30.26
C LEU A 342 8.69 -8.85 29.51
N GLY A 343 8.36 -8.85 28.21
CA GLY A 343 8.47 -10.07 27.44
C GLY A 343 9.89 -10.54 27.25
N ALA A 344 10.86 -9.61 27.31
CA ALA A 344 12.26 -9.99 27.15
C ALA A 344 12.90 -10.46 28.45
N LEU A 345 12.30 -10.14 29.60
CA LEU A 345 12.93 -10.49 30.88
C LEU A 345 13.13 -12.00 31.01
N HIS A 346 12.20 -12.80 30.51
CA HIS A 346 12.26 -14.26 30.62
C HIS A 346 12.33 -14.72 32.06
N SER A 347 11.85 -13.91 33.00
CA SER A 347 11.82 -14.26 34.41
C SER A 347 10.37 -14.29 34.89
N GLU A 348 10.12 -15.09 35.92
CA GLU A 348 8.77 -15.19 36.48
C GLU A 348 8.37 -13.89 37.18
N ARG A 349 9.32 -13.10 37.65
CA ARG A 349 9.03 -11.90 38.42
C ARG A 349 9.98 -10.80 38.00
N VAL A 350 9.45 -9.58 37.89
CA VAL A 350 10.20 -8.42 37.43
C VAL A 350 10.40 -7.46 38.59
N THR A 351 11.52 -6.75 38.55
CA THR A 351 11.83 -5.68 39.50
C THR A 351 12.10 -4.40 38.74
N PHE A 352 11.38 -3.34 39.12
CA PHE A 352 11.54 -2.00 38.57
C PHE A 352 12.42 -1.17 39.48
N GLY A 353 13.30 -0.38 38.88
CA GLY A 353 14.09 0.61 39.60
C GLY A 353 13.83 2.01 39.10
N PHE A 354 13.26 2.85 39.95
CA PHE A 354 12.88 4.21 39.58
C PHE A 354 13.74 5.24 40.32
N THR A 355 13.83 6.42 39.71
CA THR A 355 14.40 7.59 40.36
C THR A 355 13.42 8.75 40.33
N THR A 356 12.91 9.06 39.13
CA THR A 356 12.09 10.24 38.90
C THR A 356 11.15 9.93 37.75
N PRO A 357 9.93 10.48 37.76
CA PRO A 357 9.01 10.22 36.65
C PRO A 357 9.50 10.72 35.29
N SER A 358 10.56 11.53 35.25
CA SER A 358 11.13 12.01 34.00
C SER A 358 12.53 11.46 33.75
N LYS A 359 12.85 10.32 34.35
CA LYS A 359 14.14 9.67 34.18
C LYS A 359 13.91 8.20 33.87
N PRO A 360 14.88 7.55 33.22
CA PRO A 360 14.68 6.15 32.80
C PRO A 360 14.31 5.26 33.97
N ALA A 361 13.70 4.14 33.64
CA ALA A 361 13.35 3.11 34.61
C ALA A 361 14.05 1.81 34.24
N VAL A 362 14.60 1.14 35.25
CA VAL A 362 15.30 -0.12 35.06
C VAL A 362 14.31 -1.26 35.23
N LEU A 363 14.23 -2.13 34.23
CA LEU A 363 13.47 -3.37 34.33
C LEU A 363 14.46 -4.53 34.28
N ARG A 364 14.44 -5.36 35.32
CA ARG A 364 15.36 -6.49 35.35
C ARG A 364 14.69 -7.65 36.07
N PRO A 365 15.17 -8.87 35.87
CA PRO A 365 14.63 -10.02 36.61
C PRO A 365 14.75 -9.80 38.11
N ALA A 366 13.77 -10.31 38.85
CA ALA A 366 13.79 -10.21 40.30
C ALA A 366 14.71 -11.26 40.89
N THR A 367 15.32 -10.93 42.03
CA THR A 367 16.20 -11.82 42.76
C THR A 367 15.79 -11.85 44.23
N GLU A 368 16.24 -12.89 44.92
CA GLU A 368 15.94 -13.02 46.34
C GLU A 368 16.34 -11.77 47.11
N ALA A 369 17.47 -11.17 46.74
CA ALA A 369 17.89 -9.93 47.38
C ALA A 369 16.80 -8.88 47.33
N ASP A 370 16.14 -8.74 46.18
CA ASP A 370 15.05 -7.77 46.06
C ASP A 370 14.02 -7.97 47.16
N ALA A 371 13.76 -9.22 47.53
CA ALA A 371 12.82 -9.48 48.63
C ALA A 371 13.34 -8.90 49.93
N ALA A 372 14.62 -9.15 50.24
CA ALA A 372 15.26 -8.61 51.44
C ALA A 372 15.61 -7.14 51.22
N LEU A 373 14.57 -6.33 50.98
CA LEU A 373 14.74 -4.93 50.62
C LEU A 373 13.54 -4.17 51.17
N ASN A 374 13.68 -3.64 52.39
CA ASN A 374 12.63 -2.87 53.05
C ASN A 374 13.29 -1.68 53.75
N GLY A 375 13.31 -0.55 53.07
CA GLY A 375 13.87 0.65 53.63
C GLY A 375 13.29 1.88 52.94
N ASN A 376 13.83 3.04 53.32
CA ASN A 376 13.40 4.30 52.74
C ASN A 376 14.13 4.64 51.44
N GLY A 377 15.34 4.10 51.25
CA GLY A 377 16.12 4.37 50.06
C GLY A 377 17.23 5.36 50.33
N PRO A 378 18.10 5.59 49.34
CA PRO A 378 18.09 4.96 48.02
C PRO A 378 18.49 3.48 48.04
N PHE A 379 18.54 2.86 46.87
CA PHE A 379 18.85 1.43 46.75
C PHE A 379 19.89 1.27 45.66
N PRO A 380 21.08 0.73 45.97
CA PRO A 380 22.09 0.55 44.92
C PRO A 380 21.56 -0.32 43.78
N ALA A 381 22.02 -0.01 42.57
CA ALA A 381 21.63 -0.79 41.40
C ALA A 381 22.30 -2.16 41.47
N ALA A 382 21.49 -3.21 41.46
CA ALA A 382 22.02 -4.57 41.58
C ALA A 382 22.71 -4.99 40.29
N GLU A 383 23.66 -5.91 40.43
CA GLU A 383 24.34 -6.48 39.27
C GLU A 383 23.47 -7.57 38.66
N THR A 384 23.06 -7.38 37.41
CA THR A 384 22.16 -8.28 36.73
C THR A 384 22.70 -8.63 35.36
N ASP A 385 22.30 -9.78 34.84
CA ASP A 385 22.73 -10.20 33.51
C ASP A 385 21.99 -9.46 32.42
N TYR A 386 20.71 -9.13 32.63
CA TYR A 386 19.91 -8.42 31.64
C TYR A 386 19.27 -7.20 32.27
N VAL A 387 19.27 -6.09 31.52
CA VAL A 387 18.60 -4.87 31.93
C VAL A 387 17.86 -4.29 30.73
N TYR A 388 16.62 -3.86 30.97
CA TYR A 388 15.79 -3.19 29.99
C TYR A 388 15.44 -1.81 30.55
N LEU A 389 16.15 -0.79 30.06
CA LEU A 389 16.01 0.57 30.55
C LEU A 389 15.03 1.31 29.66
N LEU A 390 13.91 1.76 30.22
CA LEU A 390 12.83 2.37 29.45
C LEU A 390 12.63 3.82 29.85
N MET A 391 12.54 4.71 28.86
CA MET A 391 12.38 6.13 29.13
C MET A 391 10.89 6.47 29.25
N PRO A 392 10.49 7.29 30.22
CA PRO A 392 9.06 7.48 30.48
C PRO A 392 8.44 8.55 29.57
N VAL A 393 7.13 8.73 29.77
CA VAL A 393 6.33 9.69 29.02
C VAL A 393 6.01 10.86 29.94
N ARG A 394 6.18 12.08 29.43
CA ARG A 394 5.85 13.26 30.21
C ARG A 394 4.39 13.24 30.65
N LEU A 395 4.15 13.61 31.90
CA LEU A 395 2.79 13.69 32.42
C LEU A 395 2.26 15.11 32.31
N PRO A 396 0.98 15.30 31.94
CA PRO A 396 0.42 16.65 31.78
C PRO A 396 0.63 17.55 33.01
N THR B 9 6.80 34.75 30.55
CA THR B 9 6.52 35.81 29.58
C THR B 9 5.81 35.24 28.35
N ASP B 10 4.73 35.90 27.95
CA ASP B 10 3.90 35.45 26.84
C ASP B 10 4.22 36.25 25.59
N LEU B 11 4.51 35.54 24.50
CA LEU B 11 4.88 36.20 23.25
C LEU B 11 3.69 36.91 22.64
N LYS B 12 3.93 38.12 22.14
CA LYS B 12 2.94 38.90 21.41
C LYS B 12 3.66 39.67 20.33
N VAL B 13 3.28 39.47 19.07
CA VAL B 13 4.05 39.96 17.94
C VAL B 13 3.13 40.15 16.75
N ARG B 14 3.51 41.07 15.86
CA ARG B 14 2.85 41.27 14.58
C ARG B 14 3.85 41.01 13.47
N LEU B 15 3.40 40.34 12.41
CA LEU B 15 4.26 39.90 11.33
C LEU B 15 3.60 40.16 9.99
N VAL B 16 4.40 40.06 8.93
CA VAL B 16 3.91 40.16 7.57
C VAL B 16 3.54 38.76 7.09
N ARG B 17 2.38 38.65 6.43
CA ARG B 17 1.88 37.33 6.04
C ARG B 17 2.87 36.60 5.13
N ASP B 18 3.42 37.31 4.14
CA ASP B 18 4.29 36.63 3.18
C ASP B 18 5.59 36.16 3.84
N ASP B 19 6.23 37.01 4.63
CA ASP B 19 7.43 36.61 5.34
C ASP B 19 7.13 35.42 6.26
N PHE B 20 6.07 35.52 7.05
CA PHE B 20 5.73 34.46 7.98
C PHE B 20 5.43 33.16 7.25
N ALA B 21 4.58 33.23 6.20
CA ALA B 21 4.19 32.03 5.47
C ALA B 21 5.39 31.36 4.82
N ASP B 22 6.24 32.15 4.15
CA ASP B 22 7.41 31.57 3.50
C ASP B 22 8.36 30.97 4.51
N ALA B 23 8.57 31.66 5.64
CA ALA B 23 9.48 31.15 6.66
C ALA B 23 8.97 29.84 7.26
N VAL B 24 7.72 29.84 7.71
CA VAL B 24 7.15 28.60 8.26
C VAL B 24 7.16 27.50 7.21
N ALA B 25 6.93 27.87 5.94
CA ALA B 25 6.94 26.88 4.87
C ALA B 25 8.29 26.19 4.77
N TRP B 26 9.37 26.98 4.73
CA TRP B 26 10.70 26.39 4.59
C TRP B 26 11.09 25.60 5.83
N VAL B 27 10.81 26.13 7.01
CA VAL B 27 11.16 25.41 8.23
C VAL B 27 10.35 24.11 8.35
N ALA B 28 9.13 24.10 7.82
CA ALA B 28 8.28 22.93 7.95
C ALA B 28 8.72 21.78 7.03
N ARG B 29 9.51 22.07 6.00
CA ARG B 29 9.98 20.99 5.13
C ARG B 29 10.86 20.01 5.90
N SER B 30 11.61 20.49 6.88
CA SER B 30 12.52 19.67 7.67
C SER B 30 11.85 19.07 8.90
N LEU B 31 10.50 18.96 8.90
CA LEU B 31 9.79 18.40 10.04
C LEU B 31 9.51 16.91 9.83
N PRO B 32 9.56 16.13 10.91
CA PRO B 32 9.23 14.71 10.78
C PRO B 32 7.72 14.47 10.80
N SER B 33 7.33 13.29 10.32
CA SER B 33 5.94 12.86 10.29
C SER B 33 5.74 11.76 11.32
N ARG B 34 4.79 11.95 12.23
CA ARG B 34 4.48 10.95 13.23
C ARG B 34 5.71 10.67 14.10
N PRO B 35 6.32 11.69 14.69
CA PRO B 35 7.54 11.47 15.47
C PRO B 35 7.24 10.87 16.84
N THR B 36 8.10 9.94 17.27
CA THR B 36 7.92 9.31 18.57
C THR B 36 7.98 10.33 19.68
N VAL B 37 8.83 11.35 19.53
CA VAL B 37 8.91 12.46 20.49
C VAL B 37 7.97 13.57 20.02
N PRO B 38 6.78 13.72 20.61
CA PRO B 38 5.77 14.62 20.02
C PRO B 38 6.26 16.04 19.78
N VAL B 39 7.06 16.61 20.68
CA VAL B 39 7.47 18.00 20.51
C VAL B 39 8.23 18.21 19.21
N LEU B 40 8.84 17.16 18.66
CA LEU B 40 9.58 17.31 17.41
C LEU B 40 8.67 17.72 16.26
N ALA B 41 7.36 17.46 16.37
CA ALA B 41 6.41 17.89 15.36
C ALA B 41 6.09 19.38 15.44
N GLY B 42 6.66 20.09 16.42
CA GLY B 42 6.35 21.49 16.65
C GLY B 42 7.36 22.41 16.02
N VAL B 43 6.89 23.59 15.61
CA VAL B 43 7.73 24.68 15.16
C VAL B 43 7.94 25.61 16.35
N LEU B 44 9.19 26.01 16.57
CA LEU B 44 9.55 26.88 17.68
C LEU B 44 9.56 28.32 17.20
N LEU B 45 8.85 29.18 17.91
CA LEU B 45 8.74 30.60 17.60
C LEU B 45 9.32 31.39 18.77
N THR B 46 10.42 32.09 18.53
CA THR B 46 11.13 32.86 19.54
C THR B 46 11.20 34.31 19.07
N GLY B 47 10.41 35.18 19.71
CA GLY B 47 10.32 36.58 19.33
C GLY B 47 11.06 37.46 20.33
N SER B 48 11.98 38.27 19.80
CA SER B 48 12.78 39.16 20.63
C SER B 48 13.28 40.32 19.78
N ASP B 49 13.66 41.40 20.48
CA ASP B 49 14.19 42.59 19.83
C ASP B 49 13.24 43.09 18.76
N ASP B 50 13.58 42.86 17.49
CA ASP B 50 12.73 43.24 16.36
C ASP B 50 12.69 42.12 15.34
N GLY B 51 12.53 40.89 15.81
CA GLY B 51 12.51 39.75 14.90
C GLY B 51 11.88 38.54 15.54
N LEU B 52 11.42 37.63 14.67
CA LEU B 52 10.89 36.34 15.09
C LEU B 52 11.76 35.24 14.50
N THR B 53 12.22 34.33 15.36
CA THR B 53 13.03 33.20 14.94
C THR B 53 12.15 31.96 14.88
N ILE B 54 12.16 31.28 13.74
CA ILE B 54 11.34 30.11 13.48
C ILE B 54 12.28 28.93 13.28
N SER B 55 12.05 27.86 14.05
CA SER B 55 13.00 26.76 14.13
C SER B 55 12.27 25.42 14.10
N SER B 56 12.97 24.41 13.58
CA SER B 56 12.51 23.04 13.62
C SER B 56 13.73 22.13 13.72
N PHE B 57 13.50 20.92 14.22
CA PHE B 57 14.60 20.00 14.53
C PHE B 57 14.03 18.62 14.79
N ASP B 58 14.82 17.59 14.47
CA ASP B 58 14.38 16.22 14.69
C ASP B 58 15.53 15.29 15.04
N TYR B 59 16.56 15.80 15.73
CA TYR B 59 17.76 15.08 16.15
C TYR B 59 18.71 14.83 14.98
N GLU B 60 18.30 15.05 13.74
CA GLU B 60 19.15 14.84 12.57
C GLU B 60 19.36 16.11 11.76
N VAL B 61 18.28 16.76 11.34
CA VAL B 61 18.33 17.97 10.53
C VAL B 61 17.68 19.11 11.32
N SER B 62 18.32 20.26 11.30
CA SER B 62 17.79 21.46 11.94
C SER B 62 17.59 22.53 10.88
N ALA B 63 16.49 23.28 11.00
CA ALA B 63 16.18 24.37 10.09
C ALA B 63 15.76 25.58 10.91
N GLU B 64 16.37 26.73 10.63
CA GLU B 64 16.12 27.93 11.42
C GLU B 64 16.22 29.15 10.52
N VAL B 65 15.25 30.04 10.62
CA VAL B 65 15.24 31.30 9.88
C VAL B 65 14.68 32.39 10.77
N GLN B 66 15.15 33.62 10.56
CA GLN B 66 14.68 34.78 11.29
C GLN B 66 14.04 35.76 10.32
N ILE B 67 12.98 36.42 10.76
CA ILE B 67 12.26 37.38 9.92
C ILE B 67 11.96 38.64 10.71
N PRO B 68 11.75 39.75 10.02
CA PRO B 68 11.34 40.98 10.71
C PRO B 68 10.02 40.77 11.44
N ALA B 69 9.83 41.52 12.52
CA ALA B 69 8.64 41.36 13.34
C ALA B 69 8.51 42.57 14.26
N GLU B 70 7.27 42.92 14.57
CA GLU B 70 6.95 43.98 15.52
C GLU B 70 6.62 43.32 16.85
N ILE B 71 7.63 43.21 17.72
CA ILE B 71 7.49 42.53 18.99
C ILE B 71 6.79 43.46 19.97
N ALA B 72 5.58 43.09 20.39
CA ALA B 72 4.91 43.78 21.48
C ALA B 72 5.29 43.20 22.84
N ALA B 73 5.75 41.96 22.89
CA ALA B 73 6.17 41.32 24.13
C ALA B 73 6.99 40.08 23.79
N PRO B 74 8.27 40.03 24.13
CA PRO B 74 9.10 38.89 23.72
C PRO B 74 8.64 37.60 24.38
N GLY B 75 9.10 36.50 23.82
CA GLY B 75 8.76 35.21 24.38
C GLY B 75 9.04 34.08 23.40
N THR B 76 8.72 32.88 23.84
CA THR B 76 8.92 31.67 23.07
C THR B 76 7.67 30.80 23.18
N VAL B 77 7.39 30.06 22.10
CA VAL B 77 6.24 29.17 22.08
C VAL B 77 6.49 28.09 21.03
N LEU B 78 5.90 26.92 21.26
CA LEU B 78 6.01 25.77 20.35
C LEU B 78 4.61 25.39 19.91
N VAL B 79 4.38 25.37 18.59
CA VAL B 79 3.08 25.05 18.05
C VAL B 79 3.23 24.00 16.96
N SER B 80 2.11 23.36 16.62
CA SER B 80 2.13 22.31 15.61
C SER B 80 2.67 22.85 14.28
N GLY B 81 3.70 22.18 13.76
CA GLY B 81 4.38 22.64 12.57
C GLY B 81 3.53 22.60 11.31
N ARG B 82 3.05 21.41 10.93
CA ARG B 82 2.27 21.29 9.71
CA ARG B 82 2.27 21.29 9.71
C ARG B 82 1.00 22.12 9.78
N LEU B 83 0.38 22.19 10.96
CA LEU B 83 -0.83 23.00 11.10
C LEU B 83 -0.52 24.48 10.92
N LEU B 84 0.55 24.96 11.54
CA LEU B 84 0.95 26.36 11.35
C LEU B 84 1.28 26.64 9.89
N SER B 85 1.89 25.67 9.21
CA SER B 85 2.24 25.85 7.80
C SER B 85 0.98 25.98 6.95
N GLU B 86 0.03 25.05 7.12
CA GLU B 86 -1.21 25.12 6.36
C GLU B 86 -1.96 26.42 6.66
N ILE B 87 -2.05 26.79 7.93
CA ILE B 87 -2.78 28.01 8.29
C ILE B 87 -2.15 29.21 7.60
N THR B 88 -0.83 29.41 7.79
CA THR B 88 -0.17 30.55 7.15
C THR B 88 -0.32 30.50 5.63
N ARG B 89 -0.33 29.29 5.06
CA ARG B 89 -0.57 29.17 3.62
C ARG B 89 -1.90 29.82 3.22
N ALA B 90 -2.93 29.62 4.04
CA ALA B 90 -4.28 30.04 3.68
C ALA B 90 -4.65 31.44 4.18
N LEU B 91 -3.70 32.19 4.73
CA LEU B 91 -4.06 33.48 5.30
C LEU B 91 -4.18 34.55 4.22
N PRO B 92 -5.00 35.59 4.44
CA PRO B 92 -5.05 36.71 3.50
C PRO B 92 -3.80 37.57 3.61
N ASN B 93 -3.64 38.46 2.63
CA ASN B 93 -2.51 39.39 2.60
C ASN B 93 -2.80 40.56 3.55
N LYS B 94 -2.76 40.25 4.84
CA LYS B 94 -2.98 41.22 5.89
C LYS B 94 -2.00 40.93 7.02
N PRO B 95 -1.74 41.92 7.88
CA PRO B 95 -0.84 41.68 9.01
C PRO B 95 -1.31 40.50 9.85
N VAL B 96 -0.36 39.72 10.33
CA VAL B 96 -0.62 38.53 11.14
C VAL B 96 -0.28 38.86 12.58
N ASP B 97 -1.29 38.89 13.43
CA ASP B 97 -1.12 39.14 14.86
C ASP B 97 -1.07 37.81 15.60
N LEU B 98 -0.01 37.61 16.38
CA LEU B 98 0.22 36.37 17.10
C LEU B 98 0.41 36.68 18.57
N SER B 99 -0.38 36.03 19.43
CA SER B 99 -0.34 36.29 20.87
C SER B 99 -0.55 34.98 21.61
N VAL B 100 0.14 34.82 22.73
CA VAL B 100 0.02 33.62 23.57
C VAL B 100 -0.97 33.91 24.68
N GLU B 101 -2.10 33.20 24.68
CA GLU B 101 -3.15 33.34 25.69
C GLU B 101 -3.07 32.10 26.59
N GLY B 102 -2.28 32.21 27.66
CA GLY B 102 -2.14 31.12 28.59
C GLY B 102 -1.67 29.83 27.96
N THR B 103 -2.57 28.86 27.81
CA THR B 103 -2.24 27.56 27.25
C THR B 103 -2.38 27.50 25.73
N ARG B 104 -2.86 28.57 25.10
CA ARG B 104 -3.11 28.57 23.67
C ARG B 104 -2.39 29.73 23.01
N VAL B 105 -2.45 29.75 21.68
CA VAL B 105 -1.82 30.78 20.87
C VAL B 105 -2.89 31.31 19.92
N SER B 106 -3.25 32.58 20.08
CA SER B 106 -4.18 33.24 19.18
C SER B 106 -3.44 33.75 17.95
N LEU B 107 -3.97 33.45 16.77
CA LEU B 107 -3.43 33.93 15.50
C LEU B 107 -4.57 34.61 14.76
N THR B 108 -4.44 35.93 14.56
CA THR B 108 -5.48 36.72 13.93
C THR B 108 -4.93 37.32 12.64
N CYS B 109 -5.69 37.19 11.56
CA CYS B 109 -5.34 37.79 10.27
C CYS B 109 -6.63 38.22 9.60
N GLY B 110 -6.87 39.52 9.55
CA GLY B 110 -8.12 40.01 9.00
C GLY B 110 -9.29 39.40 9.74
N SER B 111 -10.25 38.87 8.97
CA SER B 111 -11.43 38.23 9.55
C SER B 111 -11.14 36.83 10.06
N ALA B 112 -9.98 36.26 9.77
CA ALA B 112 -9.65 34.90 10.18
C ALA B 112 -9.04 34.91 11.57
N ARG B 113 -9.44 33.94 12.41
CA ARG B 113 -8.94 33.84 13.77
C ARG B 113 -8.75 32.36 14.12
N PHE B 114 -7.55 32.03 14.58
CA PHE B 114 -7.20 30.68 15.00
C PHE B 114 -6.73 30.70 16.45
N SER B 115 -6.89 29.56 17.12
CA SER B 115 -6.43 29.40 18.50
C SER B 115 -5.83 28.00 18.61
N LEU B 116 -4.51 27.92 18.64
CA LEU B 116 -3.84 26.63 18.66
C LEU B 116 -3.32 26.30 20.05
N PRO B 117 -3.38 25.04 20.49
CA PRO B 117 -2.83 24.71 21.81
C PRO B 117 -1.31 24.76 21.78
N THR B 118 -0.74 25.33 22.85
CA THR B 118 0.71 25.36 22.98
C THR B 118 1.25 23.96 23.25
N MET B 119 2.51 23.76 22.90
CA MET B 119 3.21 22.50 23.14
C MET B 119 4.30 22.71 24.18
N ALA B 120 4.77 21.58 24.74
CA ALA B 120 5.70 21.61 25.85
C ALA B 120 7.08 22.06 25.38
N VAL B 121 7.26 23.38 25.29
CA VAL B 121 8.59 23.93 25.03
C VAL B 121 9.59 23.42 26.04
N GLU B 122 9.12 23.08 27.25
CA GLU B 122 10.03 22.62 28.29
C GLU B 122 10.83 21.42 27.84
N ASP B 123 10.22 20.51 27.08
CA ASP B 123 10.87 19.30 26.62
C ASP B 123 11.37 19.40 25.18
N TYR B 124 11.30 20.58 24.58
CA TYR B 124 11.79 20.72 23.21
C TYR B 124 13.31 20.78 23.21
N PRO B 125 13.98 19.95 22.40
CA PRO B 125 15.45 19.96 22.43
C PRO B 125 16.03 21.24 21.87
N ALA B 126 17.20 21.60 22.36
CA ALA B 126 17.91 22.77 21.87
C ALA B 126 18.54 22.45 20.52
N LEU B 127 18.54 23.44 19.63
CA LEU B 127 19.13 23.25 18.32
C LEU B 127 20.65 23.11 18.44
N PRO B 128 21.28 22.35 17.55
CA PRO B 128 22.75 22.34 17.52
C PRO B 128 23.26 23.67 16.97
N GLU B 129 24.29 24.20 17.63
CA GLU B 129 24.96 25.39 17.12
C GLU B 129 25.85 25.00 15.95
N LEU B 130 25.82 25.80 14.89
CA LEU B 130 26.58 25.47 13.70
C LEU B 130 28.08 25.46 14.02
N PRO B 131 28.85 24.54 13.44
CA PRO B 131 30.31 24.58 13.62
C PRO B 131 30.91 25.89 13.13
N ALA B 132 32.22 26.05 13.30
CA ALA B 132 32.89 27.24 12.80
C ALA B 132 32.83 27.27 11.27
N GLU B 133 32.66 28.47 10.73
CA GLU B 133 32.61 28.63 9.27
C GLU B 133 33.89 28.12 8.64
N THR B 134 33.76 27.15 7.73
CA THR B 134 34.91 26.58 7.04
C THR B 134 35.19 27.27 5.71
N GLY B 135 34.15 27.69 5.00
CA GLY B 135 34.34 28.35 3.72
C GLY B 135 33.01 28.74 3.11
N SER B 136 33.09 29.24 1.88
CA SER B 136 31.92 29.73 1.16
C SER B 136 31.94 29.21 -0.26
N VAL B 137 30.75 28.92 -0.80
CA VAL B 137 30.59 28.37 -2.15
C VAL B 137 29.48 29.13 -2.86
N PRO B 138 29.60 29.43 -4.16
CA PRO B 138 28.48 30.03 -4.88
C PRO B 138 27.26 29.13 -4.85
N ALA B 139 26.10 29.73 -4.57
CA ALA B 139 24.89 28.95 -4.35
C ALA B 139 24.48 28.17 -5.60
N ASP B 140 24.31 28.86 -6.72
CA ASP B 140 23.86 28.20 -7.95
C ASP B 140 24.76 27.02 -8.30
N LEU B 141 26.08 27.27 -8.34
CA LEU B 141 27.03 26.21 -8.66
C LEU B 141 26.93 25.06 -7.66
N PHE B 142 26.83 25.37 -6.36
CA PHE B 142 26.78 24.33 -5.35
C PHE B 142 25.56 23.46 -5.52
N ALA B 143 24.39 24.07 -5.67
CA ALA B 143 23.16 23.31 -5.87
C ALA B 143 23.26 22.42 -7.10
N GLU B 144 23.79 22.97 -8.20
CA GLU B 144 23.97 22.16 -9.41
C GLU B 144 24.84 20.94 -9.11
N ALA B 145 25.99 21.16 -8.48
CA ALA B 145 26.90 20.05 -8.19
C ALA B 145 26.20 18.97 -7.37
N ILE B 146 25.51 19.38 -6.31
CA ILE B 146 24.78 18.41 -5.48
C ILE B 146 23.81 17.61 -6.34
N GLY B 147 23.06 18.31 -7.19
CA GLY B 147 22.12 17.60 -8.05
C GLY B 147 22.81 16.61 -8.98
N GLN B 148 23.95 17.00 -9.54
CA GLN B 148 24.65 16.13 -10.47
C GLN B 148 25.16 14.86 -9.79
N VAL B 149 25.51 14.96 -8.51
CA VAL B 149 26.06 13.81 -7.80
C VAL B 149 24.97 12.98 -7.14
N ALA B 150 23.96 13.64 -6.55
CA ALA B 150 22.93 12.92 -5.81
C ALA B 150 22.22 11.88 -6.66
N VAL B 151 22.15 12.10 -7.98
CA VAL B 151 21.47 11.17 -8.86
C VAL B 151 22.06 9.76 -8.77
N ALA B 152 23.32 9.65 -8.35
CA ALA B 152 23.99 8.36 -8.24
C ALA B 152 23.99 7.81 -6.82
N ALA B 153 23.44 8.54 -5.87
CA ALA B 153 23.46 8.08 -4.48
C ALA B 153 22.51 6.89 -4.30
N GLY B 154 22.95 5.92 -3.51
CA GLY B 154 22.08 4.83 -3.15
C GLY B 154 20.95 5.27 -2.25
N ARG B 155 19.89 4.48 -2.24
CA ARG B 155 18.69 4.78 -1.48
C ARG B 155 18.60 3.88 -0.25
N ASP B 156 17.75 4.28 0.69
CA ASP B 156 17.70 3.69 2.02
C ASP B 156 17.87 2.17 2.03
N ASP B 157 17.42 1.50 0.97
CA ASP B 157 17.45 0.04 0.95
C ASP B 157 18.88 -0.49 1.04
N THR B 158 19.83 0.19 0.40
CA THR B 158 21.18 -0.33 0.31
C THR B 158 21.98 0.01 1.58
N LEU B 159 23.25 -0.38 1.59
CA LEU B 159 24.10 -0.16 2.75
C LEU B 159 24.18 1.33 3.08
N PRO B 160 24.37 1.68 4.35
CA PRO B 160 24.37 3.11 4.72
C PRO B 160 25.49 3.91 4.08
N MET B 161 26.65 3.31 3.85
CA MET B 161 27.75 4.05 3.25
C MET B 161 27.40 4.59 1.87
N LEU B 162 26.44 3.97 1.18
CA LEU B 162 26.06 4.38 -0.16
C LEU B 162 24.93 5.40 -0.18
N THR B 163 24.38 5.75 0.98
CA THR B 163 23.27 6.70 1.06
C THR B 163 23.75 8.14 1.18
N GLY B 164 25.06 8.37 1.25
CA GLY B 164 25.58 9.71 1.44
C GLY B 164 26.33 10.28 0.26
N ILE B 165 26.52 11.58 0.26
CA ILE B 165 27.38 12.27 -0.68
C ILE B 165 28.69 12.60 0.02
N ARG B 166 29.81 12.17 -0.56
CA ARG B 166 31.11 12.48 0.00
C ARG B 166 31.49 13.91 -0.35
N VAL B 167 31.75 14.71 0.67
CA VAL B 167 32.22 16.08 0.51
C VAL B 167 33.69 16.10 0.89
N GLU B 168 34.55 16.33 -0.10
CA GLU B 168 35.99 16.28 0.06
C GLU B 168 36.56 17.66 -0.23
N ILE B 169 37.18 18.29 0.77
CA ILE B 169 37.72 19.63 0.64
C ILE B 169 39.24 19.57 0.74
N SER B 170 39.91 20.28 -0.17
CA SER B 170 41.38 20.36 -0.18
C SER B 170 41.73 21.76 -0.69
N GLY B 171 41.91 22.70 0.24
CA GLY B 171 42.20 24.06 -0.15
C GLY B 171 40.98 24.71 -0.78
N ASP B 172 41.20 25.41 -1.89
CA ASP B 172 40.14 26.11 -2.61
C ASP B 172 39.36 25.18 -3.54
N ARG B 173 39.58 23.88 -3.48
CA ARG B 173 38.96 22.92 -4.38
C ARG B 173 38.25 21.86 -3.57
N MET B 174 37.00 21.55 -3.93
CA MET B 174 36.25 20.49 -3.28
C MET B 174 35.66 19.54 -4.31
N VAL B 175 35.49 18.29 -3.89
CA VAL B 175 35.01 17.22 -4.75
C VAL B 175 33.80 16.58 -4.08
N LEU B 176 32.70 16.47 -4.82
CA LEU B 176 31.51 15.77 -4.39
C LEU B 176 31.44 14.43 -5.11
N ALA B 177 31.17 13.37 -4.38
CA ALA B 177 31.08 12.04 -4.97
C ALA B 177 29.88 11.29 -4.40
N ALA B 178 29.36 10.35 -5.18
CA ALA B 178 28.28 9.49 -4.71
C ALA B 178 28.19 8.28 -5.62
N THR B 179 27.78 7.15 -5.04
CA THR B 179 27.67 5.91 -5.78
C THR B 179 26.62 5.02 -5.14
N ASP B 180 26.09 4.09 -5.94
CA ASP B 180 25.15 3.08 -5.48
C ASP B 180 25.60 1.67 -5.85
N ARG B 181 26.88 1.50 -6.17
CA ARG B 181 27.53 0.27 -6.60
C ARG B 181 27.36 0.04 -8.10
N PHE B 182 26.52 0.80 -8.79
CA PHE B 182 26.33 0.63 -10.22
C PHE B 182 26.62 1.90 -11.02
N ARG B 183 26.65 3.05 -10.38
CA ARG B 183 27.00 4.30 -11.03
C ARG B 183 27.75 5.15 -10.02
N LEU B 184 28.74 5.89 -10.50
CA LEU B 184 29.58 6.75 -9.67
C LEU B 184 29.59 8.15 -10.28
N ALA B 185 29.07 9.12 -9.54
CA ALA B 185 29.04 10.50 -9.98
C ALA B 185 30.06 11.30 -9.17
N VAL B 186 30.95 12.00 -9.86
CA VAL B 186 31.99 12.81 -9.23
C VAL B 186 31.96 14.19 -9.86
N ARG B 187 31.86 15.23 -9.02
CA ARG B 187 31.84 16.62 -9.47
C ARG B 187 32.89 17.39 -8.70
N GLU B 188 33.86 17.96 -9.41
CA GLU B 188 34.88 18.81 -8.83
C GLU B 188 34.55 20.27 -9.08
N LEU B 189 34.76 21.10 -8.06
CA LEU B 189 34.50 22.53 -8.19
C LEU B 189 35.44 23.29 -7.28
N THR B 190 35.34 24.61 -7.34
CA THR B 190 36.20 25.51 -6.60
C THR B 190 35.35 26.37 -5.67
N TRP B 191 35.87 26.61 -4.47
CA TRP B 191 35.20 27.44 -3.48
C TRP B 191 36.25 28.33 -2.81
N THR B 192 35.82 29.05 -1.78
CA THR B 192 36.70 29.97 -1.04
C THR B 192 36.74 29.52 0.42
N THR B 193 37.81 28.83 0.78
CA THR B 193 37.98 28.36 2.15
C THR B 193 38.41 29.53 3.04
N LYS B 194 37.79 29.64 4.21
CA LYS B 194 38.18 30.65 5.18
C LYS B 194 39.43 30.22 5.94
N THR B 195 39.36 29.09 6.63
CA THR B 195 40.55 28.52 7.25
C THR B 195 41.44 27.94 6.15
N PRO B 196 42.73 28.30 6.12
CA PRO B 196 43.54 27.99 4.94
C PRO B 196 44.13 26.59 4.96
N ASP B 197 44.33 26.05 3.75
CA ASP B 197 44.99 24.77 3.55
C ASP B 197 44.28 23.65 4.33
N VAL B 198 42.95 23.64 4.26
CA VAL B 198 42.18 22.59 4.91
C VAL B 198 42.16 21.36 4.00
N GLU B 199 42.22 20.18 4.61
CA GLU B 199 42.17 18.91 3.88
C GLU B 199 41.31 17.95 4.70
N ALA B 200 40.03 17.87 4.38
CA ALA B 200 39.09 17.05 5.13
C ALA B 200 38.12 16.38 4.19
N ALA B 201 37.36 15.42 4.72
CA ALA B 201 36.38 14.68 3.96
C ALA B 201 35.27 14.22 4.90
N VAL B 202 34.03 14.58 4.59
CA VAL B 202 32.87 14.17 5.37
C VAL B 202 31.92 13.42 4.45
N LEU B 203 30.93 12.78 5.06
CA LEU B 203 29.91 12.03 4.35
C LEU B 203 28.55 12.55 4.81
N VAL B 204 27.84 13.22 3.91
CA VAL B 204 26.58 13.88 4.25
C VAL B 204 25.42 13.04 3.71
N PRO B 205 24.31 12.89 4.43
CA PRO B 205 23.17 12.16 3.87
C PRO B 205 22.71 12.78 2.55
N ALA B 206 22.65 11.93 1.52
CA ALA B 206 22.34 12.42 0.18
C ALA B 206 20.95 13.04 0.12
N LYS B 207 19.95 12.35 0.67
CA LYS B 207 18.59 12.87 0.66
C LYS B 207 18.53 14.27 1.25
N THR B 208 19.15 14.44 2.41
CA THR B 208 19.08 15.74 3.09
C THR B 208 19.79 16.82 2.29
N LEU B 209 21.00 16.53 1.80
CA LEU B 209 21.74 17.54 1.06
C LEU B 209 21.04 17.92 -0.23
N ALA B 210 20.53 16.92 -0.96
CA ALA B 210 19.81 17.20 -2.21
C ALA B 210 18.58 18.06 -1.94
N GLU B 211 17.82 17.72 -0.89
CA GLU B 211 16.65 18.52 -0.55
C GLU B 211 17.05 19.95 -0.21
N ALA B 212 18.16 20.11 0.52
CA ALA B 212 18.64 21.45 0.82
C ALA B 212 18.93 22.22 -0.45
N ALA B 213 19.51 21.56 -1.45
CA ALA B 213 19.82 22.25 -2.71
C ALA B 213 18.54 22.64 -3.45
N LYS B 214 17.53 21.78 -3.41
CA LYS B 214 16.30 22.07 -4.15
C LYS B 214 15.50 23.19 -3.50
N THR B 215 15.50 23.26 -2.17
CA THR B 215 14.65 24.22 -1.45
C THR B 215 15.41 25.51 -1.13
N GLY B 216 16.36 25.44 -0.21
CA GLY B 216 17.07 26.62 0.23
C GLY B 216 18.25 26.99 -0.65
N LEU B 217 19.37 27.34 -0.02
CA LEU B 217 20.57 27.79 -0.72
C LEU B 217 20.26 29.01 -1.60
N ASP B 218 19.61 30.00 -0.99
CA ASP B 218 19.29 31.23 -1.67
C ASP B 218 20.44 32.23 -1.53
N GLY B 219 20.42 33.23 -2.40
CA GLY B 219 21.48 34.22 -2.43
C GLY B 219 22.62 33.82 -3.34
N SER B 220 23.67 34.64 -3.29
CA SER B 220 24.83 34.41 -4.15
C SER B 220 25.77 33.37 -3.56
N GLU B 221 26.12 33.51 -2.29
CA GLU B 221 27.07 32.64 -1.62
C GLU B 221 26.36 31.79 -0.56
N VAL B 222 27.00 30.68 -0.22
CA VAL B 222 26.53 29.77 0.82
C VAL B 222 27.72 29.44 1.71
N GLN B 223 27.59 29.73 3.00
CA GLN B 223 28.64 29.42 3.96
C GLN B 223 28.47 27.97 4.44
N LEU B 224 29.55 27.20 4.38
CA LEU B 224 29.58 25.84 4.88
C LEU B 224 30.34 25.82 6.20
N ALA B 225 29.72 25.23 7.22
CA ALA B 225 30.26 25.20 8.58
C ALA B 225 30.58 23.76 8.95
N LEU B 226 31.86 23.40 8.85
CA LEU B 226 32.34 22.07 9.24
C LEU B 226 33.40 22.10 10.31
N GLY B 227 33.87 23.28 10.73
CA GLY B 227 34.92 23.41 11.70
C GLY B 227 36.07 24.25 11.17
N ALA B 228 37.11 24.34 11.98
CA ALA B 228 38.29 25.12 11.65
C ALA B 228 39.54 24.36 12.08
N GLY B 229 40.58 24.43 11.25
CA GLY B 229 41.85 23.80 11.56
C GLY B 229 41.81 22.31 11.32
N PRO B 230 42.44 21.52 12.20
CA PRO B 230 42.43 20.06 12.02
C PRO B 230 41.15 19.38 12.46
N SER B 231 40.29 20.07 13.22
CA SER B 231 39.03 19.50 13.69
C SER B 231 37.91 19.64 12.67
N VAL B 232 38.24 19.81 11.39
CA VAL B 232 37.20 19.91 10.35
C VAL B 232 36.55 18.56 10.17
N GLY B 233 35.24 18.50 10.40
CA GLY B 233 34.50 17.26 10.33
C GLY B 233 34.37 16.51 11.63
N GLN B 234 35.24 16.81 12.61
CA GLN B 234 35.16 16.14 13.90
C GLN B 234 33.93 16.55 14.69
N ASP B 235 33.28 17.66 14.33
CA ASP B 235 32.09 18.10 15.05
C ASP B 235 30.92 17.15 14.84
N GLY B 236 30.91 16.41 13.74
CA GLY B 236 29.85 15.45 13.48
C GLY B 236 28.63 16.00 12.79
N LEU B 237 28.64 17.26 12.36
CA LEU B 237 27.49 17.83 11.67
C LEU B 237 27.97 18.85 10.66
N LEU B 238 27.16 19.06 9.63
CA LEU B 238 27.40 20.05 8.60
C LEU B 238 26.40 21.18 8.77
N GLY B 239 26.91 22.40 8.93
CA GLY B 239 26.09 23.59 8.96
C GLY B 239 26.09 24.27 7.61
N ILE B 240 24.92 24.79 7.23
CA ILE B 240 24.77 25.54 5.98
C ILE B 240 24.07 26.85 6.30
N ARG B 241 24.66 27.96 5.88
CA ARG B 241 24.15 29.30 6.17
C ARG B 241 24.07 30.07 4.87
N SER B 242 22.87 30.60 4.57
CA SER B 242 22.65 31.38 3.36
C SER B 242 21.56 32.38 3.64
N GLU B 243 21.88 33.67 3.50
CA GLU B 243 20.92 34.74 3.81
C GLU B 243 20.54 34.60 5.28
N GLY B 244 19.27 34.82 5.65
CA GLY B 244 18.84 34.60 7.01
C GLY B 244 18.57 33.17 7.38
N LYS B 245 18.75 32.24 6.44
CA LYS B 245 18.49 30.84 6.68
C LYS B 245 19.74 30.13 7.16
N ARG B 246 19.57 29.22 8.12
CA ARG B 246 20.65 28.36 8.59
C ARG B 246 20.08 27.00 8.90
N SER B 247 20.89 25.97 8.65
CA SER B 247 20.46 24.59 8.86
C SER B 247 21.66 23.77 9.29
N THR B 248 21.37 22.60 9.87
CA THR B 248 22.40 21.64 10.25
C THR B 248 21.96 20.24 9.82
N THR B 249 22.94 19.39 9.59
CA THR B 249 22.70 18.01 9.19
C THR B 249 23.70 17.10 9.90
N ARG B 250 23.18 16.05 10.53
CA ARG B 250 24.05 15.04 11.12
C ARG B 250 24.78 14.29 10.01
N LEU B 251 26.09 14.13 10.17
CA LEU B 251 26.89 13.42 9.18
C LEU B 251 26.72 11.91 9.37
N LEU B 252 27.19 11.17 8.37
CA LEU B 252 27.21 9.71 8.42
C LEU B 252 28.56 9.23 8.89
N ASP B 253 28.56 8.29 9.84
CA ASP B 253 29.82 7.76 10.36
C ASP B 253 30.48 6.81 9.37
N ALA B 254 29.70 6.18 8.49
CA ALA B 254 30.25 5.23 7.55
C ALA B 254 31.35 5.86 6.71
N GLU B 255 32.22 5.01 6.17
CA GLU B 255 33.33 5.46 5.35
C GLU B 255 32.99 5.22 3.87
N PHE B 256 33.19 6.26 3.06
CA PHE B 256 32.86 6.16 1.65
C PHE B 256 33.84 5.23 0.94
N PRO B 257 33.40 4.52 -0.09
CA PRO B 257 34.33 3.63 -0.81
C PRO B 257 35.45 4.42 -1.49
N LYS B 258 36.54 3.72 -1.76
CA LYS B 258 37.65 4.30 -2.52
C LYS B 258 37.25 4.28 -4.00
N PHE B 259 36.76 5.42 -4.49
CA PHE B 259 36.13 5.47 -5.80
C PHE B 259 37.09 5.83 -6.92
N ARG B 260 38.20 6.50 -6.61
CA ARG B 260 39.10 6.93 -7.68
C ARG B 260 39.72 5.75 -8.40
N GLN B 261 39.84 4.60 -7.73
CA GLN B 261 40.38 3.41 -8.38
C GLN B 261 39.43 2.82 -9.40
N LEU B 262 38.17 3.26 -9.42
CA LEU B 262 37.20 2.80 -10.41
C LEU B 262 37.25 3.58 -11.70
N LEU B 263 37.81 4.78 -11.70
CA LEU B 263 37.83 5.62 -12.89
C LEU B 263 38.88 5.10 -13.87
N PRO B 264 38.50 4.70 -15.08
CA PRO B 264 39.50 4.24 -16.04
C PRO B 264 40.50 5.33 -16.39
N THR B 265 41.73 4.90 -16.67
CA THR B 265 42.77 5.83 -17.08
C THR B 265 42.85 5.99 -18.59
N GLU B 266 42.42 4.99 -19.34
CA GLU B 266 42.41 5.06 -20.80
C GLU B 266 41.21 4.30 -21.32
N HIS B 267 40.83 4.60 -22.56
CA HIS B 267 39.66 4.02 -23.19
C HIS B 267 40.06 3.35 -24.51
N THR B 268 39.45 2.22 -24.81
CA THR B 268 39.64 1.57 -26.10
C THR B 268 38.71 2.11 -27.18
N ALA B 269 37.57 2.68 -26.79
CA ALA B 269 36.64 3.26 -27.75
C ALA B 269 36.06 4.55 -27.16
N MET B 270 35.74 5.48 -28.05
CA MET B 270 35.21 6.78 -27.66
C MET B 270 34.08 7.16 -28.60
N ALA B 271 33.04 7.78 -28.04
CA ALA B 271 31.86 8.15 -28.84
C ALA B 271 31.33 9.48 -28.34
N THR B 272 31.19 10.45 -29.25
CA THR B 272 30.64 11.76 -28.93
C THR B 272 29.34 11.95 -29.69
N ILE B 273 28.28 12.33 -28.96
CA ILE B 273 26.94 12.43 -29.53
C ILE B 273 26.15 13.47 -28.75
N GLY B 274 25.08 13.97 -29.38
CA GLY B 274 24.26 14.98 -28.75
C GLY B 274 23.42 14.40 -27.62
N VAL B 275 23.39 15.12 -26.49
CA VAL B 275 22.70 14.60 -25.30
C VAL B 275 21.20 14.46 -25.57
N GLY B 276 20.56 15.53 -26.03
CA GLY B 276 19.13 15.49 -26.24
C GLY B 276 18.72 14.42 -27.23
N GLU B 277 19.41 14.39 -28.38
CA GLU B 277 19.11 13.37 -29.39
C GLU B 277 19.22 11.97 -28.81
N LEU B 278 20.34 11.67 -28.15
CA LEU B 278 20.52 10.34 -27.57
C LEU B 278 19.47 10.04 -26.52
N THR B 279 19.13 11.03 -25.68
CA THR B 279 18.15 10.80 -24.62
C THR B 279 16.80 10.44 -25.21
N GLU B 280 16.32 11.20 -26.19
CA GLU B 280 15.05 10.89 -26.83
C GLU B 280 15.07 9.47 -27.37
N ALA B 281 16.09 9.12 -28.15
CA ALA B 281 16.18 7.78 -28.72
C ALA B 281 16.12 6.72 -27.63
N ILE B 282 16.90 6.91 -26.55
CA ILE B 282 16.89 5.93 -25.47
C ILE B 282 15.49 5.81 -24.87
N LYS B 283 14.82 6.94 -24.67
CA LYS B 283 13.47 6.88 -24.09
C LYS B 283 12.49 6.20 -25.02
N ARG B 284 12.66 6.35 -26.33
CA ARG B 284 11.80 5.63 -27.27
C ARG B 284 12.07 4.14 -27.24
N VAL B 285 13.34 3.75 -27.39
CA VAL B 285 13.69 2.33 -27.46
C VAL B 285 13.36 1.61 -26.15
N ALA B 286 13.54 2.30 -25.03
CA ALA B 286 13.38 1.66 -23.72
C ALA B 286 11.94 1.25 -23.43
N LEU B 287 10.97 1.74 -24.21
CA LEU B 287 9.58 1.42 -23.93
C LEU B 287 9.30 -0.08 -24.03
N VAL B 288 10.05 -0.79 -24.88
CA VAL B 288 9.85 -2.23 -25.04
C VAL B 288 10.75 -3.06 -24.14
N ALA B 289 11.74 -2.44 -23.49
CA ALA B 289 12.62 -3.18 -22.59
C ALA B 289 11.80 -3.75 -21.43
N ASP B 290 11.76 -5.08 -21.33
CA ASP B 290 11.00 -5.72 -20.27
C ASP B 290 11.59 -5.37 -18.91
N ARG B 291 10.77 -4.76 -18.06
CA ARG B 291 11.18 -4.32 -16.73
C ARG B 291 12.17 -3.18 -16.77
N GLY B 292 12.26 -2.47 -17.90
CA GLY B 292 13.34 -1.52 -18.08
C GLY B 292 14.70 -2.16 -17.91
N ALA B 293 14.84 -3.40 -18.38
CA ALA B 293 16.03 -4.19 -18.08
C ALA B 293 17.28 -3.54 -18.64
N GLN B 294 17.35 -3.41 -19.97
CA GLN B 294 18.60 -3.00 -20.60
C GLN B 294 18.34 -2.47 -21.99
N VAL B 295 19.23 -1.59 -22.44
CA VAL B 295 19.28 -1.11 -23.81
C VAL B 295 20.63 -1.51 -24.40
N ARG B 296 20.61 -1.92 -25.67
CA ARG B 296 21.78 -2.42 -26.37
C ARG B 296 22.32 -1.33 -27.28
N MET B 297 23.59 -0.99 -27.08
CA MET B 297 24.27 0.05 -27.86
C MET B 297 25.36 -0.60 -28.71
N GLU B 298 25.22 -0.50 -30.03
CA GLU B 298 26.17 -1.09 -30.96
C GLU B 298 26.82 0.04 -31.76
N PHE B 299 28.11 0.27 -31.49
CA PHE B 299 28.89 1.31 -32.15
C PHE B 299 29.72 0.68 -33.26
N ALA B 300 29.62 1.26 -34.46
CA ALA B 300 30.41 0.79 -35.59
C ALA B 300 30.56 1.91 -36.60
N ASP B 301 31.77 2.03 -37.15
CA ASP B 301 32.08 3.10 -38.11
C ASP B 301 31.79 4.45 -37.49
N ASP B 302 30.62 5.04 -37.79
CA ASP B 302 30.17 6.27 -37.18
C ASP B 302 28.67 6.23 -36.97
N VAL B 303 28.14 5.05 -36.62
CA VAL B 303 26.71 4.85 -36.39
C VAL B 303 26.53 4.16 -35.05
N LEU B 304 25.54 4.64 -34.29
CA LEU B 304 25.10 4.03 -33.04
C LEU B 304 23.77 3.34 -33.29
N HIS B 305 23.74 2.02 -33.15
CA HIS B 305 22.53 1.22 -33.33
CA HIS B 305 22.53 1.22 -33.33
C HIS B 305 22.00 0.88 -31.95
N LEU B 306 20.92 1.56 -31.55
CA LEU B 306 20.24 1.28 -30.30
C LEU B 306 19.17 0.23 -30.53
N SER B 307 18.98 -0.65 -29.55
CA SER B 307 17.95 -1.66 -29.64
C SER B 307 17.58 -2.11 -28.24
N ALA B 308 16.39 -2.70 -28.12
CA ALA B 308 15.94 -3.23 -26.84
C ALA B 308 14.70 -4.08 -27.10
N GLY B 309 14.30 -4.81 -26.06
CA GLY B 309 13.09 -5.60 -26.10
C GLY B 309 13.34 -7.05 -26.49
N ALA B 310 12.27 -7.84 -26.41
CA ALA B 310 12.28 -9.25 -26.75
C ALA B 310 11.14 -9.54 -27.71
N ASP B 311 11.02 -10.81 -28.11
CA ASP B 311 9.93 -11.21 -29.00
C ASP B 311 8.60 -11.29 -28.26
N ASP B 312 8.62 -11.53 -26.94
CA ASP B 312 7.37 -11.68 -26.20
C ASP B 312 6.73 -10.32 -25.91
N VAL B 313 7.52 -9.33 -25.52
CA VAL B 313 7.00 -8.00 -25.26
C VAL B 313 6.93 -7.16 -26.54
N GLY B 314 7.96 -7.25 -27.37
CA GLY B 314 8.12 -6.40 -28.53
C GLY B 314 9.53 -5.87 -28.51
N ARG B 315 10.05 -5.55 -29.69
CA ARG B 315 11.42 -5.07 -29.83
C ARG B 315 11.42 -3.73 -30.55
N ALA B 316 12.50 -2.97 -30.34
CA ALA B 316 12.62 -1.64 -30.91
C ALA B 316 14.08 -1.37 -31.22
N GLU B 317 14.31 -0.50 -32.21
CA GLU B 317 15.67 -0.12 -32.57
C GLU B 317 15.64 1.25 -33.24
N GLU B 318 16.81 1.88 -33.26
CA GLU B 318 16.95 3.22 -33.81
C GLU B 318 18.44 3.49 -34.04
N ASP B 319 18.74 4.11 -35.18
CA ASP B 319 20.11 4.41 -35.57
C ASP B 319 20.38 5.91 -35.44
N LEU B 320 21.54 6.24 -34.87
CA LEU B 320 21.92 7.63 -34.64
C LEU B 320 23.33 7.89 -35.17
N PRO B 321 23.56 9.01 -35.84
CA PRO B 321 24.95 9.36 -36.19
C PRO B 321 25.73 9.73 -34.95
N VAL B 322 26.99 9.31 -34.92
CA VAL B 322 27.84 9.49 -33.74
C VAL B 322 29.28 9.61 -34.19
N SER B 323 30.06 10.40 -33.44
CA SER B 323 31.50 10.53 -33.68
C SER B 323 32.18 9.42 -32.88
N PHE B 324 32.45 8.31 -33.54
CA PHE B 324 33.02 7.14 -32.91
C PHE B 324 34.46 6.95 -33.35
N SER B 325 35.31 6.54 -32.40
CA SER B 325 36.72 6.28 -32.67
C SER B 325 37.16 5.12 -31.80
N GLY B 326 37.94 4.22 -32.39
CA GLY B 326 38.44 3.06 -31.70
C GLY B 326 37.80 1.77 -32.20
N GLU B 327 37.91 0.74 -31.38
CA GLU B 327 37.43 -0.58 -31.77
C GLU B 327 35.90 -0.60 -31.73
N PRO B 328 35.22 -1.11 -32.76
CA PRO B 328 33.77 -1.28 -32.68
C PRO B 328 33.39 -2.00 -31.40
N LEU B 329 32.17 -1.76 -30.93
CA LEU B 329 31.80 -2.22 -29.60
C LEU B 329 30.30 -2.39 -29.49
N THR B 330 29.87 -3.40 -28.73
CA THR B 330 28.47 -3.61 -28.40
C THR B 330 28.37 -3.74 -26.88
N ILE B 331 27.65 -2.81 -26.25
CA ILE B 331 27.60 -2.72 -24.80
C ILE B 331 26.18 -2.35 -24.40
N ALA B 332 25.73 -2.89 -23.27
CA ALA B 332 24.37 -2.70 -22.79
C ALA B 332 24.37 -1.95 -21.47
N PHE B 333 23.34 -1.13 -21.26
CA PHE B 333 23.21 -0.35 -20.03
C PHE B 333 21.76 -0.36 -19.58
N ASN B 334 21.55 0.06 -18.34
CA ASN B 334 20.20 0.26 -17.84
C ASN B 334 19.66 1.59 -18.38
N PRO B 335 18.48 1.59 -19.03
CA PRO B 335 18.00 2.84 -19.65
C PRO B 335 17.90 3.99 -18.66
N GLY B 336 17.30 3.74 -17.50
CA GLY B 336 17.14 4.82 -16.52
C GLY B 336 18.47 5.37 -16.04
N TYR B 337 19.42 4.48 -15.72
CA TYR B 337 20.75 4.93 -15.33
C TYR B 337 21.37 5.79 -16.41
N LEU B 338 21.23 5.37 -17.67
CA LEU B 338 21.81 6.12 -18.77
C LEU B 338 21.22 7.52 -18.84
N THR B 339 19.88 7.62 -18.85
CA THR B 339 19.26 8.94 -18.92
C THR B 339 19.52 9.76 -17.66
N ASP B 340 19.79 9.10 -16.53
CA ASP B 340 20.17 9.84 -15.32
C ASP B 340 21.50 10.56 -15.53
N GLY B 341 22.53 9.82 -15.95
CA GLY B 341 23.81 10.47 -16.21
C GLY B 341 23.70 11.52 -17.28
N LEU B 342 23.10 11.17 -18.43
CA LEU B 342 22.91 12.13 -19.50
C LEU B 342 22.23 13.40 -18.99
N GLY B 343 21.23 13.25 -18.12
CA GLY B 343 20.56 14.40 -17.57
C GLY B 343 21.41 15.20 -16.60
N ALA B 344 22.47 14.60 -16.06
CA ALA B 344 23.34 15.31 -15.14
C ALA B 344 24.48 16.06 -15.83
N LEU B 345 24.81 15.68 -17.07
CA LEU B 345 25.94 16.31 -17.75
C LEU B 345 25.76 17.82 -17.87
N HIS B 346 24.56 18.27 -18.24
CA HIS B 346 24.29 19.70 -18.43
C HIS B 346 25.13 20.29 -19.56
N SER B 347 25.47 19.48 -20.56
CA SER B 347 26.21 19.94 -21.71
C SER B 347 25.46 19.55 -22.98
N GLU B 348 25.82 20.21 -24.08
CA GLU B 348 25.16 19.93 -25.35
C GLU B 348 25.49 18.53 -25.85
N ARG B 349 26.74 18.10 -25.69
CA ARG B 349 27.20 16.82 -26.21
C ARG B 349 27.83 16.00 -25.09
N VAL B 350 27.62 14.69 -25.16
CA VAL B 350 28.22 13.74 -24.23
C VAL B 350 29.32 12.98 -24.96
N THR B 351 30.37 12.63 -24.23
CA THR B 351 31.42 11.75 -24.73
C THR B 351 31.47 10.52 -23.85
N PHE B 352 31.39 9.34 -24.48
CA PHE B 352 31.51 8.05 -23.83
C PHE B 352 32.94 7.55 -23.95
N GLY B 353 33.47 7.03 -22.84
CA GLY B 353 34.74 6.35 -22.84
C GLY B 353 34.57 4.89 -22.48
N PHE B 354 34.78 4.01 -23.47
CA PHE B 354 34.61 2.58 -23.31
C PHE B 354 35.95 1.86 -23.27
N THR B 355 35.95 0.70 -22.60
CA THR B 355 37.02 -0.28 -22.69
C THR B 355 36.50 -1.65 -23.13
N THR B 356 35.55 -2.21 -22.39
CA THR B 356 35.05 -3.56 -22.60
C THR B 356 33.56 -3.55 -22.26
N PRO B 357 32.75 -4.38 -22.92
CA PRO B 357 31.32 -4.46 -22.55
C PRO B 357 31.08 -5.05 -21.17
N SER B 358 32.12 -5.37 -20.40
CA SER B 358 31.99 -5.83 -19.04
C SER B 358 32.59 -4.87 -18.02
N LYS B 359 33.18 -3.76 -18.47
CA LYS B 359 33.78 -2.75 -17.63
C LYS B 359 32.97 -1.46 -17.68
N PRO B 360 33.08 -0.61 -16.66
CA PRO B 360 32.26 0.61 -16.64
C PRO B 360 32.59 1.53 -17.80
N ALA B 361 31.59 2.34 -18.18
CA ALA B 361 31.73 3.35 -19.21
C ALA B 361 31.73 4.73 -18.57
N VAL B 362 32.56 5.61 -19.11
CA VAL B 362 32.65 6.99 -18.61
C VAL B 362 31.75 7.88 -19.45
N LEU B 363 30.83 8.57 -18.80
CA LEU B 363 30.00 9.58 -19.42
C LEU B 363 30.43 10.95 -18.91
N ARG B 364 30.88 11.81 -19.81
CA ARG B 364 31.34 13.14 -19.42
C ARG B 364 30.93 14.15 -20.48
N PRO B 365 30.92 15.43 -20.13
CA PRO B 365 30.69 16.47 -21.15
C PRO B 365 31.78 16.41 -22.21
N ALA B 366 31.38 16.65 -23.46
CA ALA B 366 32.34 16.63 -24.55
C ALA B 366 33.31 17.80 -24.42
N THR B 367 34.53 17.57 -24.89
CA THR B 367 35.58 18.59 -24.93
C THR B 367 36.00 18.81 -26.37
N GLU B 368 36.58 19.99 -26.63
CA GLU B 368 37.07 20.28 -27.98
C GLU B 368 38.06 19.24 -28.43
N ALA B 369 38.90 18.75 -27.51
CA ALA B 369 39.83 17.68 -27.84
C ALA B 369 39.12 16.51 -28.52
N ASP B 370 37.92 16.17 -28.03
CA ASP B 370 37.20 15.03 -28.58
C ASP B 370 36.96 15.16 -30.08
N ALA B 371 37.09 16.36 -30.64
CA ALA B 371 36.93 16.52 -32.09
C ALA B 371 38.15 16.01 -32.84
N ALA B 372 39.35 16.22 -32.31
CA ALA B 372 40.58 15.75 -32.93
C ALA B 372 40.94 14.35 -32.47
N LEU B 373 39.94 13.50 -32.25
CA LEU B 373 40.12 12.17 -31.66
C LEU B 373 40.02 11.07 -32.70
N ASN B 374 40.63 11.27 -33.87
CA ASN B 374 40.57 10.31 -34.96
C ASN B 374 41.86 9.48 -34.94
N GLY B 375 41.79 8.32 -34.30
CA GLY B 375 42.92 7.42 -34.22
C GLY B 375 42.48 5.99 -34.02
N ASN B 376 43.41 5.11 -33.64
CA ASN B 376 43.10 3.72 -33.37
C ASN B 376 42.96 3.43 -31.88
N GLY B 377 43.58 4.23 -31.02
CA GLY B 377 43.50 4.02 -29.59
C GLY B 377 44.67 3.21 -29.07
N PRO B 378 44.75 3.02 -27.75
CA PRO B 378 43.83 3.58 -26.73
C PRO B 378 43.90 5.10 -26.63
N PHE B 379 42.98 5.69 -25.88
CA PHE B 379 42.87 7.13 -25.73
C PHE B 379 42.94 7.51 -24.26
N PRO B 380 43.74 8.50 -23.87
CA PRO B 380 43.81 8.87 -22.46
C PRO B 380 42.46 9.40 -21.96
N ALA B 381 42.22 9.20 -20.67
CA ALA B 381 41.01 9.73 -20.04
C ALA B 381 41.13 11.24 -19.89
N ALA B 382 40.12 11.97 -20.37
CA ALA B 382 40.15 13.42 -20.32
C ALA B 382 39.85 13.92 -18.93
N GLU B 383 40.63 14.91 -18.48
CA GLU B 383 40.36 15.56 -17.20
C GLU B 383 39.10 16.39 -17.33
N THR B 384 38.07 16.03 -16.56
CA THR B 384 36.77 16.68 -16.63
C THR B 384 36.30 17.04 -15.23
N ASP B 385 35.56 18.14 -15.13
CA ASP B 385 35.03 18.59 -13.85
C ASP B 385 33.85 17.76 -13.37
N TYR B 386 33.22 16.98 -14.26
CA TYR B 386 32.16 16.07 -13.87
C TYR B 386 32.31 14.77 -14.64
N VAL B 387 32.08 13.66 -13.95
CA VAL B 387 32.16 12.34 -14.58
C VAL B 387 31.05 11.46 -13.98
N TYR B 388 30.43 10.67 -14.86
CA TYR B 388 29.34 9.77 -14.48
C TYR B 388 29.73 8.38 -14.98
N LEU B 389 30.36 7.61 -14.11
CA LEU B 389 30.78 6.25 -14.45
C LEU B 389 29.61 5.29 -14.29
N LEU B 390 29.35 4.49 -15.32
CA LEU B 390 28.18 3.61 -15.33
C LEU B 390 28.61 2.19 -15.62
N MET B 391 28.17 1.25 -14.77
CA MET B 391 28.54 -0.14 -14.98
C MET B 391 27.56 -0.82 -15.95
N PRO B 392 28.01 -1.63 -16.89
CA PRO B 392 27.12 -2.15 -17.93
C PRO B 392 26.31 -3.34 -17.46
N VAL B 393 25.44 -3.79 -18.37
CA VAL B 393 24.60 -4.98 -18.18
C VAL B 393 25.16 -6.09 -19.07
N ARG B 394 25.17 -7.31 -18.54
CA ARG B 394 25.68 -8.45 -19.29
C ARG B 394 24.79 -8.76 -20.48
N LEU B 395 25.42 -9.14 -21.62
CA LEU B 395 24.69 -9.47 -22.82
C LEU B 395 24.46 -10.98 -22.91
N PRO B 396 23.34 -11.42 -23.51
CA PRO B 396 23.09 -12.86 -23.69
C PRO B 396 24.25 -13.56 -24.41
N LEU C 8 -34.97 7.57 33.57
CA LEU C 8 -35.74 6.74 34.48
C LEU C 8 -35.14 5.35 34.63
N THR C 9 -34.56 4.84 33.54
CA THR C 9 -33.96 3.52 33.54
C THR C 9 -32.65 3.55 32.75
N ASP C 10 -31.58 3.08 33.37
CA ASP C 10 -30.29 2.91 32.72
C ASP C 10 -29.85 1.45 32.86
N LEU C 11 -29.34 0.90 31.76
CA LEU C 11 -29.00 -0.51 31.74
C LEU C 11 -27.97 -0.84 32.82
N LYS C 12 -28.29 -1.83 33.65
CA LYS C 12 -27.37 -2.39 34.63
C LYS C 12 -27.54 -3.90 34.59
N VAL C 13 -26.47 -4.61 34.28
CA VAL C 13 -26.56 -6.03 33.97
C VAL C 13 -25.28 -6.73 34.38
N ARG C 14 -25.40 -8.00 34.76
CA ARG C 14 -24.27 -8.87 35.01
C ARG C 14 -24.30 -10.02 34.02
N LEU C 15 -23.13 -10.38 33.50
CA LEU C 15 -23.03 -11.36 32.41
C LEU C 15 -21.88 -12.30 32.68
N VAL C 16 -21.96 -13.49 32.09
CA VAL C 16 -20.84 -14.41 32.03
C VAL C 16 -19.89 -13.94 30.94
N ARG C 17 -18.59 -13.96 31.21
CA ARG C 17 -17.62 -13.45 30.25
C ARG C 17 -17.75 -14.17 28.91
N ASP C 18 -17.74 -15.50 28.93
CA ASP C 18 -17.73 -16.25 27.67
C ASP C 18 -18.91 -15.88 26.79
N ASP C 19 -20.13 -15.99 27.33
CA ASP C 19 -21.31 -15.63 26.55
C ASP C 19 -21.18 -14.21 25.98
N PHE C 20 -20.70 -13.28 26.79
CA PHE C 20 -20.63 -11.89 26.36
C PHE C 20 -19.55 -11.70 25.30
N ALA C 21 -18.32 -12.15 25.59
CA ALA C 21 -17.22 -11.99 24.64
C ALA C 21 -17.52 -12.67 23.30
N ASP C 22 -18.12 -13.86 23.35
CA ASP C 22 -18.46 -14.56 22.11
C ASP C 22 -19.51 -13.79 21.33
N ALA C 23 -20.56 -13.33 22.02
CA ALA C 23 -21.62 -12.59 21.35
C ALA C 23 -21.08 -11.32 20.71
N VAL C 24 -20.32 -10.53 21.48
CA VAL C 24 -19.74 -9.31 20.94
C VAL C 24 -18.82 -9.63 19.78
N ALA C 25 -18.08 -10.74 19.88
CA ALA C 25 -17.16 -11.11 18.80
C ALA C 25 -17.91 -11.38 17.51
N TRP C 26 -18.96 -12.20 17.57
CA TRP C 26 -19.72 -12.50 16.36
C TRP C 26 -20.40 -11.25 15.81
N VAL C 27 -20.97 -10.41 16.67
CA VAL C 27 -21.64 -9.21 16.19
C VAL C 27 -20.63 -8.22 15.62
N ALA C 28 -19.41 -8.20 16.14
CA ALA C 28 -18.42 -7.21 15.70
C ALA C 28 -17.91 -7.50 14.30
N ARG C 29 -18.11 -8.71 13.77
CA ARG C 29 -17.65 -9.02 12.42
C ARG C 29 -18.44 -8.24 11.37
N SER C 30 -19.74 -8.01 11.62
CA SER C 30 -20.58 -7.25 10.72
C SER C 30 -20.43 -5.74 10.89
N LEU C 31 -19.46 -5.29 11.68
CA LEU C 31 -19.27 -3.86 11.91
C LEU C 31 -18.50 -3.23 10.75
N PRO C 32 -18.84 -2.01 10.36
CA PRO C 32 -18.04 -1.29 9.37
C PRO C 32 -16.86 -0.59 10.02
N SER C 33 -15.86 -0.29 9.18
CA SER C 33 -14.66 0.40 9.61
C SER C 33 -14.70 1.82 9.06
N ARG C 34 -14.58 2.80 9.95
CA ARG C 34 -14.63 4.21 9.59
C ARG C 34 -15.89 4.51 8.75
N PRO C 35 -17.08 4.25 9.29
CA PRO C 35 -18.30 4.56 8.54
C PRO C 35 -18.59 6.04 8.52
N THR C 36 -19.18 6.50 7.42
CA THR C 36 -19.55 7.90 7.31
C THR C 36 -20.54 8.30 8.40
N VAL C 37 -21.38 7.36 8.83
CA VAL C 37 -22.31 7.60 9.93
C VAL C 37 -21.68 7.06 11.20
N PRO C 38 -21.16 7.92 12.10
CA PRO C 38 -20.41 7.40 13.24
C PRO C 38 -21.14 6.37 14.08
N VAL C 39 -22.44 6.56 14.34
CA VAL C 39 -23.16 5.64 15.21
C VAL C 39 -23.12 4.21 14.67
N LEU C 40 -22.93 4.04 13.36
CA LEU C 40 -22.87 2.71 12.79
C LEU C 40 -21.68 1.91 13.33
N ALA C 41 -20.64 2.58 13.81
CA ALA C 41 -19.50 1.89 14.42
C ALA C 41 -19.81 1.38 15.82
N GLY C 42 -21.00 1.66 16.35
CA GLY C 42 -21.35 1.21 17.67
C GLY C 42 -22.05 -0.14 17.69
N VAL C 43 -21.95 -0.80 18.83
CA VAL C 43 -22.73 -2.00 19.12
C VAL C 43 -23.86 -1.60 20.05
N LEU C 44 -25.06 -2.11 19.76
CA LEU C 44 -26.26 -1.78 20.51
C LEU C 44 -26.51 -2.87 21.55
N LEU C 45 -26.57 -2.47 22.81
CA LEU C 45 -26.83 -3.38 23.93
C LEU C 45 -28.19 -3.03 24.52
N THR C 46 -29.10 -4.00 24.54
CA THR C 46 -30.44 -3.82 25.08
C THR C 46 -30.71 -4.94 26.07
N GLY C 47 -30.79 -4.59 27.35
CA GLY C 47 -31.02 -5.56 28.41
C GLY C 47 -32.45 -5.45 28.93
N SER C 48 -33.11 -6.60 29.06
CA SER C 48 -34.48 -6.64 29.53
C SER C 48 -34.80 -8.03 30.06
N ASP C 49 -35.72 -8.07 31.03
CA ASP C 49 -36.16 -9.33 31.62
C ASP C 49 -34.96 -10.09 32.19
N ASP C 50 -34.52 -11.14 31.48
CA ASP C 50 -33.37 -11.94 31.91
C ASP C 50 -32.46 -12.20 30.72
N GLY C 51 -32.25 -11.19 29.88
CA GLY C 51 -31.38 -11.36 28.72
C GLY C 51 -30.84 -10.05 28.23
N LEU C 52 -29.75 -10.14 27.49
CA LEU C 52 -29.12 -8.99 26.83
C LEU C 52 -29.05 -9.28 25.34
N THR C 53 -29.44 -8.30 24.54
CA THR C 53 -29.37 -8.40 23.09
C THR C 53 -28.25 -7.48 22.59
N ILE C 54 -27.41 -8.02 21.72
CA ILE C 54 -26.24 -7.32 21.18
C ILE C 54 -26.41 -7.27 19.67
N SER C 55 -26.29 -6.06 19.10
CA SER C 55 -26.67 -5.85 17.71
C SER C 55 -25.66 -4.93 17.01
N SER C 56 -25.54 -5.14 15.70
CA SER C 56 -24.76 -4.26 14.83
C SER C 56 -25.47 -4.17 13.48
N PHE C 57 -25.17 -3.09 12.76
CA PHE C 57 -25.86 -2.81 11.50
C PHE C 57 -25.05 -1.78 10.72
N ASP C 58 -25.10 -1.91 9.38
CA ASP C 58 -24.37 -0.99 8.50
C ASP C 58 -25.15 -0.68 7.24
N TYR C 59 -26.49 -0.66 7.32
CA TYR C 59 -27.37 -0.38 6.20
C TYR C 59 -27.41 -1.53 5.19
N GLU C 60 -26.51 -2.51 5.34
CA GLU C 60 -26.45 -3.65 4.43
C GLU C 60 -26.61 -4.97 5.16
N VAL C 61 -25.88 -5.20 6.23
CA VAL C 61 -25.94 -6.43 7.00
C VAL C 61 -26.26 -6.09 8.44
N SER C 62 -27.10 -6.91 9.06
CA SER C 62 -27.46 -6.76 10.47
C SER C 62 -27.10 -8.04 11.21
N ALA C 63 -26.57 -7.88 12.42
CA ALA C 63 -26.25 -9.01 13.29
C ALA C 63 -26.91 -8.76 14.64
N GLU C 64 -27.54 -9.79 15.19
CA GLU C 64 -28.27 -9.66 16.44
C GLU C 64 -28.24 -10.98 17.18
N VAL C 65 -27.81 -10.95 18.44
CA VAL C 65 -27.71 -12.16 19.25
C VAL C 65 -28.16 -11.85 20.68
N GLN C 66 -28.89 -12.78 21.27
CA GLN C 66 -29.39 -12.64 22.64
C GLN C 66 -28.70 -13.67 23.54
N ILE C 67 -28.34 -13.24 24.74
CA ILE C 67 -27.63 -14.13 25.67
C ILE C 67 -28.28 -13.99 27.05
N PRO C 68 -28.04 -14.96 27.92
CA PRO C 68 -28.53 -14.84 29.31
C PRO C 68 -27.90 -13.63 29.99
N ALA C 69 -28.60 -13.11 30.99
CA ALA C 69 -28.14 -11.91 31.67
C ALA C 69 -28.91 -11.73 32.96
N GLU C 70 -28.22 -11.20 33.97
CA GLU C 70 -28.85 -10.82 35.23
C GLU C 70 -29.12 -9.32 35.16
N ILE C 71 -30.38 -8.97 34.91
CA ILE C 71 -30.77 -7.57 34.73
C ILE C 71 -31.11 -6.98 36.09
N ALA C 72 -30.33 -6.00 36.52
CA ALA C 72 -30.69 -5.17 37.67
C ALA C 72 -31.52 -3.97 37.25
N ALA C 73 -31.30 -3.47 36.05
CA ALA C 73 -32.09 -2.40 35.46
C ALA C 73 -32.04 -2.53 33.94
N PRO C 74 -33.18 -2.64 33.26
CA PRO C 74 -33.15 -2.76 31.80
C PRO C 74 -32.80 -1.42 31.16
N GLY C 75 -32.48 -1.48 29.88
CA GLY C 75 -32.17 -0.28 29.14
C GLY C 75 -31.42 -0.58 27.86
N THR C 76 -31.11 0.49 27.14
CA THR C 76 -30.41 0.43 25.87
C THR C 76 -29.24 1.39 25.88
N VAL C 77 -28.14 0.97 25.25
CA VAL C 77 -26.93 1.78 25.20
C VAL C 77 -26.14 1.41 23.95
N LEU C 78 -25.48 2.40 23.37
CA LEU C 78 -24.70 2.24 22.15
C LEU C 78 -23.25 2.58 22.48
N VAL C 79 -22.35 1.61 22.32
CA VAL C 79 -20.94 1.78 22.65
C VAL C 79 -20.08 1.38 21.47
N SER C 80 -18.84 1.86 21.47
CA SER C 80 -17.92 1.58 20.37
C SER C 80 -17.76 0.08 20.19
N GLY C 81 -18.04 -0.39 18.98
CA GLY C 81 -18.00 -1.82 18.69
C GLY C 81 -16.63 -2.45 18.82
N ARG C 82 -15.66 -1.99 18.04
CA ARG C 82 -14.34 -2.59 18.09
C ARG C 82 -13.74 -2.49 19.49
N LEU C 83 -13.93 -1.34 20.16
CA LEU C 83 -13.38 -1.18 21.50
C LEU C 83 -14.02 -2.17 22.46
N LEU C 84 -15.34 -2.32 22.41
CA LEU C 84 -15.99 -3.31 23.27
C LEU C 84 -15.50 -4.71 22.94
N SER C 85 -15.28 -5.01 21.67
CA SER C 85 -14.79 -6.33 21.28
C SER C 85 -13.41 -6.60 21.87
N GLU C 86 -12.49 -5.63 21.73
CA GLU C 86 -11.16 -5.78 22.29
C GLU C 86 -11.23 -5.99 23.81
N ILE C 87 -11.97 -5.12 24.50
CA ILE C 87 -12.09 -5.24 25.95
C ILE C 87 -12.59 -6.63 26.32
N THR C 88 -13.70 -7.06 25.73
CA THR C 88 -14.27 -8.35 26.09
C THR C 88 -13.29 -9.48 25.80
N ARG C 89 -12.49 -9.37 24.74
CA ARG C 89 -11.43 -10.34 24.51
C ARG C 89 -10.48 -10.40 25.69
N ALA C 90 -10.09 -9.23 26.21
CA ALA C 90 -9.04 -9.13 27.20
C ALA C 90 -9.52 -9.27 28.64
N LEU C 91 -10.82 -9.49 28.85
CA LEU C 91 -11.32 -9.55 30.21
C LEU C 91 -10.90 -10.86 30.88
N PRO C 92 -10.69 -10.85 32.19
CA PRO C 92 -10.46 -12.12 32.91
C PRO C 92 -11.73 -12.93 33.01
N ASN C 93 -11.56 -14.25 33.10
CA ASN C 93 -12.71 -15.14 33.14
C ASN C 93 -13.49 -14.99 34.44
N LYS C 94 -14.08 -13.82 34.63
CA LYS C 94 -14.90 -13.50 35.79
C LYS C 94 -16.19 -12.86 35.32
N PRO C 95 -17.18 -12.73 36.21
CA PRO C 95 -18.43 -12.06 35.82
C PRO C 95 -18.17 -10.64 35.34
N VAL C 96 -18.93 -10.23 34.33
CA VAL C 96 -18.80 -8.90 33.73
C VAL C 96 -19.98 -8.06 34.20
N ASP C 97 -19.70 -6.97 34.89
CA ASP C 97 -20.73 -6.03 35.35
C ASP C 97 -20.73 -4.82 34.43
N LEU C 98 -21.88 -4.54 33.82
CA LEU C 98 -22.05 -3.41 32.92
C LEU C 98 -23.09 -2.48 33.51
N SER C 99 -22.77 -1.19 33.56
CA SER C 99 -23.64 -0.22 34.21
C SER C 99 -23.60 1.10 33.46
N VAL C 100 -24.73 1.52 32.92
CA VAL C 100 -24.84 2.81 32.25
C VAL C 100 -25.03 3.89 33.31
N GLU C 101 -24.10 4.83 33.37
CA GLU C 101 -24.13 5.92 34.34
C GLU C 101 -23.96 7.23 33.60
N GLY C 102 -25.03 8.00 33.48
CA GLY C 102 -24.96 9.28 32.80
C GLY C 102 -24.54 9.10 31.35
N THR C 103 -23.48 9.81 30.97
CA THR C 103 -22.96 9.77 29.61
C THR C 103 -21.92 8.68 29.41
N ARG C 104 -21.67 7.83 30.41
CA ARG C 104 -20.61 6.84 30.33
C ARG C 104 -21.16 5.47 30.69
N VAL C 105 -20.39 4.45 30.35
CA VAL C 105 -20.74 3.06 30.60
C VAL C 105 -19.59 2.43 31.38
N SER C 106 -19.86 2.04 32.62
CA SER C 106 -18.87 1.33 33.42
C SER C 106 -18.91 -0.15 33.08
N LEU C 107 -17.73 -0.74 32.89
CA LEU C 107 -17.58 -2.16 32.65
C LEU C 107 -16.54 -2.68 33.62
N THR C 108 -16.93 -3.63 34.46
CA THR C 108 -16.09 -4.13 35.54
C THR C 108 -15.96 -5.65 35.41
N CYS C 109 -14.73 -6.14 35.61
CA CYS C 109 -14.47 -7.57 35.61
C CYS C 109 -13.26 -7.81 36.50
N GLY C 110 -13.48 -8.46 37.63
CA GLY C 110 -12.41 -8.64 38.60
C GLY C 110 -11.86 -7.29 39.01
N SER C 111 -10.56 -7.09 38.81
CA SER C 111 -9.91 -5.83 39.15
C SER C 111 -9.88 -4.85 37.98
N ALA C 112 -10.29 -5.27 36.78
CA ALA C 112 -10.26 -4.38 35.63
C ALA C 112 -11.54 -3.54 35.58
N ARG C 113 -11.37 -2.24 35.36
CA ARG C 113 -12.50 -1.31 35.31
C ARG C 113 -12.34 -0.38 34.12
N PHE C 114 -13.34 -0.35 33.26
CA PHE C 114 -13.38 0.52 32.10
C PHE C 114 -14.56 1.48 32.19
N SER C 115 -14.40 2.67 31.62
CA SER C 115 -15.45 3.67 31.55
C SER C 115 -15.47 4.22 30.13
N LEU C 116 -16.43 3.74 29.32
CA LEU C 116 -16.51 4.14 27.92
C LEU C 116 -17.56 5.23 27.74
N PRO C 117 -17.38 6.12 26.77
CA PRO C 117 -18.42 7.13 26.50
C PRO C 117 -19.55 6.54 25.68
N THR C 118 -20.77 6.97 25.99
CA THR C 118 -21.93 6.50 25.24
C THR C 118 -22.03 7.23 23.91
N MET C 119 -22.53 6.52 22.91
CA MET C 119 -22.76 7.08 21.58
C MET C 119 -24.23 7.46 21.43
N ALA C 120 -24.53 8.14 20.31
CA ALA C 120 -25.85 8.71 20.07
C ALA C 120 -26.82 7.61 19.67
N VAL C 121 -27.35 6.90 20.66
CA VAL C 121 -28.33 5.86 20.40
C VAL C 121 -29.60 6.46 19.78
N GLU C 122 -29.81 7.77 19.94
CA GLU C 122 -30.99 8.41 19.36
C GLU C 122 -30.91 8.40 17.83
N ASP C 123 -29.74 8.65 17.28
CA ASP C 123 -29.54 8.67 15.83
C ASP C 123 -29.18 7.30 15.27
N TYR C 124 -29.28 6.24 16.05
CA TYR C 124 -28.91 4.92 15.57
C TYR C 124 -30.07 4.31 14.80
N PRO C 125 -29.85 3.79 13.59
CA PRO C 125 -30.95 3.28 12.79
C PRO C 125 -31.60 2.06 13.41
N ALA C 126 -32.86 1.83 13.05
CA ALA C 126 -33.59 0.66 13.50
C ALA C 126 -33.16 -0.55 12.68
N LEU C 127 -32.98 -1.68 13.37
CA LEU C 127 -32.55 -2.89 12.69
C LEU C 127 -33.68 -3.41 11.80
N PRO C 128 -33.37 -3.97 10.64
CA PRO C 128 -34.43 -4.54 9.80
C PRO C 128 -35.08 -5.74 10.47
N GLU C 129 -36.39 -5.87 10.26
CA GLU C 129 -37.13 -7.03 10.74
C GLU C 129 -37.04 -8.14 9.70
N LEU C 130 -36.71 -9.35 10.14
CA LEU C 130 -36.57 -10.47 9.22
C LEU C 130 -37.89 -10.71 8.50
N PRO C 131 -37.87 -10.99 7.20
CA PRO C 131 -39.12 -11.35 6.51
C PRO C 131 -39.75 -12.60 7.11
N ALA C 132 -40.93 -12.97 6.61
CA ALA C 132 -41.59 -14.17 7.11
C ALA C 132 -40.72 -15.39 6.84
N GLU C 133 -40.68 -16.30 7.82
CA GLU C 133 -39.91 -17.53 7.66
C GLU C 133 -40.36 -18.28 6.41
N THR C 134 -39.38 -18.77 5.65
CA THR C 134 -39.63 -19.48 4.40
C THR C 134 -39.32 -20.96 4.48
N GLY C 135 -38.30 -21.36 5.24
CA GLY C 135 -37.94 -22.75 5.32
C GLY C 135 -36.79 -22.95 6.28
N SER C 136 -36.43 -24.22 6.47
CA SER C 136 -35.33 -24.61 7.32
C SER C 136 -34.33 -25.44 6.52
N VAL C 137 -33.06 -25.33 6.90
CA VAL C 137 -31.97 -26.00 6.19
C VAL C 137 -30.99 -26.53 7.23
N PRO C 138 -30.50 -27.76 7.10
CA PRO C 138 -29.44 -28.22 8.01
C PRO C 138 -28.24 -27.28 7.96
N ALA C 139 -27.79 -26.86 9.15
CA ALA C 139 -26.74 -25.86 9.25
C ALA C 139 -25.49 -26.29 8.48
N ASP C 140 -24.96 -27.48 8.79
CA ASP C 140 -23.73 -27.93 8.17
C ASP C 140 -23.86 -27.97 6.65
N LEU C 141 -24.93 -28.58 6.15
CA LEU C 141 -25.10 -28.70 4.71
C LEU C 141 -25.19 -27.32 4.05
N PHE C 142 -25.94 -26.41 4.67
CA PHE C 142 -26.06 -25.05 4.12
C PHE C 142 -24.70 -24.38 4.03
N ALA C 143 -23.94 -24.40 5.13
CA ALA C 143 -22.61 -23.80 5.12
C ALA C 143 -21.72 -24.45 4.05
N GLU C 144 -21.79 -25.77 3.93
CA GLU C 144 -20.98 -26.46 2.94
C GLU C 144 -21.35 -26.01 1.52
N ALA C 145 -22.64 -26.04 1.19
CA ALA C 145 -23.06 -25.62 -0.14
C ALA C 145 -22.57 -24.20 -0.44
N ILE C 146 -22.72 -23.29 0.52
CA ILE C 146 -22.24 -21.92 0.33
C ILE C 146 -20.75 -21.93 0.01
N GLY C 147 -19.96 -22.63 0.81
CA GLY C 147 -18.53 -22.69 0.55
C GLY C 147 -18.21 -23.24 -0.83
N GLN C 148 -18.93 -24.28 -1.25
CA GLN C 148 -18.65 -24.89 -2.55
C GLN C 148 -19.00 -23.99 -3.72
N VAL C 149 -19.90 -23.03 -3.53
CA VAL C 149 -20.31 -22.14 -4.60
C VAL C 149 -19.54 -20.82 -4.56
N ALA C 150 -19.27 -20.30 -3.37
CA ALA C 150 -18.65 -18.99 -3.24
C ALA C 150 -17.30 -18.93 -3.96
N VAL C 151 -16.58 -20.06 -4.03
CA VAL C 151 -15.27 -20.08 -4.69
C VAL C 151 -15.36 -19.51 -6.10
N ALA C 152 -16.50 -19.66 -6.76
CA ALA C 152 -16.64 -19.23 -8.14
C ALA C 152 -17.19 -17.81 -8.28
N ALA C 153 -17.54 -17.17 -7.17
CA ALA C 153 -18.14 -15.85 -7.25
C ALA C 153 -17.10 -14.80 -7.64
N GLY C 154 -17.54 -13.81 -8.41
CA GLY C 154 -16.65 -12.73 -8.78
C GLY C 154 -16.41 -11.76 -7.65
N ARG C 155 -15.28 -11.06 -7.74
CA ARG C 155 -14.89 -10.09 -6.73
C ARG C 155 -15.45 -8.71 -7.08
N ASP C 156 -15.39 -7.80 -6.11
CA ASP C 156 -16.00 -6.48 -6.27
C ASP C 156 -15.52 -5.76 -7.53
N ASP C 157 -14.37 -6.14 -8.07
CA ASP C 157 -13.86 -5.48 -9.27
C ASP C 157 -14.81 -5.65 -10.45
N THR C 158 -15.51 -6.78 -10.53
CA THR C 158 -16.30 -7.11 -11.71
C THR C 158 -17.72 -6.55 -11.56
N LEU C 159 -18.61 -6.95 -12.47
CA LEU C 159 -19.96 -6.42 -12.48
C LEU C 159 -20.72 -6.86 -11.23
N PRO C 160 -21.72 -6.08 -10.81
CA PRO C 160 -22.48 -6.46 -9.60
C PRO C 160 -23.11 -7.84 -9.68
N MET C 161 -23.66 -8.22 -10.84
CA MET C 161 -24.36 -9.50 -10.93
C MET C 161 -23.45 -10.67 -10.56
N LEU C 162 -22.16 -10.57 -10.88
CA LEU C 162 -21.22 -11.66 -10.63
C LEU C 162 -20.72 -11.71 -9.19
N THR C 163 -20.96 -10.65 -8.41
CA THR C 163 -20.49 -10.58 -7.03
C THR C 163 -21.50 -11.19 -6.05
N GLY C 164 -22.41 -12.02 -6.53
CA GLY C 164 -23.46 -12.56 -5.69
C GLY C 164 -23.64 -14.04 -5.92
N ILE C 165 -24.23 -14.68 -4.91
CA ILE C 165 -24.64 -16.08 -4.98
C ILE C 165 -26.14 -16.10 -5.22
N ARG C 166 -26.54 -16.64 -6.36
CA ARG C 166 -27.96 -16.80 -6.66
C ARG C 166 -28.53 -17.93 -5.83
N VAL C 167 -29.66 -17.66 -5.16
CA VAL C 167 -30.33 -18.64 -4.31
C VAL C 167 -31.69 -18.90 -4.93
N GLU C 168 -31.88 -20.10 -5.44
CA GLU C 168 -33.10 -20.50 -6.13
C GLU C 168 -33.82 -21.54 -5.28
N ILE C 169 -35.10 -21.33 -5.01
CA ILE C 169 -35.91 -22.27 -4.23
C ILE C 169 -37.10 -22.69 -5.06
N SER C 170 -37.35 -24.00 -5.10
CA SER C 170 -38.47 -24.59 -5.84
C SER C 170 -38.97 -25.76 -4.99
N GLY C 171 -39.94 -25.48 -4.12
CA GLY C 171 -40.43 -26.48 -3.20
C GLY C 171 -39.42 -26.83 -2.14
N ASP C 172 -39.07 -28.11 -2.02
CA ASP C 172 -38.10 -28.58 -1.04
C ASP C 172 -36.70 -28.75 -1.63
N ARG C 173 -36.45 -28.15 -2.79
CA ARG C 173 -35.17 -28.23 -3.47
C ARG C 173 -34.69 -26.82 -3.76
N MET C 174 -33.48 -26.50 -3.31
CA MET C 174 -32.87 -25.21 -3.59
C MET C 174 -31.54 -25.38 -4.28
N VAL C 175 -31.20 -24.41 -5.12
CA VAL C 175 -29.99 -24.41 -5.93
C VAL C 175 -29.23 -23.13 -5.64
N LEU C 176 -27.94 -23.26 -5.36
CA LEU C 176 -27.03 -22.13 -5.20
C LEU C 176 -26.11 -22.06 -6.41
N ALA C 177 -25.93 -20.87 -6.95
CA ALA C 177 -25.11 -20.70 -8.15
C ALA C 177 -24.25 -19.45 -8.03
N ALA C 178 -23.02 -19.52 -8.54
CA ALA C 178 -22.14 -18.36 -8.58
C ALA C 178 -21.17 -18.51 -9.74
N THR C 179 -20.83 -17.40 -10.38
CA THR C 179 -19.91 -17.41 -11.50
C THR C 179 -19.15 -16.09 -11.54
N ASP C 180 -17.96 -16.13 -12.18
CA ASP C 180 -17.15 -14.94 -12.38
C ASP C 180 -16.79 -14.76 -13.86
N ARG C 181 -17.50 -15.42 -14.76
CA ARG C 181 -17.33 -15.42 -16.20
C ARG C 181 -16.29 -16.44 -16.65
N PHE C 182 -15.58 -17.09 -15.73
CA PHE C 182 -14.59 -18.10 -16.08
C PHE C 182 -14.83 -19.43 -15.38
N ARG C 183 -15.55 -19.44 -14.27
CA ARG C 183 -15.90 -20.65 -13.55
C ARG C 183 -17.30 -20.49 -12.99
N LEU C 184 -18.13 -21.52 -13.16
CA LEU C 184 -19.49 -21.56 -12.65
C LEU C 184 -19.59 -22.70 -11.65
N ALA C 185 -20.16 -22.41 -10.48
CA ALA C 185 -20.37 -23.40 -9.43
C ALA C 185 -21.86 -23.48 -9.12
N VAL C 186 -22.41 -24.68 -9.15
CA VAL C 186 -23.83 -24.90 -8.88
C VAL C 186 -23.97 -26.05 -7.89
N ARG C 187 -24.72 -25.82 -6.82
CA ARG C 187 -24.96 -26.84 -5.80
C ARG C 187 -26.46 -26.93 -5.54
N GLU C 188 -27.00 -28.14 -5.65
CA GLU C 188 -28.40 -28.41 -5.33
C GLU C 188 -28.46 -29.15 -4.00
N LEU C 189 -29.47 -28.81 -3.20
CA LEU C 189 -29.64 -29.47 -1.91
C LEU C 189 -31.11 -29.44 -1.52
N THR C 190 -31.46 -30.36 -0.62
CA THR C 190 -32.82 -30.49 -0.12
C THR C 190 -32.97 -29.68 1.16
N TRP C 191 -34.10 -28.97 1.29
CA TRP C 191 -34.43 -28.24 2.50
C TRP C 191 -35.91 -28.46 2.81
N THR C 192 -36.37 -27.84 3.90
CA THR C 192 -37.74 -28.01 4.37
C THR C 192 -38.46 -26.66 4.25
N THR C 193 -39.35 -26.55 3.27
CA THR C 193 -40.06 -25.29 3.05
C THR C 193 -41.27 -25.22 3.98
N LYS C 194 -41.40 -24.10 4.69
CA LYS C 194 -42.56 -23.83 5.53
C LYS C 194 -43.71 -23.19 4.74
N THR C 195 -43.63 -23.22 3.41
CA THR C 195 -44.69 -22.74 2.53
C THR C 195 -44.74 -23.67 1.32
N PRO C 196 -45.93 -23.91 0.77
CA PRO C 196 -46.08 -24.96 -0.24
C PRO C 196 -45.73 -24.48 -1.63
N ASP C 197 -45.08 -25.37 -2.39
CA ASP C 197 -44.82 -25.16 -3.82
C ASP C 197 -44.24 -23.77 -4.08
N VAL C 198 -43.35 -23.32 -3.18
CA VAL C 198 -42.70 -22.05 -3.38
C VAL C 198 -41.77 -22.12 -4.58
N GLU C 199 -41.67 -21.01 -5.32
CA GLU C 199 -40.79 -20.95 -6.48
C GLU C 199 -40.29 -19.51 -6.59
N ALA C 200 -39.08 -19.26 -6.10
CA ALA C 200 -38.52 -17.92 -6.10
C ALA C 200 -37.01 -18.00 -6.24
N ALA C 201 -36.41 -16.89 -6.68
CA ALA C 201 -34.97 -16.80 -6.84
C ALA C 201 -34.51 -15.41 -6.41
N VAL C 202 -33.42 -15.35 -5.66
CA VAL C 202 -32.86 -14.10 -5.17
C VAL C 202 -31.35 -14.12 -5.42
N LEU C 203 -30.73 -12.97 -5.19
CA LEU C 203 -29.29 -12.80 -5.39
C LEU C 203 -28.72 -12.18 -4.13
N VAL C 204 -27.85 -12.93 -3.44
CA VAL C 204 -27.28 -12.48 -2.17
C VAL C 204 -25.83 -12.10 -2.37
N PRO C 205 -25.34 -11.01 -1.76
CA PRO C 205 -23.90 -10.73 -1.82
C PRO C 205 -23.06 -11.91 -1.37
N ALA C 206 -22.19 -12.40 -2.28
CA ALA C 206 -21.45 -13.62 -2.02
C ALA C 206 -20.59 -13.49 -0.77
N LYS C 207 -19.89 -12.37 -0.63
CA LYS C 207 -19.03 -12.17 0.54
C LYS C 207 -19.83 -12.29 1.84
N THR C 208 -20.96 -11.57 1.92
CA THR C 208 -21.76 -11.60 3.13
C THR C 208 -22.24 -13.02 3.44
N LEU C 209 -22.76 -13.71 2.43
CA LEU C 209 -23.30 -15.05 2.67
C LEU C 209 -22.19 -16.02 3.08
N ALA C 210 -21.07 -16.01 2.37
CA ALA C 210 -19.94 -16.86 2.74
C ALA C 210 -19.47 -16.57 4.17
N GLU C 211 -19.39 -15.28 4.53
CA GLU C 211 -19.01 -14.92 5.90
C GLU C 211 -20.00 -15.50 6.90
N ALA C 212 -21.30 -15.27 6.69
CA ALA C 212 -22.30 -15.82 7.59
C ALA C 212 -22.15 -17.33 7.74
N ALA C 213 -21.73 -18.01 6.67
CA ALA C 213 -21.55 -19.45 6.75
C ALA C 213 -20.36 -19.81 7.62
N LYS C 214 -19.22 -19.15 7.41
CA LYS C 214 -18.00 -19.52 8.11
C LYS C 214 -18.12 -19.24 9.61
N THR C 215 -18.57 -18.05 9.97
CA THR C 215 -18.57 -17.63 11.38
C THR C 215 -19.88 -17.99 12.10
N GLY C 216 -21.01 -17.84 11.42
CA GLY C 216 -22.31 -18.06 12.02
C GLY C 216 -22.88 -19.43 11.70
N LEU C 217 -24.20 -19.49 11.63
CA LEU C 217 -24.93 -20.73 11.36
C LEU C 217 -24.66 -21.77 12.45
N ASP C 218 -24.98 -21.38 13.68
CA ASP C 218 -24.85 -22.28 14.81
C ASP C 218 -26.08 -23.17 14.94
N GLY C 219 -25.90 -24.30 15.62
CA GLY C 219 -26.99 -25.23 15.81
C GLY C 219 -27.08 -26.26 14.72
N SER C 220 -28.20 -26.99 14.74
CA SER C 220 -28.43 -28.07 13.77
C SER C 220 -29.20 -27.59 12.55
N GLU C 221 -30.19 -26.73 12.74
CA GLU C 221 -31.01 -26.23 11.65
C GLU C 221 -30.95 -24.72 11.58
N VAL C 222 -31.13 -24.19 10.37
CA VAL C 222 -31.09 -22.76 10.10
C VAL C 222 -32.37 -22.38 9.38
N GLN C 223 -33.04 -21.33 9.86
CA GLN C 223 -34.29 -20.87 9.29
C GLN C 223 -34.00 -19.69 8.36
N LEU C 224 -34.35 -19.87 7.08
CA LEU C 224 -34.19 -18.80 6.10
C LEU C 224 -35.50 -18.01 5.99
N ALA C 225 -35.37 -16.69 5.96
CA ALA C 225 -36.51 -15.78 5.98
C ALA C 225 -36.47 -14.89 4.75
N LEU C 226 -37.22 -15.27 3.71
CA LEU C 226 -37.38 -14.46 2.52
C LEU C 226 -38.82 -14.04 2.27
N GLY C 227 -39.75 -14.44 3.14
CA GLY C 227 -41.16 -14.15 2.98
C GLY C 227 -41.96 -15.42 2.80
N ALA C 228 -43.26 -15.25 2.53
CA ALA C 228 -44.16 -16.36 2.30
C ALA C 228 -45.14 -15.98 1.20
N GLY C 229 -45.84 -16.99 0.69
CA GLY C 229 -46.84 -16.77 -0.34
C GLY C 229 -46.24 -16.18 -1.60
N PRO C 230 -46.84 -15.10 -2.12
CA PRO C 230 -46.27 -14.47 -3.33
C PRO C 230 -45.14 -13.48 -3.02
N SER C 231 -45.05 -12.99 -1.79
CA SER C 231 -44.04 -12.01 -1.42
C SER C 231 -42.68 -12.64 -1.14
N VAL C 232 -42.46 -13.90 -1.53
CA VAL C 232 -41.19 -14.56 -1.28
C VAL C 232 -40.13 -13.90 -2.15
N GLY C 233 -39.06 -13.42 -1.51
CA GLY C 233 -37.97 -12.79 -2.21
C GLY C 233 -38.18 -11.34 -2.59
N GLN C 234 -39.39 -10.81 -2.40
CA GLN C 234 -39.69 -9.43 -2.75
C GLN C 234 -39.56 -8.47 -1.58
N ASP C 235 -39.18 -8.97 -0.40
CA ASP C 235 -39.05 -8.10 0.76
C ASP C 235 -37.77 -7.28 0.74
N GLY C 236 -36.80 -7.65 -0.09
CA GLY C 236 -35.58 -6.88 -0.26
C GLY C 236 -34.39 -7.33 0.56
N LEU C 237 -34.56 -8.36 1.39
CA LEU C 237 -33.46 -8.80 2.23
C LEU C 237 -33.66 -10.27 2.60
N LEU C 238 -32.55 -10.92 2.93
CA LEU C 238 -32.53 -12.31 3.35
C LEU C 238 -32.28 -12.37 4.85
N GLY C 239 -33.12 -13.12 5.55
CA GLY C 239 -32.97 -13.32 6.99
C GLY C 239 -32.45 -14.72 7.27
N ILE C 240 -31.61 -14.84 8.28
CA ILE C 240 -31.04 -16.11 8.70
C ILE C 240 -31.14 -16.18 10.21
N ARG C 241 -31.93 -17.13 10.72
CA ARG C 241 -32.12 -17.33 12.15
C ARG C 241 -31.66 -18.73 12.52
N SER C 242 -30.83 -18.81 13.56
CA SER C 242 -30.36 -20.11 14.04
C SER C 242 -29.93 -19.94 15.49
N GLU C 243 -30.55 -20.70 16.39
CA GLU C 243 -30.26 -20.61 17.82
C GLU C 243 -30.68 -19.19 18.25
N GLY C 244 -29.91 -18.53 19.11
CA GLY C 244 -30.26 -17.18 19.54
C GLY C 244 -29.66 -16.11 18.66
N LYS C 245 -29.23 -16.49 17.46
CA LYS C 245 -28.62 -15.57 16.51
C LYS C 245 -29.58 -15.31 15.35
N ARG C 246 -29.60 -14.06 14.88
CA ARG C 246 -30.34 -13.70 13.68
C ARG C 246 -29.59 -12.62 12.95
N SER C 247 -29.52 -12.74 11.63
CA SER C 247 -28.82 -11.77 10.79
C SER C 247 -29.66 -11.51 9.54
N THR C 248 -29.44 -10.34 8.95
CA THR C 248 -30.11 -9.97 7.71
C THR C 248 -29.10 -9.43 6.72
N THR C 249 -29.38 -9.63 5.44
CA THR C 249 -28.52 -9.17 4.35
C THR C 249 -29.37 -8.52 3.28
N ARG C 250 -28.96 -7.34 2.84
CA ARG C 250 -29.62 -6.68 1.72
C ARG C 250 -29.33 -7.44 0.44
N LEU C 251 -30.36 -7.66 -0.37
CA LEU C 251 -30.22 -8.42 -1.60
C LEU C 251 -29.74 -7.53 -2.73
N LEU C 252 -29.19 -8.18 -3.77
CA LEU C 252 -28.75 -7.48 -4.97
C LEU C 252 -29.91 -7.38 -5.97
N ASP C 253 -30.03 -6.22 -6.60
CA ASP C 253 -31.06 -6.02 -7.61
C ASP C 253 -30.65 -6.55 -8.98
N ALA C 254 -29.36 -6.74 -9.22
CA ALA C 254 -28.90 -7.19 -10.52
C ALA C 254 -29.45 -8.58 -10.84
N GLU C 255 -29.63 -8.84 -12.13
CA GLU C 255 -30.15 -10.12 -12.59
C GLU C 255 -28.99 -11.06 -12.89
N PHE C 256 -29.09 -12.29 -12.40
CA PHE C 256 -28.02 -13.27 -12.57
C PHE C 256 -28.05 -13.80 -14.01
N PRO C 257 -26.90 -14.13 -14.57
CA PRO C 257 -26.89 -14.73 -15.91
C PRO C 257 -27.70 -16.02 -15.96
N LYS C 258 -28.13 -16.39 -17.17
CA LYS C 258 -28.80 -17.66 -17.39
C LYS C 258 -27.75 -18.78 -17.42
N PHE C 259 -27.20 -19.04 -16.24
CA PHE C 259 -26.05 -19.94 -16.12
C PHE C 259 -26.32 -21.34 -16.66
N ARG C 260 -27.59 -21.74 -16.77
CA ARG C 260 -27.88 -23.11 -17.14
C ARG C 260 -27.49 -23.43 -18.58
N GLN C 261 -27.58 -22.44 -19.48
CA GLN C 261 -27.23 -22.70 -20.87
C GLN C 261 -25.73 -22.66 -21.12
N LEU C 262 -24.92 -22.63 -20.05
CA LEU C 262 -23.49 -22.87 -20.16
C LEU C 262 -23.13 -24.34 -19.93
N LEU C 263 -24.06 -25.13 -19.38
CA LEU C 263 -23.79 -26.52 -19.04
C LEU C 263 -23.95 -27.42 -20.25
N PRO C 264 -23.06 -28.39 -20.46
CA PRO C 264 -23.20 -29.28 -21.61
C PRO C 264 -24.21 -30.38 -21.36
N THR C 265 -24.79 -30.88 -22.46
CA THR C 265 -25.69 -32.03 -22.40
C THR C 265 -24.95 -33.34 -22.54
N GLU C 266 -23.80 -33.35 -23.22
CA GLU C 266 -23.02 -34.56 -23.42
C GLU C 266 -21.55 -34.22 -23.46
N HIS C 267 -20.71 -35.24 -23.20
CA HIS C 267 -19.27 -35.09 -23.19
C HIS C 267 -18.65 -36.00 -24.24
N THR C 268 -17.64 -35.47 -24.96
CA THR C 268 -16.87 -36.30 -25.87
C THR C 268 -15.82 -37.12 -25.15
N ALA C 269 -15.38 -36.69 -23.97
CA ALA C 269 -14.38 -37.42 -23.20
C ALA C 269 -14.69 -37.32 -21.72
N MET C 270 -14.28 -38.35 -20.97
CA MET C 270 -14.49 -38.43 -19.54
C MET C 270 -13.19 -38.89 -18.89
N ALA C 271 -12.89 -38.36 -17.70
CA ALA C 271 -11.67 -38.71 -16.99
C ALA C 271 -11.94 -38.69 -15.49
N THR C 272 -11.65 -39.79 -14.82
CA THR C 272 -11.81 -39.90 -13.38
C THR C 272 -10.47 -40.16 -12.72
N ILE C 273 -10.20 -39.44 -11.62
CA ILE C 273 -8.91 -39.50 -10.94
C ILE C 273 -9.12 -39.07 -9.50
N GLY C 274 -8.13 -39.38 -8.66
CA GLY C 274 -8.21 -38.98 -7.25
C GLY C 274 -7.93 -37.50 -7.07
N VAL C 275 -8.79 -36.85 -6.27
CA VAL C 275 -8.66 -35.41 -6.06
C VAL C 275 -7.29 -35.07 -5.50
N GLY C 276 -6.91 -35.70 -4.39
CA GLY C 276 -5.63 -35.38 -3.77
C GLY C 276 -4.45 -35.53 -4.73
N GLU C 277 -4.37 -36.69 -5.39
CA GLU C 277 -3.29 -36.92 -6.35
C GLU C 277 -3.21 -35.80 -7.37
N LEU C 278 -4.33 -35.51 -8.04
CA LEU C 278 -4.33 -34.47 -9.07
C LEU C 278 -3.97 -33.12 -8.48
N THR C 279 -4.45 -32.82 -7.27
CA THR C 279 -4.19 -31.52 -6.67
C THR C 279 -2.70 -31.32 -6.43
N GLU C 280 -2.05 -32.32 -5.80
CA GLU C 280 -0.61 -32.20 -5.55
C GLU C 280 0.16 -32.01 -6.86
N ALA C 281 -0.13 -32.85 -7.86
CA ALA C 281 0.58 -32.73 -9.13
C ALA C 281 0.38 -31.35 -9.75
N ILE C 282 -0.85 -30.83 -9.70
CA ILE C 282 -1.10 -29.50 -10.24
C ILE C 282 -0.30 -28.46 -9.46
N LYS C 283 -0.26 -28.58 -8.13
CA LYS C 283 0.47 -27.61 -7.34
C LYS C 283 1.97 -27.67 -7.61
N ARG C 284 2.51 -28.86 -7.89
CA ARG C 284 3.92 -28.95 -8.25
C ARG C 284 4.18 -28.32 -9.62
N VAL C 285 3.41 -28.74 -10.63
CA VAL C 285 3.68 -28.29 -12.00
C VAL C 285 3.46 -26.80 -12.12
N ALA C 286 2.48 -26.26 -11.40
CA ALA C 286 2.12 -24.85 -11.56
C ALA C 286 3.18 -23.89 -11.04
N LEU C 287 4.20 -24.38 -10.34
CA LEU C 287 5.22 -23.49 -9.79
C LEU C 287 5.99 -22.75 -10.87
N VAL C 288 6.00 -23.25 -12.11
CA VAL C 288 6.76 -22.63 -13.18
C VAL C 288 5.89 -21.86 -14.16
N ALA C 289 4.56 -21.91 -14.01
CA ALA C 289 3.70 -21.09 -14.85
C ALA C 289 4.04 -19.62 -14.66
N ASP C 290 4.12 -18.88 -15.79
CA ASP C 290 4.68 -17.53 -15.75
C ASP C 290 4.00 -16.66 -14.71
N ARG C 291 2.66 -16.73 -14.64
CA ARG C 291 1.89 -15.95 -13.67
C ARG C 291 0.82 -16.83 -13.01
N GLY C 292 1.12 -18.10 -12.81
CA GLY C 292 0.07 -19.05 -12.44
C GLY C 292 -1.06 -19.03 -13.44
N ALA C 293 -0.73 -18.92 -14.72
CA ALA C 293 -1.69 -18.61 -15.76
C ALA C 293 -2.21 -19.83 -16.51
N GLN C 294 -1.39 -20.84 -16.74
CA GLN C 294 -1.77 -21.91 -17.66
C GLN C 294 -1.06 -23.22 -17.29
N VAL C 295 -1.84 -24.26 -17.07
CA VAL C 295 -1.35 -25.63 -16.92
C VAL C 295 -1.97 -26.48 -18.02
N ARG C 296 -1.15 -27.32 -18.64
CA ARG C 296 -1.56 -28.12 -19.79
C ARG C 296 -1.85 -29.54 -19.35
N MET C 297 -3.01 -30.07 -19.75
CA MET C 297 -3.44 -31.42 -19.42
C MET C 297 -3.57 -32.21 -20.71
N GLU C 298 -2.87 -33.33 -20.81
CA GLU C 298 -2.91 -34.20 -21.98
C GLU C 298 -3.43 -35.56 -21.56
N PHE C 299 -4.63 -35.90 -21.99
CA PHE C 299 -5.26 -37.19 -21.69
C PHE C 299 -5.11 -38.12 -22.88
N ALA C 300 -4.59 -39.31 -22.64
CA ALA C 300 -4.43 -40.31 -23.67
C ALA C 300 -4.34 -41.70 -23.04
N ASP C 301 -5.01 -42.66 -23.65
CA ASP C 301 -5.09 -44.02 -23.11
C ASP C 301 -5.63 -43.96 -21.68
N ASP C 302 -4.76 -44.20 -20.69
CA ASP C 302 -5.10 -44.07 -19.28
C ASP C 302 -4.03 -43.27 -18.56
N VAL C 303 -3.47 -42.28 -19.24
CA VAL C 303 -2.39 -41.45 -18.70
C VAL C 303 -2.77 -39.99 -18.84
N LEU C 304 -2.41 -39.20 -17.82
CA LEU C 304 -2.59 -37.76 -17.79
C LEU C 304 -1.21 -37.12 -17.70
N HIS C 305 -0.80 -36.43 -18.77
CA HIS C 305 0.48 -35.76 -18.82
C HIS C 305 0.25 -34.28 -18.52
N LEU C 306 0.57 -33.89 -17.28
CA LEU C 306 0.54 -32.49 -16.89
C LEU C 306 1.84 -31.81 -17.29
N SER C 307 1.74 -30.54 -17.66
CA SER C 307 2.91 -29.78 -18.06
C SER C 307 2.62 -28.30 -17.87
N ALA C 308 3.70 -27.51 -17.87
CA ALA C 308 3.59 -26.06 -17.71
C ALA C 308 4.99 -25.47 -17.80
N GLY C 309 5.05 -24.16 -17.96
CA GLY C 309 6.27 -23.40 -17.81
C GLY C 309 6.77 -22.81 -19.11
N ALA C 310 7.82 -22.00 -18.98
CA ALA C 310 8.50 -21.36 -20.09
C ALA C 310 9.99 -21.62 -19.98
N ASP C 311 10.72 -21.22 -21.02
CA ASP C 311 12.17 -21.36 -21.02
C ASP C 311 12.87 -20.28 -20.18
N ASP C 312 12.16 -19.21 -19.82
CA ASP C 312 12.74 -18.15 -19.00
C ASP C 312 12.51 -18.38 -17.52
N VAL C 313 11.48 -19.12 -17.15
CA VAL C 313 11.19 -19.47 -15.77
C VAL C 313 11.57 -20.92 -15.46
N GLY C 314 11.17 -21.83 -16.32
CA GLY C 314 11.35 -23.26 -16.11
C GLY C 314 10.19 -24.01 -16.71
N ARG C 315 10.39 -25.32 -16.88
CA ARG C 315 9.38 -26.18 -17.50
C ARG C 315 9.21 -27.42 -16.63
N ALA C 316 7.97 -27.68 -16.23
CA ALA C 316 7.64 -28.81 -15.38
C ALA C 316 6.63 -29.72 -16.08
N GLU C 317 6.64 -30.99 -15.69
CA GLU C 317 5.69 -31.95 -16.21
C GLU C 317 5.64 -33.15 -15.28
N GLU C 318 4.51 -33.86 -15.30
CA GLU C 318 4.30 -35.00 -14.42
C GLU C 318 3.17 -35.86 -14.98
N ASP C 319 3.37 -37.18 -14.92
CA ASP C 319 2.41 -38.13 -15.45
C ASP C 319 1.65 -38.80 -14.31
N LEU C 320 0.33 -38.94 -14.49
CA LEU C 320 -0.52 -39.58 -13.51
C LEU C 320 -1.40 -40.63 -14.19
N PRO C 321 -1.73 -41.71 -13.48
CA PRO C 321 -2.70 -42.66 -14.02
C PRO C 321 -4.11 -42.12 -13.88
N VAL C 322 -4.90 -42.23 -14.94
CA VAL C 322 -6.25 -41.66 -14.99
C VAL C 322 -7.17 -42.64 -15.68
N SER C 323 -8.39 -42.78 -15.16
CA SER C 323 -9.43 -43.57 -15.81
C SER C 323 -10.04 -42.69 -16.89
N PHE C 324 -9.58 -42.87 -18.13
CA PHE C 324 -9.98 -42.03 -19.25
C PHE C 324 -10.77 -42.84 -20.26
N SER C 325 -11.82 -42.22 -20.80
CA SER C 325 -12.64 -42.83 -21.83
C SER C 325 -13.07 -41.75 -22.81
N GLY C 326 -13.06 -42.10 -24.09
CA GLY C 326 -13.43 -41.18 -25.15
C GLY C 326 -12.26 -40.79 -26.02
N GLU C 327 -12.44 -39.69 -26.75
CA GLU C 327 -11.41 -39.23 -27.68
C GLU C 327 -10.26 -38.59 -26.92
N PRO C 328 -9.00 -38.89 -27.28
CA PRO C 328 -7.87 -38.23 -26.62
C PRO C 328 -8.01 -36.72 -26.67
N LEU C 329 -7.49 -36.05 -25.65
CA LEU C 329 -7.75 -34.63 -25.47
C LEU C 329 -6.52 -33.93 -24.91
N THR C 330 -6.30 -32.69 -25.35
CA THR C 330 -5.26 -31.83 -24.80
C THR C 330 -5.90 -30.47 -24.52
N ILE C 331 -6.02 -30.11 -23.25
CA ILE C 331 -6.74 -28.91 -22.84
C ILE C 331 -6.02 -28.29 -21.65
N ALA C 332 -6.01 -26.96 -21.61
CA ALA C 332 -5.29 -26.20 -20.60
C ALA C 332 -6.26 -25.43 -19.71
N PHE C 333 -5.86 -25.22 -18.46
CA PHE C 333 -6.67 -24.51 -17.50
C PHE C 333 -5.78 -23.61 -16.64
N ASN C 334 -6.43 -22.73 -15.89
CA ASN C 334 -5.75 -21.92 -14.89
C ASN C 334 -5.48 -22.77 -13.67
N PRO C 335 -4.23 -22.90 -13.20
CA PRO C 335 -3.98 -23.78 -12.05
C PRO C 335 -4.77 -23.41 -10.81
N GLY C 336 -4.91 -22.10 -10.53
CA GLY C 336 -5.66 -21.69 -9.35
C GLY C 336 -7.14 -22.05 -9.47
N TYR C 337 -7.75 -21.71 -10.61
CA TYR C 337 -9.15 -22.07 -10.82
C TYR C 337 -9.34 -23.58 -10.69
N LEU C 338 -8.43 -24.36 -11.28
CA LEU C 338 -8.56 -25.81 -11.23
C LEU C 338 -8.52 -26.32 -9.79
N THR C 339 -7.56 -25.83 -9.01
CA THR C 339 -7.46 -26.27 -7.62
C THR C 339 -8.63 -25.78 -6.79
N ASP C 340 -9.19 -24.61 -7.12
CA ASP C 340 -10.39 -24.16 -6.43
C ASP C 340 -11.53 -25.13 -6.64
N GLY C 341 -11.75 -25.56 -7.89
CA GLY C 341 -12.79 -26.55 -8.14
C GLY C 341 -12.54 -27.85 -7.39
N LEU C 342 -11.34 -28.41 -7.55
CA LEU C 342 -11.02 -29.67 -6.87
C LEU C 342 -11.22 -29.54 -5.37
N GLY C 343 -10.85 -28.39 -4.78
CA GLY C 343 -11.03 -28.20 -3.36
C GLY C 343 -12.49 -28.12 -2.95
N ALA C 344 -13.36 -27.67 -3.85
CA ALA C 344 -14.77 -27.55 -3.52
C ALA C 344 -15.54 -28.85 -3.70
N LEU C 345 -15.02 -29.79 -4.51
CA LEU C 345 -15.75 -31.04 -4.75
C LEU C 345 -16.11 -31.74 -3.45
N HIS C 346 -15.20 -31.73 -2.47
CA HIS C 346 -15.41 -32.42 -1.20
C HIS C 346 -15.63 -33.92 -1.41
N SER C 347 -15.04 -34.46 -2.46
CA SER C 347 -15.12 -35.88 -2.77
C SER C 347 -13.73 -36.48 -2.85
N GLU C 348 -13.64 -37.79 -2.59
CA GLU C 348 -12.35 -38.47 -2.66
C GLU C 348 -11.89 -38.69 -4.09
N ARG C 349 -12.76 -38.48 -5.08
CA ARG C 349 -12.45 -38.79 -6.46
C ARG C 349 -13.28 -37.89 -7.38
N VAL C 350 -12.64 -37.34 -8.40
CA VAL C 350 -13.25 -36.37 -9.30
C VAL C 350 -13.46 -37.00 -10.66
N THR C 351 -14.49 -36.55 -11.36
CA THR C 351 -14.75 -36.92 -12.75
C THR C 351 -14.84 -35.66 -13.60
N PHE C 352 -14.09 -35.66 -14.70
CA PHE C 352 -14.05 -34.57 -15.66
C PHE C 352 -14.89 -34.91 -16.88
N GLY C 353 -15.70 -33.96 -17.33
CA GLY C 353 -16.45 -34.09 -18.56
C GLY C 353 -16.00 -33.07 -19.59
N PHE C 354 -15.44 -33.55 -20.69
CA PHE C 354 -14.85 -32.69 -21.71
C PHE C 354 -15.61 -32.79 -23.03
N THR C 355 -15.57 -31.69 -23.78
CA THR C 355 -16.02 -31.69 -25.17
C THR C 355 -14.88 -31.25 -26.08
N THR C 356 -14.54 -29.96 -26.10
CA THR C 356 -13.49 -29.39 -26.92
C THR C 356 -12.48 -28.66 -26.04
N PRO C 357 -11.22 -28.59 -26.45
CA PRO C 357 -10.25 -27.78 -25.68
C PRO C 357 -10.61 -26.31 -25.61
N SER C 358 -11.62 -25.85 -26.35
CA SER C 358 -12.06 -24.46 -26.32
C SER C 358 -13.41 -24.28 -25.64
N LYS C 359 -13.94 -25.30 -24.98
CA LYS C 359 -15.25 -25.25 -24.35
C LYS C 359 -15.14 -25.66 -22.90
N PRO C 360 -16.11 -25.28 -22.07
CA PRO C 360 -15.99 -25.51 -20.63
C PRO C 360 -15.84 -26.99 -20.30
N ALA C 361 -15.21 -27.25 -19.17
CA ALA C 361 -15.06 -28.60 -18.63
C ALA C 361 -15.90 -28.74 -17.37
N VAL C 362 -16.50 -29.91 -17.20
CA VAL C 362 -17.34 -30.21 -16.04
C VAL C 362 -16.50 -30.95 -15.02
N LEU C 363 -16.44 -30.43 -13.80
CA LEU C 363 -15.80 -31.10 -12.67
C LEU C 363 -16.90 -31.46 -11.67
N ARG C 364 -17.04 -32.76 -11.38
CA ARG C 364 -18.05 -33.18 -10.42
C ARG C 364 -17.52 -34.37 -9.65
N PRO C 365 -18.11 -34.67 -8.48
CA PRO C 365 -17.70 -35.88 -7.75
C PRO C 365 -17.90 -37.12 -8.60
N ALA C 366 -17.04 -38.10 -8.38
CA ALA C 366 -17.13 -39.35 -9.13
C ALA C 366 -18.21 -40.24 -8.54
N THR C 367 -18.69 -41.17 -9.37
CA THR C 367 -19.71 -42.12 -8.98
C THR C 367 -19.41 -43.47 -9.61
N GLU C 368 -19.97 -44.53 -9.03
CA GLU C 368 -19.76 -45.87 -9.57
C GLU C 368 -20.18 -45.93 -11.03
N ALA C 369 -21.27 -45.23 -11.39
CA ALA C 369 -21.71 -45.20 -12.78
C ALA C 369 -20.59 -44.74 -13.69
N ASP C 370 -19.77 -43.78 -13.25
CA ASP C 370 -18.65 -43.33 -14.06
C ASP C 370 -17.72 -44.49 -14.40
N ALA C 371 -17.49 -45.39 -13.44
CA ALA C 371 -16.64 -46.54 -13.70
C ALA C 371 -17.29 -47.57 -14.63
N ALA C 372 -18.55 -47.37 -15.01
CA ALA C 372 -19.25 -48.28 -15.93
C ALA C 372 -19.33 -47.69 -17.33
N LEU C 373 -18.24 -47.13 -17.84
CA LEU C 373 -18.18 -46.54 -19.17
C LEU C 373 -16.97 -47.08 -19.90
N ASN C 374 -17.19 -47.59 -21.12
CA ASN C 374 -16.08 -48.14 -21.91
C ASN C 374 -16.32 -47.96 -23.40
N GLY C 375 -17.06 -46.93 -23.80
CA GLY C 375 -17.33 -46.66 -25.19
C GLY C 375 -16.57 -45.44 -25.69
N ASN C 376 -16.56 -45.28 -27.01
CA ASN C 376 -15.93 -44.12 -27.64
C ASN C 376 -16.71 -42.84 -27.38
N GLY C 377 -17.93 -42.93 -26.88
CA GLY C 377 -18.74 -41.76 -26.61
C GLY C 377 -19.68 -41.45 -27.75
N PRO C 378 -20.42 -40.33 -27.64
CA PRO C 378 -20.37 -39.41 -26.50
C PRO C 378 -21.01 -40.00 -25.24
N PHE C 379 -20.98 -39.23 -24.15
CA PHE C 379 -21.49 -39.69 -22.87
C PHE C 379 -22.52 -38.68 -22.37
N PRO C 380 -23.73 -39.11 -22.00
CA PRO C 380 -24.70 -38.16 -21.46
C PRO C 380 -24.16 -37.50 -20.19
N ALA C 381 -24.46 -36.21 -20.05
CA ALA C 381 -24.06 -35.47 -18.86
C ALA C 381 -24.89 -35.95 -17.68
N ALA C 382 -24.25 -36.67 -16.75
CA ALA C 382 -24.96 -37.21 -15.61
C ALA C 382 -25.46 -36.09 -14.70
N GLU C 383 -26.46 -36.42 -13.89
CA GLU C 383 -27.00 -35.50 -12.91
C GLU C 383 -26.25 -35.66 -11.59
N THR C 384 -25.87 -34.54 -10.98
CA THR C 384 -25.12 -34.54 -9.74
C THR C 384 -25.62 -33.41 -8.85
N ASP C 385 -25.21 -33.46 -7.58
CA ASP C 385 -25.58 -32.42 -6.64
C ASP C 385 -24.72 -31.17 -6.82
N TYR C 386 -23.45 -31.32 -7.17
CA TYR C 386 -22.53 -30.21 -7.32
C TYR C 386 -21.81 -30.31 -8.65
N VAL C 387 -21.66 -29.16 -9.32
CA VAL C 387 -20.93 -29.08 -10.57
C VAL C 387 -20.06 -27.83 -10.54
N TYR C 388 -18.82 -27.98 -11.00
CA TYR C 388 -17.85 -26.89 -11.12
C TYR C 388 -17.44 -26.83 -12.58
N LEU C 389 -18.04 -25.90 -13.33
CA LEU C 389 -17.76 -25.74 -14.74
C LEU C 389 -16.62 -24.74 -14.91
N LEU C 390 -15.54 -25.15 -15.58
CA LEU C 390 -14.33 -24.34 -15.69
C LEU C 390 -14.00 -24.10 -17.16
N MET C 391 -13.83 -22.81 -17.52
CA MET C 391 -13.55 -22.46 -18.91
C MET C 391 -12.04 -22.60 -19.19
N PRO C 392 -11.66 -23.13 -20.34
CA PRO C 392 -10.24 -23.44 -20.57
C PRO C 392 -9.44 -22.23 -21.04
N VAL C 393 -8.14 -22.46 -21.14
CA VAL C 393 -7.18 -21.48 -21.63
C VAL C 393 -6.78 -21.87 -23.05
N ARG C 394 -6.66 -20.87 -23.93
CA ARG C 394 -6.27 -21.14 -25.30
C ARG C 394 -4.85 -21.68 -25.36
N LEU C 395 -4.62 -22.63 -26.30
CA LEU C 395 -3.31 -23.21 -26.51
C LEU C 395 -2.63 -22.58 -27.72
N PRO C 396 -1.29 -22.41 -27.70
CA PRO C 396 -0.58 -21.79 -28.83
C PRO C 396 -0.92 -22.41 -30.18
N THR D 9 -5.69 -11.14 -45.00
CA THR D 9 -4.82 -10.13 -45.57
C THR D 9 -4.06 -9.38 -44.48
N ASP D 10 -2.88 -8.87 -44.83
CA ASP D 10 -2.01 -8.19 -43.88
C ASP D 10 -2.18 -6.68 -44.02
N LEU D 11 -2.50 -6.03 -42.91
CA LEU D 11 -2.72 -4.58 -42.91
C LEU D 11 -1.44 -3.83 -43.24
N LYS D 12 -1.60 -2.70 -43.92
CA LYS D 12 -0.48 -1.81 -44.22
C LYS D 12 -1.04 -0.43 -44.47
N VAL D 13 -0.61 0.55 -43.68
CA VAL D 13 -1.28 1.84 -43.62
C VAL D 13 -0.27 2.90 -43.16
N ARG D 14 -0.48 4.13 -43.61
CA ARG D 14 0.28 5.28 -43.14
C ARG D 14 -0.68 6.27 -42.49
N LEU D 15 -0.26 6.85 -41.36
CA LEU D 15 -1.13 7.68 -40.55
C LEU D 15 -0.38 8.92 -40.09
N VAL D 16 -1.14 9.95 -39.72
CA VAL D 16 -0.58 11.15 -39.12
C VAL D 16 -0.33 10.90 -37.64
N ARG D 17 0.80 11.38 -37.14
CA ARG D 17 1.17 11.08 -35.76
C ARG D 17 0.10 11.55 -34.78
N ASP D 18 -0.29 12.82 -34.86
CA ASP D 18 -1.21 13.37 -33.86
C ASP D 18 -2.54 12.65 -33.88
N ASP D 19 -3.11 12.39 -35.06
CA ASP D 19 -4.36 11.67 -35.15
C ASP D 19 -4.25 10.30 -34.49
N PHE D 20 -3.22 9.54 -34.86
CA PHE D 20 -3.04 8.19 -34.34
C PHE D 20 -2.82 8.21 -32.83
N ALA D 21 -1.95 9.11 -32.35
CA ALA D 21 -1.62 9.15 -30.94
C ALA D 21 -2.82 9.59 -30.11
N ASP D 22 -3.55 10.60 -30.56
CA ASP D 22 -4.74 11.05 -29.84
C ASP D 22 -5.79 9.95 -29.79
N ALA D 23 -6.06 9.33 -30.94
CA ALA D 23 -7.05 8.26 -30.99
C ALA D 23 -6.66 7.11 -30.07
N VAL D 24 -5.41 6.64 -30.18
CA VAL D 24 -4.95 5.56 -29.30
C VAL D 24 -5.06 5.99 -27.84
N ALA D 25 -4.77 7.26 -27.55
CA ALA D 25 -4.82 7.74 -26.17
C ALA D 25 -6.24 7.65 -25.62
N TRP D 26 -7.23 8.11 -26.39
CA TRP D 26 -8.61 8.06 -25.93
C TRP D 26 -9.07 6.62 -25.75
N VAL D 27 -8.83 5.79 -26.77
CA VAL D 27 -9.25 4.39 -26.68
C VAL D 27 -8.54 3.67 -25.54
N ALA D 28 -7.34 4.12 -25.18
CA ALA D 28 -6.55 3.42 -24.17
C ALA D 28 -7.06 3.66 -22.76
N ARG D 29 -7.91 4.66 -22.55
CA ARG D 29 -8.43 4.92 -21.21
C ARG D 29 -9.46 3.87 -20.80
N SER D 30 -10.17 3.29 -21.77
CA SER D 30 -11.13 2.22 -21.50
C SER D 30 -10.48 0.85 -21.43
N LEU D 31 -9.14 0.78 -21.43
CA LEU D 31 -8.45 -0.50 -21.36
C LEU D 31 -8.38 -0.99 -19.92
N PRO D 32 -8.55 -2.28 -19.68
CA PRO D 32 -8.36 -2.82 -18.34
C PRO D 32 -6.88 -3.02 -18.01
N SER D 33 -6.61 -3.19 -16.72
CA SER D 33 -5.26 -3.41 -16.22
C SER D 33 -5.12 -4.88 -15.83
N ARG D 34 -4.21 -5.57 -16.50
CA ARG D 34 -4.00 -7.01 -16.30
C ARG D 34 -5.34 -7.74 -16.27
N PRO D 35 -6.03 -7.84 -17.41
CA PRO D 35 -7.31 -8.54 -17.43
C PRO D 35 -7.15 -10.05 -17.47
N THR D 36 -8.09 -10.75 -16.84
CA THR D 36 -8.05 -12.20 -16.84
C THR D 36 -8.11 -12.75 -18.26
N VAL D 37 -8.80 -12.06 -19.16
CA VAL D 37 -8.85 -12.43 -20.57
C VAL D 37 -7.77 -11.64 -21.30
N PRO D 38 -6.62 -12.24 -21.62
CA PRO D 38 -5.49 -11.45 -22.13
C PRO D 38 -5.82 -10.57 -23.32
N VAL D 39 -6.59 -11.07 -24.30
CA VAL D 39 -6.85 -10.29 -25.49
C VAL D 39 -7.50 -8.96 -25.18
N LEU D 40 -8.19 -8.85 -24.03
CA LEU D 40 -8.85 -7.60 -23.68
C LEU D 40 -7.86 -6.46 -23.45
N ALA D 41 -6.60 -6.78 -23.20
CA ALA D 41 -5.58 -5.74 -23.04
C ALA D 41 -5.14 -5.16 -24.38
N GLY D 42 -5.60 -5.72 -25.49
CA GLY D 42 -5.18 -5.27 -26.79
C GLY D 42 -6.10 -4.22 -27.39
N VAL D 43 -5.53 -3.45 -28.31
CA VAL D 43 -6.28 -2.49 -29.11
C VAL D 43 -6.45 -3.08 -30.49
N LEU D 44 -7.67 -2.97 -31.03
CA LEU D 44 -8.00 -3.52 -32.34
C LEU D 44 -7.83 -2.43 -33.39
N LEU D 45 -6.98 -2.69 -34.37
CA LEU D 45 -6.74 -1.78 -35.49
C LEU D 45 -7.31 -2.41 -36.75
N THR D 46 -8.26 -1.72 -37.39
CA THR D 46 -8.92 -2.21 -38.59
C THR D 46 -8.83 -1.11 -39.65
N GLY D 47 -8.03 -1.34 -40.69
CA GLY D 47 -7.86 -0.37 -41.77
C GLY D 47 -8.63 -0.79 -42.99
N SER D 48 -9.45 0.13 -43.50
CA SER D 48 -10.29 -0.14 -44.65
C SER D 48 -10.62 1.16 -45.37
N ASP D 49 -10.84 1.05 -46.69
CA ASP D 49 -11.17 2.20 -47.52
C ASP D 49 -10.12 3.29 -47.37
N ASP D 50 -10.40 4.30 -46.55
CA ASP D 50 -9.48 5.39 -46.28
C ASP D 50 -9.59 5.81 -44.83
N GLY D 51 -9.65 4.84 -43.93
CA GLY D 51 -9.73 5.13 -42.51
C GLY D 51 -9.20 3.97 -41.69
N LEU D 52 -8.71 4.30 -40.50
CA LEU D 52 -8.28 3.30 -39.53
C LEU D 52 -9.21 3.38 -38.32
N THR D 53 -9.78 2.25 -37.95
CA THR D 53 -10.65 2.15 -36.78
C THR D 53 -9.85 1.56 -35.63
N ILE D 54 -9.90 2.22 -34.48
CA ILE D 54 -9.16 1.84 -33.28
C ILE D 54 -10.20 1.55 -32.20
N SER D 55 -10.14 0.36 -31.63
CA SER D 55 -11.20 -0.11 -30.73
C SER D 55 -10.62 -0.78 -29.50
N SER D 56 -11.36 -0.65 -28.39
CA SER D 56 -11.06 -1.36 -27.15
C SER D 56 -12.38 -1.74 -26.49
N PHE D 57 -12.31 -2.75 -25.62
CA PHE D 57 -13.50 -3.31 -25.00
C PHE D 57 -13.08 -4.16 -23.80
N ASP D 58 -13.93 -4.18 -22.77
CA ASP D 58 -13.66 -4.98 -21.58
C ASP D 58 -14.94 -5.57 -20.99
N TYR D 59 -15.93 -5.85 -21.83
CA TYR D 59 -17.21 -6.43 -21.43
C TYR D 59 -18.13 -5.39 -20.78
N GLU D 60 -17.57 -4.33 -20.21
CA GLU D 60 -18.36 -3.26 -19.60
C GLU D 60 -18.43 -2.01 -20.46
N VAL D 61 -17.28 -1.52 -20.93
CA VAL D 61 -17.20 -0.31 -21.73
C VAL D 61 -16.54 -0.64 -23.05
N SER D 62 -16.98 0.03 -24.12
CA SER D 62 -16.37 -0.09 -25.43
C SER D 62 -16.02 1.29 -25.94
N ALA D 63 -14.86 1.41 -26.59
CA ALA D 63 -14.41 2.65 -27.19
C ALA D 63 -14.01 2.38 -28.63
N GLU D 64 -14.50 3.21 -29.54
CA GLU D 64 -14.24 3.02 -30.97
C GLU D 64 -14.10 4.38 -31.63
N VAL D 65 -12.98 4.58 -32.32
CA VAL D 65 -12.70 5.84 -33.00
C VAL D 65 -12.13 5.54 -34.38
N GLN D 66 -12.45 6.40 -35.34
CA GLN D 66 -11.96 6.27 -36.70
C GLN D 66 -11.19 7.53 -37.09
N ILE D 67 -10.09 7.35 -37.82
CA ILE D 67 -9.25 8.47 -38.22
C ILE D 67 -8.89 8.30 -39.69
N PRO D 68 -8.48 9.38 -40.35
CA PRO D 68 -7.99 9.27 -41.73
C PRO D 68 -6.75 8.39 -41.79
N ALA D 69 -6.50 7.83 -42.96
CA ALA D 69 -5.40 6.88 -43.10
C ALA D 69 -5.17 6.56 -44.56
N GLU D 70 -3.89 6.57 -44.97
CA GLU D 70 -3.50 6.10 -46.30
C GLU D 70 -3.42 4.58 -46.25
N ILE D 71 -4.47 3.92 -46.73
CA ILE D 71 -4.53 2.47 -46.71
C ILE D 71 -3.83 1.92 -47.95
N ALA D 72 -2.75 1.17 -47.74
CA ALA D 72 -2.09 0.46 -48.82
C ALA D 72 -2.54 -1.00 -48.91
N ALA D 73 -3.02 -1.57 -47.82
CA ALA D 73 -3.54 -2.93 -47.80
C ALA D 73 -4.46 -3.07 -46.59
N PRO D 74 -5.77 -3.26 -46.79
CA PRO D 74 -6.68 -3.33 -45.65
C PRO D 74 -6.38 -4.53 -44.77
N GLY D 75 -6.95 -4.52 -43.58
CA GLY D 75 -6.78 -5.64 -42.68
C GLY D 75 -7.06 -5.25 -41.25
N THR D 76 -6.90 -6.24 -40.37
CA THR D 76 -7.14 -6.08 -38.94
C THR D 76 -6.02 -6.73 -38.17
N VAL D 77 -5.70 -6.14 -37.01
CA VAL D 77 -4.66 -6.67 -36.15
C VAL D 77 -4.96 -6.24 -34.72
N LEU D 78 -4.53 -7.06 -33.76
CA LEU D 78 -4.70 -6.79 -32.33
C LEU D 78 -3.32 -6.63 -31.71
N VAL D 79 -3.10 -5.50 -31.04
CA VAL D 79 -1.79 -5.16 -30.50
C VAL D 79 -1.95 -4.71 -29.04
N SER D 80 -0.88 -4.88 -28.26
CA SER D 80 -0.91 -4.46 -26.87
C SER D 80 -1.30 -2.99 -26.75
N GLY D 81 -2.39 -2.74 -26.04
CA GLY D 81 -2.92 -1.40 -25.92
C GLY D 81 -2.01 -0.41 -25.22
N ARG D 82 -1.63 -0.69 -23.98
CA ARG D 82 -0.79 0.24 -23.23
CA ARG D 82 -0.79 0.24 -23.23
C ARG D 82 0.53 0.49 -23.95
N LEU D 83 1.13 -0.56 -24.51
CA LEU D 83 2.40 -0.40 -25.21
C LEU D 83 2.23 0.49 -26.44
N LEU D 84 1.22 0.21 -27.26
CA LEU D 84 0.95 1.08 -28.40
C LEU D 84 0.73 2.52 -27.95
N SER D 85 0.10 2.71 -26.80
CA SER D 85 -0.14 4.04 -26.28
C SER D 85 1.18 4.75 -25.98
N GLU D 86 2.04 4.12 -25.17
CA GLU D 86 3.32 4.73 -24.83
C GLU D 86 4.12 5.04 -26.09
N ILE D 87 4.22 4.06 -27.00
CA ILE D 87 4.99 4.27 -28.23
C ILE D 87 4.47 5.49 -28.97
N THR D 88 3.16 5.54 -29.24
CA THR D 88 2.61 6.66 -29.99
C THR D 88 2.83 7.98 -29.26
N ARG D 89 2.81 7.97 -27.92
CA ARG D 89 3.13 9.19 -27.19
C ARG D 89 4.53 9.68 -27.51
N ALA D 90 5.48 8.76 -27.64
CA ALA D 90 6.89 9.11 -27.78
C ALA D 90 7.37 9.17 -29.24
N LEU D 91 6.45 9.16 -30.20
CA LEU D 91 6.89 9.13 -31.59
C LEU D 91 7.29 10.52 -32.07
N PRO D 92 8.22 10.60 -33.02
CA PRO D 92 8.51 11.90 -33.66
C PRO D 92 7.29 12.42 -34.40
N ASN D 93 7.31 13.72 -34.68
CA ASN D 93 6.26 14.37 -35.47
C ASN D 93 6.54 14.11 -36.95
N LYS D 94 6.35 12.85 -37.34
CA LYS D 94 6.57 12.39 -38.71
C LYS D 94 5.48 11.38 -39.02
N PRO D 95 5.29 11.07 -40.30
CA PRO D 95 4.29 10.04 -40.66
C PRO D 95 4.59 8.73 -39.94
N VAL D 96 3.52 8.06 -39.51
CA VAL D 96 3.61 6.80 -38.80
C VAL D 96 3.19 5.70 -39.77
N ASP D 97 4.13 4.83 -40.12
CA ASP D 97 3.90 3.72 -41.04
C ASP D 97 3.69 2.44 -40.24
N LEU D 98 2.52 1.84 -40.40
CA LEU D 98 2.14 0.62 -39.69
C LEU D 98 1.94 -0.49 -40.71
N SER D 99 2.64 -1.61 -40.53
CA SER D 99 2.60 -2.70 -41.49
C SER D 99 2.65 -4.03 -40.76
N VAL D 100 1.78 -4.96 -41.13
CA VAL D 100 1.73 -6.28 -40.53
C VAL D 100 2.59 -7.22 -41.37
N GLU D 101 3.48 -7.96 -40.70
CA GLU D 101 4.38 -8.89 -41.37
C GLU D 101 4.47 -10.15 -40.51
N GLY D 102 3.98 -11.26 -41.03
CA GLY D 102 3.98 -12.49 -40.27
C GLY D 102 3.19 -12.32 -38.98
N THR D 103 3.80 -12.70 -37.87
CA THR D 103 3.18 -12.60 -36.55
C THR D 103 3.58 -11.31 -35.83
N ARG D 104 4.08 -10.31 -36.54
CA ARG D 104 4.54 -9.09 -35.92
C ARG D 104 4.00 -7.87 -36.66
N VAL D 105 3.89 -6.77 -35.93
CA VAL D 105 3.41 -5.49 -36.46
C VAL D 105 4.57 -4.52 -36.42
N SER D 106 5.01 -4.06 -37.59
CA SER D 106 6.06 -3.07 -37.71
C SER D 106 5.45 -1.68 -37.61
N LEU D 107 6.06 -0.83 -36.79
CA LEU D 107 5.64 0.56 -36.64
C LEU D 107 6.88 1.43 -36.79
N THR D 108 6.92 2.22 -37.87
CA THR D 108 8.06 3.05 -38.21
C THR D 108 7.65 4.51 -38.20
N CYS D 109 8.46 5.35 -37.57
CA CYS D 109 8.22 6.79 -37.55
C CYS D 109 9.59 7.48 -37.53
N GLY D 110 9.93 8.13 -38.64
CA GLY D 110 11.27 8.70 -38.73
C GLY D 110 12.31 7.61 -38.59
N SER D 111 13.25 7.82 -37.68
CA SER D 111 14.28 6.83 -37.40
C SER D 111 13.85 5.79 -36.38
N ALA D 112 12.72 6.00 -35.70
CA ALA D 112 12.24 5.05 -34.71
C ALA D 112 11.58 3.86 -35.39
N ARG D 113 11.93 2.65 -34.96
CA ARG D 113 11.38 1.43 -35.53
C ARG D 113 10.99 0.48 -34.42
N PHE D 114 9.73 0.05 -34.41
CA PHE D 114 9.20 -0.88 -33.44
C PHE D 114 8.64 -2.11 -34.13
N SER D 115 8.69 -3.24 -33.43
CA SER D 115 8.11 -4.50 -33.91
C SER D 115 7.39 -5.14 -32.74
N LEU D 116 6.05 -5.09 -32.75
CA LEU D 116 5.25 -5.65 -31.68
C LEU D 116 4.65 -6.99 -32.09
N PRO D 117 4.48 -7.93 -31.16
CA PRO D 117 3.84 -9.20 -31.53
C PRO D 117 2.35 -9.03 -31.69
N THR D 118 1.79 -9.77 -32.66
CA THR D 118 0.36 -9.77 -32.89
C THR D 118 -0.33 -10.62 -31.83
N MET D 119 -1.51 -10.18 -31.41
CA MET D 119 -2.33 -10.90 -30.46
C MET D 119 -3.43 -11.68 -31.18
N ALA D 120 -4.12 -12.53 -30.42
CA ALA D 120 -5.10 -13.45 -30.98
C ALA D 120 -6.37 -12.70 -31.34
N VAL D 121 -6.43 -12.18 -32.57
CA VAL D 121 -7.65 -11.54 -33.04
C VAL D 121 -8.81 -12.53 -33.08
N GLU D 122 -8.50 -13.81 -33.30
CA GLU D 122 -9.55 -14.82 -33.38
C GLU D 122 -10.38 -14.85 -32.10
N ASP D 123 -9.73 -14.67 -30.94
CA ASP D 123 -10.40 -14.76 -29.65
C ASP D 123 -10.84 -13.40 -29.13
N TYR D 124 -10.71 -12.34 -29.92
CA TYR D 124 -11.12 -11.02 -29.44
C TYR D 124 -12.64 -10.86 -29.58
N PRO D 125 -13.33 -10.40 -28.54
CA PRO D 125 -14.79 -10.34 -28.60
C PRO D 125 -15.28 -9.30 -29.59
N ALA D 126 -16.49 -9.53 -30.08
CA ALA D 126 -17.15 -8.55 -30.93
C ALA D 126 -17.62 -7.37 -30.09
N LEU D 127 -17.41 -6.17 -30.60
CA LEU D 127 -17.81 -4.98 -29.86
C LEU D 127 -19.33 -4.88 -29.82
N PRO D 128 -19.91 -4.39 -28.73
CA PRO D 128 -21.36 -4.22 -28.70
C PRO D 128 -21.82 -3.22 -29.74
N GLU D 129 -22.92 -3.54 -30.42
CA GLU D 129 -23.52 -2.62 -31.37
C GLU D 129 -24.44 -1.66 -30.63
N LEU D 130 -24.32 -0.37 -30.94
CA LEU D 130 -25.06 0.64 -30.21
C LEU D 130 -26.56 0.46 -30.41
N PRO D 131 -27.38 0.75 -29.38
CA PRO D 131 -28.83 0.75 -29.58
C PRO D 131 -29.28 1.78 -30.61
N ALA D 132 -30.57 1.82 -30.90
CA ALA D 132 -31.09 2.83 -31.79
C ALA D 132 -30.92 4.22 -31.19
N GLU D 133 -30.73 5.21 -32.05
CA GLU D 133 -30.61 6.58 -31.58
C GLU D 133 -31.87 6.99 -30.82
N THR D 134 -31.67 7.65 -29.68
CA THR D 134 -32.76 8.17 -28.87
C THR D 134 -32.89 9.69 -28.93
N GLY D 135 -31.77 10.39 -29.08
CA GLY D 135 -31.81 11.84 -29.15
C GLY D 135 -30.40 12.41 -29.10
N SER D 136 -30.35 13.73 -29.16
CA SER D 136 -29.10 14.47 -29.13
C SER D 136 -29.12 15.45 -27.96
N VAL D 137 -27.92 15.81 -27.50
CA VAL D 137 -27.77 16.76 -26.39
C VAL D 137 -26.48 17.54 -26.58
N PRO D 138 -26.45 18.84 -26.30
CA PRO D 138 -25.18 19.58 -26.42
C PRO D 138 -24.08 18.94 -25.59
N ALA D 139 -22.89 18.88 -26.17
CA ALA D 139 -21.79 18.12 -25.57
C ALA D 139 -21.33 18.76 -24.25
N ASP D 140 -20.93 20.03 -24.30
CA ASP D 140 -20.42 20.67 -23.10
CA ASP D 140 -20.42 20.67 -23.10
C ASP D 140 -21.48 20.75 -22.01
N LEU D 141 -22.74 20.95 -22.40
CA LEU D 141 -23.81 20.97 -21.42
C LEU D 141 -24.00 19.61 -20.77
N PHE D 142 -24.00 18.54 -21.58
CA PHE D 142 -24.07 17.20 -21.04
C PHE D 142 -22.89 16.91 -20.11
N ALA D 143 -21.69 17.31 -20.51
CA ALA D 143 -20.51 17.08 -19.67
C ALA D 143 -20.60 17.84 -18.36
N GLU D 144 -21.04 19.11 -18.42
CA GLU D 144 -21.20 19.89 -17.19
C GLU D 144 -22.20 19.21 -16.26
N ALA D 145 -23.36 18.80 -16.79
CA ALA D 145 -24.36 18.15 -15.95
C ALA D 145 -23.79 16.87 -15.32
N ILE D 146 -23.15 16.04 -16.14
CA ILE D 146 -22.57 14.80 -15.63
C ILE D 146 -21.58 15.10 -14.51
N GLY D 147 -20.78 16.16 -14.67
CA GLY D 147 -19.81 16.50 -13.64
C GLY D 147 -20.42 17.08 -12.38
N GLN D 148 -21.50 17.84 -12.52
CA GLN D 148 -22.16 18.45 -11.37
C GLN D 148 -22.87 17.39 -10.53
N VAL D 149 -23.33 16.31 -11.16
CA VAL D 149 -24.04 15.26 -10.44
C VAL D 149 -23.08 14.21 -9.90
N ALA D 150 -22.04 13.86 -10.66
CA ALA D 150 -21.14 12.79 -10.25
C ALA D 150 -20.52 13.04 -8.89
N VAL D 151 -20.37 14.32 -8.51
CA VAL D 151 -19.76 14.64 -7.22
C VAL D 151 -20.52 14.00 -6.07
N ALA D 152 -21.82 13.76 -6.24
CA ALA D 152 -22.65 13.19 -5.20
C ALA D 152 -22.76 11.68 -5.28
N ALA D 153 -22.19 11.06 -6.31
CA ALA D 153 -22.30 9.61 -6.46
C ALA D 153 -21.48 8.91 -5.40
N GLY D 154 -22.00 7.79 -4.90
CA GLY D 154 -21.28 7.00 -3.92
C GLY D 154 -20.16 6.20 -4.57
N ARG D 155 -19.01 6.19 -3.92
CA ARG D 155 -17.89 5.41 -4.40
C ARG D 155 -18.20 3.91 -4.27
N ASP D 156 -17.49 3.11 -5.06
CA ASP D 156 -17.83 1.70 -5.22
C ASP D 156 -17.95 0.95 -3.90
N ASP D 157 -17.42 1.50 -2.81
CA ASP D 157 -17.53 0.82 -1.51
C ASP D 157 -18.97 0.69 -1.04
N THR D 158 -19.88 1.51 -1.57
CA THR D 158 -21.25 1.51 -1.11
C THR D 158 -22.10 0.53 -1.93
N LEU D 159 -23.41 0.53 -1.66
CA LEU D 159 -24.32 -0.35 -2.38
C LEU D 159 -24.35 0.03 -3.86
N PRO D 160 -24.57 -0.94 -4.76
CA PRO D 160 -24.48 -0.63 -6.20
C PRO D 160 -25.49 0.40 -6.67
N MET D 161 -26.65 0.51 -6.01
CA MET D 161 -27.63 1.50 -6.44
C MET D 161 -27.08 2.91 -6.36
N LEU D 162 -26.19 3.18 -5.39
CA LEU D 162 -25.67 4.52 -5.19
C LEU D 162 -24.39 4.80 -5.97
N THR D 163 -23.84 3.80 -6.66
CA THR D 163 -22.64 4.00 -7.46
C THR D 163 -22.93 4.45 -8.88
N GLY D 164 -24.19 4.78 -9.19
CA GLY D 164 -24.59 5.13 -10.53
C GLY D 164 -25.15 6.55 -10.61
N ILE D 165 -25.30 7.01 -11.84
CA ILE D 165 -25.94 8.28 -12.16
C ILE D 165 -27.24 7.97 -12.88
N ARG D 166 -28.35 8.42 -12.30
CA ARG D 166 -29.66 8.21 -12.89
C ARG D 166 -29.87 9.19 -14.03
N VAL D 167 -30.08 8.67 -15.23
CA VAL D 167 -30.40 9.48 -16.40
C VAL D 167 -31.89 9.31 -16.67
N GLU D 168 -32.62 10.42 -16.69
CA GLU D 168 -34.07 10.42 -16.81
C GLU D 168 -34.46 11.32 -17.96
N ILE D 169 -35.20 10.77 -18.93
CA ILE D 169 -35.62 11.51 -20.11
C ILE D 169 -37.14 11.55 -20.16
N SER D 170 -37.69 12.75 -20.35
CA SER D 170 -39.14 12.98 -20.46
C SER D 170 -39.32 14.06 -21.53
N GLY D 171 -39.50 13.63 -22.78
CA GLY D 171 -39.61 14.58 -23.86
C GLY D 171 -38.27 15.22 -24.16
N ASP D 172 -38.28 16.55 -24.36
CA ASP D 172 -37.06 17.31 -24.57
C ASP D 172 -36.38 17.71 -23.26
N ARG D 173 -36.79 17.10 -22.14
CA ARG D 173 -36.27 17.41 -20.81
C ARG D 173 -35.51 16.22 -20.28
N MET D 174 -34.31 16.47 -19.76
CA MET D 174 -33.45 15.44 -19.19
C MET D 174 -33.08 15.81 -17.76
N VAL D 175 -33.05 14.81 -16.89
CA VAL D 175 -32.74 14.99 -15.47
C VAL D 175 -31.69 13.96 -15.08
N LEU D 176 -30.54 14.45 -14.62
CA LEU D 176 -29.48 13.61 -14.06
C LEU D 176 -29.52 13.72 -12.54
N ALA D 177 -29.33 12.60 -11.86
CA ALA D 177 -29.36 12.59 -10.41
C ALA D 177 -28.34 11.58 -9.87
N ALA D 178 -27.75 11.91 -8.73
CA ALA D 178 -26.86 10.99 -8.04
C ALA D 178 -26.91 11.27 -6.54
N THR D 179 -26.62 10.25 -5.74
CA THR D 179 -26.59 10.41 -4.30
C THR D 179 -25.75 9.30 -3.69
N ASP D 180 -25.16 9.61 -2.52
CA ASP D 180 -24.35 8.66 -1.77
C ASP D 180 -24.93 8.42 -0.38
N ARG D 181 -26.19 8.80 -0.15
CA ARG D 181 -26.95 8.70 1.10
C ARG D 181 -26.72 9.92 1.98
N PHE D 182 -25.77 10.81 1.66
CA PHE D 182 -25.52 12.00 2.43
C PHE D 182 -25.63 13.29 1.63
N ARG D 183 -25.57 13.21 0.30
CA ARG D 183 -25.78 14.36 -0.56
C ARG D 183 -26.48 13.89 -1.82
N LEU D 184 -27.36 14.73 -2.35
CA LEU D 184 -28.13 14.44 -3.55
C LEU D 184 -27.92 15.58 -4.53
N ALA D 185 -27.45 15.25 -5.73
CA ALA D 185 -27.24 16.23 -6.79
C ALA D 185 -28.21 15.94 -7.92
N VAL D 186 -28.96 16.96 -8.34
CA VAL D 186 -29.93 16.83 -9.42
C VAL D 186 -29.72 17.99 -10.39
N ARG D 187 -29.49 17.67 -11.66
CA ARG D 187 -29.30 18.66 -12.71
C ARG D 187 -30.30 18.39 -13.81
N GLU D 188 -31.04 19.43 -14.20
CA GLU D 188 -32.00 19.36 -15.30
C GLU D 188 -31.47 20.15 -16.48
N LEU D 189 -31.62 19.58 -17.68
CA LEU D 189 -31.14 20.22 -18.89
C LEU D 189 -32.08 19.87 -20.03
N THR D 190 -31.98 20.65 -21.10
CA THR D 190 -32.80 20.45 -22.29
C THR D 190 -31.99 19.69 -23.34
N TRP D 191 -32.68 18.83 -24.09
CA TRP D 191 -32.04 18.09 -25.18
C TRP D 191 -33.08 17.94 -26.29
N THR D 192 -32.71 17.19 -27.33
CA THR D 192 -33.55 17.01 -28.51
C THR D 192 -33.80 15.50 -28.70
N THR D 193 -34.98 15.05 -28.30
CA THR D 193 -35.34 13.64 -28.46
C THR D 193 -35.82 13.38 -29.88
N LYS D 194 -35.51 12.18 -30.39
CA LYS D 194 -35.98 11.77 -31.69
C LYS D 194 -37.34 11.07 -31.64
N THR D 195 -37.70 10.51 -30.49
CA THR D 195 -39.02 9.94 -30.29
C THR D 195 -39.85 10.89 -29.43
N PRO D 196 -40.74 11.70 -30.02
CA PRO D 196 -41.52 12.64 -29.21
C PRO D 196 -42.27 11.93 -28.10
N ASP D 197 -42.32 12.58 -26.94
CA ASP D 197 -42.99 12.04 -25.76
C ASP D 197 -42.44 10.67 -25.39
N VAL D 198 -41.16 10.65 -25.05
CA VAL D 198 -40.49 9.48 -24.48
C VAL D 198 -40.39 9.71 -22.98
N GLU D 199 -40.55 8.63 -22.21
CA GLU D 199 -40.48 8.71 -20.75
C GLU D 199 -39.76 7.46 -20.26
N ALA D 200 -38.46 7.58 -19.98
CA ALA D 200 -37.67 6.44 -19.54
C ALA D 200 -36.55 6.93 -18.64
N ALA D 201 -36.01 6.00 -17.85
CA ALA D 201 -34.91 6.28 -16.94
C ALA D 201 -33.99 5.07 -16.90
N VAL D 202 -32.67 5.36 -16.88
CA VAL D 202 -31.65 4.33 -16.79
C VAL D 202 -30.65 4.74 -15.72
N LEU D 203 -29.84 3.78 -15.30
CA LEU D 203 -28.81 4.01 -14.29
C LEU D 203 -27.46 3.66 -14.91
N VAL D 204 -26.60 4.66 -15.04
CA VAL D 204 -25.30 4.49 -15.68
C VAL D 204 -24.21 4.52 -14.62
N PRO D 205 -23.22 3.63 -14.66
CA PRO D 205 -22.12 3.71 -13.69
C PRO D 205 -21.51 5.11 -13.65
N ALA D 206 -21.46 5.69 -12.45
CA ALA D 206 -21.03 7.07 -12.31
C ALA D 206 -19.60 7.26 -12.79
N LYS D 207 -18.70 6.37 -12.35
CA LYS D 207 -17.29 6.50 -12.73
C LYS D 207 -17.14 6.50 -14.25
N THR D 208 -17.81 5.57 -14.94
CA THR D 208 -17.69 5.47 -16.38
C THR D 208 -18.24 6.72 -17.07
N LEU D 209 -19.47 7.12 -16.71
CA LEU D 209 -20.07 8.28 -17.35
C LEU D 209 -19.25 9.53 -17.11
N ALA D 210 -18.75 9.71 -15.89
CA ALA D 210 -17.92 10.88 -15.60
C ALA D 210 -16.64 10.87 -16.42
N GLU D 211 -15.99 9.71 -16.54
CA GLU D 211 -14.79 9.62 -17.37
C GLU D 211 -15.09 10.01 -18.81
N ALA D 212 -16.14 9.42 -19.39
CA ALA D 212 -16.50 9.78 -20.76
C ALA D 212 -16.78 11.27 -20.88
N ALA D 213 -17.33 11.89 -19.84
CA ALA D 213 -17.60 13.32 -19.90
C ALA D 213 -16.30 14.13 -19.88
N LYS D 214 -15.27 13.63 -19.19
CA LYS D 214 -14.02 14.38 -19.12
C LYS D 214 -13.13 14.17 -20.35
N THR D 215 -13.16 12.97 -20.94
CA THR D 215 -12.23 12.62 -22.01
C THR D 215 -12.87 12.67 -23.40
N GLY D 216 -14.17 12.48 -23.49
CA GLY D 216 -14.82 12.41 -24.79
C GLY D 216 -15.84 13.52 -24.99
N LEU D 217 -16.97 13.16 -25.58
CA LEU D 217 -18.03 14.12 -25.93
C LEU D 217 -17.45 15.24 -26.81
N ASP D 218 -16.85 14.81 -27.92
CA ASP D 218 -16.34 15.75 -28.91
C ASP D 218 -17.49 16.36 -29.70
N GLY D 219 -17.16 17.39 -30.47
CA GLY D 219 -18.16 18.10 -31.26
C GLY D 219 -19.07 18.93 -30.38
N SER D 220 -20.06 19.55 -31.02
CA SER D 220 -21.00 20.40 -30.32
C SER D 220 -22.24 19.65 -29.84
N GLU D 221 -22.49 18.47 -30.37
CA GLU D 221 -23.68 17.70 -30.04
C GLU D 221 -23.30 16.23 -29.87
N VAL D 222 -24.06 15.54 -29.01
CA VAL D 222 -23.78 14.16 -28.64
C VAL D 222 -25.04 13.35 -28.84
N GLN D 223 -24.92 12.25 -29.60
CA GLN D 223 -26.05 11.39 -29.92
C GLN D 223 -26.11 10.27 -28.89
N LEU D 224 -27.18 10.26 -28.09
CA LEU D 224 -27.38 9.23 -27.07
C LEU D 224 -28.22 8.10 -27.64
N ALA D 225 -27.70 6.87 -27.54
CA ALA D 225 -28.35 5.68 -28.08
C ALA D 225 -28.78 4.79 -26.92
N LEU D 226 -30.07 4.89 -26.56
CA LEU D 226 -30.67 4.02 -25.56
C LEU D 226 -31.80 3.17 -26.13
N GLY D 227 -32.02 3.21 -27.43
CA GLY D 227 -33.15 2.55 -28.05
C GLY D 227 -34.25 3.55 -28.40
N ALA D 228 -35.20 3.08 -29.20
CA ALA D 228 -36.30 3.89 -29.68
C ALA D 228 -37.62 3.33 -29.14
N GLY D 229 -38.66 4.15 -29.22
CA GLY D 229 -39.98 3.75 -28.79
C GLY D 229 -40.00 3.38 -27.32
N PRO D 230 -40.85 2.41 -26.96
CA PRO D 230 -40.92 1.99 -25.55
C PRO D 230 -39.76 1.10 -25.12
N SER D 231 -38.95 0.60 -26.05
CA SER D 231 -37.81 -0.24 -25.70
C SER D 231 -36.61 0.57 -25.19
N VAL D 232 -36.76 1.88 -25.03
CA VAL D 232 -35.64 2.70 -24.57
C VAL D 232 -35.17 2.18 -23.22
N GLY D 233 -33.89 1.80 -23.14
CA GLY D 233 -33.31 1.27 -21.93
C GLY D 233 -33.29 -0.24 -21.84
N GLN D 234 -34.10 -0.93 -22.65
CA GLN D 234 -34.20 -2.38 -22.56
C GLN D 234 -32.95 -3.07 -23.08
N ASP D 235 -32.18 -2.43 -23.96
CA ASP D 235 -31.03 -3.09 -24.56
C ASP D 235 -29.91 -3.32 -23.55
N GLY D 236 -29.95 -2.64 -22.40
CA GLY D 236 -28.99 -2.90 -21.34
C GLY D 236 -27.69 -2.15 -21.45
N LEU D 237 -27.59 -1.14 -22.32
CA LEU D 237 -26.34 -0.41 -22.46
C LEU D 237 -26.64 0.98 -23.03
N LEU D 238 -25.77 1.92 -22.70
CA LEU D 238 -25.86 3.29 -23.18
C LEU D 238 -24.80 3.50 -24.25
N GLY D 239 -25.24 3.90 -25.44
CA GLY D 239 -24.33 4.25 -26.53
C GLY D 239 -24.20 5.77 -26.62
N ILE D 240 -22.99 6.21 -26.94
CA ILE D 240 -22.71 7.63 -27.09
C ILE D 240 -21.95 7.83 -28.41
N ARG D 241 -22.44 8.73 -29.25
CA ARG D 241 -21.81 9.07 -30.51
C ARG D 241 -21.47 10.55 -30.53
N SER D 242 -20.30 10.87 -31.09
CA SER D 242 -19.85 12.26 -31.13
C SER D 242 -18.72 12.35 -32.16
N GLU D 243 -19.05 12.79 -33.36
CA GLU D 243 -18.10 12.93 -34.46
C GLU D 243 -17.51 11.54 -34.73
N GLY D 244 -16.19 11.39 -34.78
CA GLY D 244 -15.59 10.11 -35.14
C GLY D 244 -15.50 9.10 -34.03
N LYS D 245 -16.03 9.40 -32.85
CA LYS D 245 -15.97 8.51 -31.70
C LYS D 245 -17.34 7.91 -31.42
N ARG D 246 -17.32 6.71 -30.85
CA ARG D 246 -18.54 6.10 -30.33
C ARG D 246 -18.15 5.11 -29.24
N SER D 247 -18.92 5.12 -28.16
CA SER D 247 -18.64 4.30 -27.00
C SER D 247 -19.92 3.64 -26.50
N THR D 248 -19.76 2.57 -25.73
CA THR D 248 -20.88 1.90 -25.09
C THR D 248 -20.54 1.66 -23.63
N THR D 249 -21.58 1.65 -22.80
CA THR D 249 -21.44 1.41 -21.37
C THR D 249 -22.57 0.51 -20.89
N ARG D 250 -22.23 -0.60 -20.26
CA ARG D 250 -23.24 -1.45 -19.66
C ARG D 250 -23.95 -0.69 -18.54
N LEU D 251 -25.27 -0.79 -18.52
CA LEU D 251 -26.06 -0.10 -17.51
C LEU D 251 -26.11 -0.92 -16.21
N LEU D 252 -26.45 -0.24 -15.13
CA LEU D 252 -26.69 -0.90 -13.85
C LEU D 252 -28.14 -1.35 -13.76
N ASP D 253 -28.34 -2.57 -13.26
CA ASP D 253 -29.69 -3.09 -13.07
C ASP D 253 -30.34 -2.58 -11.78
N ALA D 254 -29.55 -2.11 -10.82
CA ALA D 254 -30.10 -1.62 -9.56
C ALA D 254 -31.10 -0.49 -9.82
N GLU D 255 -31.99 -0.29 -8.86
CA GLU D 255 -33.01 0.75 -8.95
C GLU D 255 -32.60 1.94 -8.07
N PHE D 256 -32.71 3.13 -8.63
CA PHE D 256 -32.28 4.34 -7.94
C PHE D 256 -33.31 4.73 -6.87
N PRO D 257 -32.86 5.31 -5.75
CA PRO D 257 -33.80 5.68 -4.71
C PRO D 257 -34.82 6.71 -5.19
N LYS D 258 -35.91 6.83 -4.42
CA LYS D 258 -36.96 7.80 -4.69
C LYS D 258 -36.47 9.15 -4.16
N PHE D 259 -35.67 9.83 -4.99
CA PHE D 259 -34.95 11.01 -4.53
C PHE D 259 -35.83 12.26 -4.48
N ARG D 260 -36.86 12.34 -5.32
CA ARG D 260 -37.63 13.57 -5.40
C ARG D 260 -38.35 13.90 -4.10
N GLN D 261 -38.60 12.91 -3.25
CA GLN D 261 -39.26 13.17 -1.98
C GLN D 261 -38.30 13.80 -0.97
N LEU D 262 -36.99 13.65 -1.15
CA LEU D 262 -36.03 14.26 -0.25
C LEU D 262 -35.92 15.76 -0.44
N LEU D 263 -36.31 16.29 -1.59
CA LEU D 263 -36.18 17.71 -1.86
C LEU D 263 -37.20 18.50 -1.05
N PRO D 264 -36.79 19.48 -0.25
CA PRO D 264 -37.77 20.27 0.50
C PRO D 264 -38.62 21.14 -0.42
N THR D 265 -39.83 21.45 0.05
CA THR D 265 -40.72 22.35 -0.66
C THR D 265 -40.66 23.78 -0.15
N GLU D 266 -40.38 23.98 1.14
CA GLU D 266 -40.24 25.30 1.71
C GLU D 266 -39.02 25.30 2.63
N HIS D 267 -38.57 26.51 2.98
CA HIS D 267 -37.40 26.70 3.82
C HIS D 267 -37.75 27.64 4.96
N THR D 268 -37.39 27.25 6.19
CA THR D 268 -37.55 28.16 7.32
C THR D 268 -36.55 29.30 7.27
N ALA D 269 -35.46 29.15 6.52
CA ALA D 269 -34.47 30.21 6.42
C ALA D 269 -33.81 30.15 5.04
N MET D 270 -33.27 31.30 4.63
CA MET D 270 -32.58 31.46 3.36
C MET D 270 -31.31 32.25 3.60
N ALA D 271 -30.24 31.88 2.90
CA ALA D 271 -28.95 32.58 3.05
C ALA D 271 -28.28 32.63 1.69
N THR D 272 -27.92 33.84 1.24
CA THR D 272 -27.24 34.04 -0.03
C THR D 272 -25.88 34.66 0.23
N ILE D 273 -24.85 34.12 -0.42
CA ILE D 273 -23.47 34.53 -0.18
C ILE D 273 -22.66 34.21 -1.42
N GLY D 274 -21.48 34.82 -1.52
CA GLY D 274 -20.59 34.58 -2.65
C GLY D 274 -19.87 33.24 -2.52
N VAL D 275 -19.87 32.46 -3.61
CA VAL D 275 -19.26 31.13 -3.58
C VAL D 275 -17.80 31.23 -3.20
N GLY D 276 -17.05 32.10 -3.86
CA GLY D 276 -15.63 32.25 -3.59
C GLY D 276 -15.33 32.51 -2.13
N GLU D 277 -15.91 33.58 -1.59
CA GLU D 277 -15.71 33.91 -0.19
C GLU D 277 -16.00 32.71 0.71
N LEU D 278 -17.18 32.10 0.55
CA LEU D 278 -17.55 31.01 1.42
C LEU D 278 -16.57 29.85 1.31
N THR D 279 -16.21 29.47 0.08
CA THR D 279 -15.31 28.34 -0.11
C THR D 279 -13.97 28.60 0.59
N GLU D 280 -13.39 29.78 0.37
CA GLU D 280 -12.12 30.11 1.01
C GLU D 280 -12.25 30.04 2.53
N ALA D 281 -13.26 30.69 3.09
CA ALA D 281 -13.44 30.69 4.54
C ALA D 281 -13.61 29.28 5.08
N ILE D 282 -14.42 28.46 4.41
CA ILE D 282 -14.60 27.07 4.84
C ILE D 282 -13.27 26.34 4.82
N LYS D 283 -12.47 26.55 3.78
CA LYS D 283 -11.17 25.88 3.69
C LYS D 283 -10.25 26.33 4.81
N ARG D 284 -10.26 27.63 5.13
CA ARG D 284 -9.45 28.12 6.24
C ARG D 284 -9.87 27.47 7.56
N VAL D 285 -11.17 27.55 7.89
CA VAL D 285 -11.65 27.07 9.18
C VAL D 285 -11.49 25.56 9.30
N ALA D 286 -11.65 24.83 8.19
CA ALA D 286 -11.59 23.37 8.26
C ALA D 286 -10.19 22.84 8.53
N LEU D 287 -9.17 23.70 8.54
CA LEU D 287 -7.81 23.23 8.81
C LEU D 287 -7.70 22.66 10.21
N VAL D 288 -8.42 23.22 11.17
CA VAL D 288 -8.32 22.76 12.55
C VAL D 288 -9.20 21.53 12.81
N ALA D 289 -10.15 21.23 11.93
CA ALA D 289 -10.94 20.01 12.02
C ALA D 289 -10.18 18.91 11.29
N ASP D 290 -9.11 18.43 11.93
CA ASP D 290 -8.20 17.50 11.28
C ASP D 290 -8.87 16.17 10.95
N ARG D 291 -9.93 15.81 11.66
CA ARG D 291 -10.72 14.63 11.31
C ARG D 291 -11.57 14.85 10.07
N GLY D 292 -11.73 16.10 9.63
CA GLY D 292 -12.75 16.41 8.65
C GLY D 292 -14.15 16.20 9.15
N ALA D 293 -14.33 16.25 10.47
CA ALA D 293 -15.63 15.89 11.07
C ALA D 293 -16.72 16.85 10.62
N GLN D 294 -16.59 18.14 10.98
CA GLN D 294 -17.67 19.07 10.75
C GLN D 294 -17.18 20.50 10.85
N VAL D 295 -17.91 21.39 10.17
CA VAL D 295 -17.75 22.83 10.29
C VAL D 295 -19.09 23.41 10.71
N ARG D 296 -19.05 24.42 11.56
CA ARG D 296 -20.23 24.98 12.21
C ARG D 296 -20.59 26.30 11.56
N MET D 297 -21.86 26.44 11.16
CA MET D 297 -22.38 27.63 10.51
C MET D 297 -23.47 28.22 11.37
N GLU D 298 -23.28 29.47 11.82
CA GLU D 298 -24.24 30.16 12.67
C GLU D 298 -24.74 31.40 11.93
N PHE D 299 -25.99 31.36 11.47
CA PHE D 299 -26.61 32.46 10.74
C PHE D 299 -27.44 33.31 11.69
N ALA D 300 -27.20 34.62 11.68
CA ALA D 300 -27.96 35.54 12.51
C ALA D 300 -27.87 36.94 11.91
N ASP D 301 -29.00 37.64 11.91
CA ASP D 301 -29.08 38.98 11.34
C ASP D 301 -28.61 38.96 9.89
N ASP D 302 -27.38 39.42 9.63
CA ASP D 302 -26.78 39.37 8.31
C ASP D 302 -25.31 38.96 8.42
N VAL D 303 -25.03 38.07 9.36
CA VAL D 303 -23.67 37.58 9.59
C VAL D 303 -23.71 36.06 9.68
N LEU D 304 -22.69 35.43 9.07
CA LEU D 304 -22.47 33.99 9.16
C LEU D 304 -21.19 33.77 9.96
N HIS D 305 -21.33 33.15 11.13
CA HIS D 305 -20.19 32.84 11.98
CA HIS D 305 -20.20 32.84 11.99
C HIS D 305 -19.79 31.39 11.73
N LEU D 306 -18.64 31.21 11.08
CA LEU D 306 -18.07 29.89 10.84
C LEU D 306 -17.12 29.54 11.98
N SER D 307 -17.09 28.26 12.34
CA SER D 307 -16.17 27.81 13.37
C SER D 307 -15.98 26.31 13.26
N ALA D 308 -14.86 25.83 13.79
CA ALA D 308 -14.57 24.40 13.80
C ALA D 308 -13.36 24.15 14.67
N GLY D 309 -13.08 22.87 14.90
CA GLY D 309 -11.86 22.45 15.56
C GLY D 309 -12.12 21.89 16.95
N ALA D 310 -11.13 21.16 17.44
CA ALA D 310 -11.13 20.61 18.79
C ALA D 310 -9.95 21.17 19.57
N ASP D 311 -10.15 21.34 20.89
CA ASP D 311 -9.07 21.84 21.74
C ASP D 311 -7.82 20.99 21.62
N ASP D 312 -7.96 19.71 21.27
CA ASP D 312 -6.80 18.85 21.10
C ASP D 312 -5.93 19.32 19.94
N VAL D 313 -6.55 19.62 18.80
CA VAL D 313 -5.81 20.06 17.62
C VAL D 313 -5.76 21.59 17.55
N GLY D 314 -6.89 22.24 17.76
CA GLY D 314 -6.99 23.67 17.59
C GLY D 314 -8.40 24.03 17.16
N ARG D 315 -8.70 25.33 17.23
CA ARG D 315 -10.00 25.83 16.85
C ARG D 315 -9.85 27.08 16.01
N ALA D 316 -10.85 27.32 15.16
CA ALA D 316 -10.82 28.45 14.25
C ALA D 316 -12.24 28.96 14.05
N GLU D 317 -12.35 30.23 13.68
CA GLU D 317 -13.64 30.84 13.41
C GLU D 317 -13.44 32.04 12.50
N GLU D 318 -14.46 32.34 11.71
CA GLU D 318 -14.41 33.45 10.77
C GLU D 318 -15.82 33.94 10.51
N ASP D 319 -16.01 35.26 10.54
CA ASP D 319 -17.31 35.88 10.32
C ASP D 319 -17.39 36.43 8.90
N LEU D 320 -18.50 36.17 8.23
CA LEU D 320 -18.72 36.62 6.86
C LEU D 320 -20.04 37.35 6.74
N PRO D 321 -20.11 38.40 5.92
CA PRO D 321 -21.42 39.03 5.65
C PRO D 321 -22.25 38.14 4.71
N VAL D 322 -23.53 37.98 5.05
CA VAL D 322 -24.44 37.12 4.31
C VAL D 322 -25.79 37.80 4.23
N SER D 323 -26.49 37.56 3.12
CA SER D 323 -27.88 38.00 2.97
C SER D 323 -28.77 36.90 3.53
N PHE D 324 -29.15 37.05 4.80
CA PHE D 324 -29.90 36.03 5.52
C PHE D 324 -31.33 36.50 5.76
N SER D 325 -32.26 35.57 5.71
CA SER D 325 -33.67 35.86 5.94
C SER D 325 -34.32 34.65 6.58
N GLY D 326 -35.12 34.88 7.61
CA GLY D 326 -35.78 33.79 8.31
C GLY D 326 -35.31 33.66 9.75
N GLU D 327 -35.62 32.52 10.38
CA GLU D 327 -35.24 32.35 11.78
C GLU D 327 -33.74 32.12 11.90
N PRO D 328 -33.07 32.70 12.90
CA PRO D 328 -31.65 32.39 13.12
C PRO D 328 -31.44 30.88 13.18
N LEU D 329 -30.23 30.45 12.84
CA LEU D 329 -29.97 29.03 12.65
C LEU D 329 -28.52 28.72 12.98
N THR D 330 -28.29 27.51 13.49
CA THR D 330 -26.94 27.00 13.75
C THR D 330 -26.91 25.55 13.28
N ILE D 331 -26.16 25.29 12.21
CA ILE D 331 -26.16 24.00 11.54
C ILE D 331 -24.73 23.64 11.16
N ALA D 332 -24.42 22.35 11.19
CA ALA D 332 -23.08 21.85 10.92
C ALA D 332 -23.09 20.96 9.68
N PHE D 333 -21.97 20.98 8.96
CA PHE D 333 -21.84 20.19 7.73
C PHE D 333 -20.43 19.62 7.64
N ASN D 334 -20.28 18.62 6.77
CA ASN D 334 -18.97 18.11 6.43
C ASN D 334 -18.27 19.09 5.50
N PRO D 335 -17.10 19.62 5.85
CA PRO D 335 -16.47 20.63 4.99
C PRO D 335 -16.26 20.15 3.56
N GLY D 336 -15.81 18.91 3.38
CA GLY D 336 -15.58 18.40 2.04
C GLY D 336 -16.86 18.36 1.23
N TYR D 337 -17.92 17.76 1.79
CA TYR D 337 -19.20 17.75 1.10
C TYR D 337 -19.66 19.16 0.74
N LEU D 338 -19.42 20.11 1.64
CA LEU D 338 -19.86 21.48 1.43
C LEU D 338 -19.11 22.12 0.27
N THR D 339 -17.78 22.03 0.27
CA THR D 339 -17.01 22.61 -0.82
C THR D 339 -17.25 21.86 -2.13
N ASP D 340 -17.61 20.58 -2.05
CA ASP D 340 -17.99 19.84 -3.25
C ASP D 340 -19.20 20.47 -3.91
N GLY D 341 -20.31 20.61 -3.16
CA GLY D 341 -21.49 21.25 -3.72
C GLY D 341 -21.18 22.64 -4.24
N LEU D 342 -20.55 23.47 -3.40
CA LEU D 342 -20.20 24.84 -3.82
C LEU D 342 -19.41 24.83 -5.11
N GLY D 343 -18.46 23.89 -5.25
CA GLY D 343 -17.67 23.80 -6.45
C GLY D 343 -18.43 23.33 -7.66
N ALA D 344 -19.59 22.71 -7.47
CA ALA D 344 -20.41 22.24 -8.58
C ALA D 344 -21.45 23.26 -9.02
N LEU D 345 -21.73 24.29 -8.21
CA LEU D 345 -22.78 25.24 -8.55
C LEU D 345 -22.50 25.94 -9.88
N HIS D 346 -21.25 26.30 -10.14
CA HIS D 346 -20.87 27.00 -11.37
C HIS D 346 -21.59 28.35 -11.49
N SER D 347 -21.75 29.03 -10.35
CA SER D 347 -22.34 30.37 -10.31
C SER D 347 -21.48 31.26 -9.41
N GLU D 348 -21.77 32.56 -9.46
CA GLU D 348 -21.02 33.49 -8.63
C GLU D 348 -21.50 33.50 -7.20
N ARG D 349 -22.82 33.36 -7.00
CA ARG D 349 -23.42 33.42 -5.67
C ARG D 349 -24.26 32.18 -5.42
N VAL D 350 -24.24 31.71 -4.18
CA VAL D 350 -24.98 30.52 -3.76
C VAL D 350 -26.08 30.94 -2.82
N THR D 351 -27.19 30.22 -2.88
CA THR D 351 -28.31 30.39 -1.96
C THR D 351 -28.55 29.09 -1.23
N PHE D 352 -28.56 29.16 0.10
CA PHE D 352 -28.89 28.05 0.98
C PHE D 352 -30.36 28.11 1.37
N GLY D 353 -31.01 26.97 1.34
CA GLY D 353 -32.36 26.82 1.85
C GLY D 353 -32.39 25.90 3.05
N PHE D 354 -32.66 26.45 4.23
CA PHE D 354 -32.61 25.71 5.48
C PHE D 354 -34.01 25.49 6.05
N THR D 355 -34.13 24.40 6.82
CA THR D 355 -35.31 24.16 7.65
C THR D 355 -34.88 23.96 9.09
N THR D 356 -34.39 22.75 9.40
CA THR D 356 -33.96 22.37 10.73
C THR D 356 -32.47 22.02 10.71
N PRO D 357 -31.74 22.29 11.79
CA PRO D 357 -30.33 21.87 11.85
C PRO D 357 -30.13 20.35 11.85
N SER D 358 -31.20 19.55 11.72
CA SER D 358 -31.10 18.10 11.60
C SER D 358 -31.77 17.60 10.33
N LYS D 359 -32.13 18.48 9.42
CA LYS D 359 -32.74 18.14 8.15
C LYS D 359 -31.93 18.71 6.99
N PRO D 360 -32.08 18.16 5.78
CA PRO D 360 -31.20 18.55 4.68
C PRO D 360 -31.23 20.05 4.41
N ALA D 361 -30.11 20.55 3.90
CA ALA D 361 -29.99 21.91 3.43
C ALA D 361 -29.86 21.91 1.91
N VAL D 362 -30.47 22.90 1.26
CA VAL D 362 -30.47 23.02 -0.18
C VAL D 362 -29.41 24.04 -0.59
N LEU D 363 -28.48 23.64 -1.44
CA LEU D 363 -27.51 24.54 -2.05
C LEU D 363 -27.83 24.67 -3.54
N ARG D 364 -28.00 25.89 -4.01
CA ARG D 364 -28.31 26.13 -5.40
C ARG D 364 -27.77 27.47 -5.82
N PRO D 365 -27.68 27.74 -7.12
CA PRO D 365 -27.27 29.07 -7.56
C PRO D 365 -28.26 30.13 -7.11
N ALA D 366 -27.76 31.36 -6.95
CA ALA D 366 -28.62 32.46 -6.54
C ALA D 366 -29.38 33.01 -7.74
N THR D 367 -30.48 33.71 -7.44
CA THR D 367 -31.30 34.35 -8.46
C THR D 367 -31.78 35.69 -7.93
N GLU D 368 -32.09 36.59 -8.88
CA GLU D 368 -32.55 37.92 -8.50
C GLU D 368 -33.73 37.86 -7.54
N ALA D 369 -34.61 36.87 -7.73
CA ALA D 369 -35.74 36.70 -6.82
C ALA D 369 -35.26 36.63 -5.38
N ASP D 370 -34.24 35.81 -5.11
CA ASP D 370 -33.70 35.69 -3.76
C ASP D 370 -33.35 37.06 -3.17
N ALA D 371 -32.92 38.00 -4.01
CA ALA D 371 -32.59 39.33 -3.51
C ALA D 371 -33.84 40.05 -3.02
N ALA D 372 -34.94 39.95 -3.75
CA ALA D 372 -36.19 40.59 -3.37
C ALA D 372 -37.06 39.67 -2.52
N LEU D 373 -36.44 39.03 -1.53
CA LEU D 373 -37.09 38.06 -0.66
C LEU D 373 -37.04 38.59 0.77
N ASN D 374 -38.10 39.29 1.17
CA ASN D 374 -38.21 39.86 2.51
C ASN D 374 -39.41 39.24 3.20
N GLY D 375 -39.22 38.88 4.47
CA GLY D 375 -40.28 38.28 5.26
C GLY D 375 -39.72 37.35 6.30
N ASN D 376 -40.61 36.88 7.17
CA ASN D 376 -40.22 35.95 8.23
C ASN D 376 -40.17 34.51 7.76
N GLY D 377 -40.87 34.17 6.68
CA GLY D 377 -40.91 32.82 6.17
C GLY D 377 -42.20 32.11 6.56
N PRO D 378 -42.35 30.85 6.14
CA PRO D 378 -41.40 30.09 5.32
C PRO D 378 -41.26 30.64 3.91
N PHE D 379 -40.27 30.14 3.16
CA PHE D 379 -39.98 30.60 1.82
C PHE D 379 -40.14 29.44 0.84
N PRO D 380 -40.82 29.63 -0.30
CA PRO D 380 -40.95 28.53 -1.25
C PRO D 380 -39.61 28.13 -1.83
N ALA D 381 -39.53 26.86 -2.26
CA ALA D 381 -38.35 26.37 -2.93
C ALA D 381 -38.31 26.90 -4.36
N ALA D 382 -37.17 27.46 -4.76
CA ALA D 382 -37.04 28.07 -6.07
C ALA D 382 -36.85 27.00 -7.13
N GLU D 383 -37.41 27.25 -8.32
CA GLU D 383 -37.22 26.38 -9.47
C GLU D 383 -35.83 26.66 -10.05
N THR D 384 -34.95 25.68 -9.96
CA THR D 384 -33.57 25.81 -10.39
C THR D 384 -33.17 24.61 -11.23
N ASP D 385 -32.22 24.83 -12.14
CA ASP D 385 -31.75 23.73 -12.99
C ASP D 385 -30.92 22.74 -12.19
N TYR D 386 -30.03 23.24 -11.33
CA TYR D 386 -29.17 22.38 -10.52
C TYR D 386 -29.47 22.60 -9.05
N VAL D 387 -29.43 21.50 -8.29
CA VAL D 387 -29.66 21.55 -6.85
C VAL D 387 -28.74 20.54 -6.19
N TYR D 388 -28.19 20.90 -5.03
CA TYR D 388 -27.26 20.06 -4.27
C TYR D 388 -27.76 19.99 -2.83
N LEU D 389 -28.46 18.91 -2.51
CA LEU D 389 -29.05 18.71 -1.19
C LEU D 389 -28.04 18.01 -0.28
N LEU D 390 -27.70 18.64 0.83
CA LEU D 390 -26.67 18.13 1.73
C LEU D 390 -27.25 17.86 3.10
N MET D 391 -27.01 16.65 3.63
CA MET D 391 -27.53 16.31 4.94
C MET D 391 -26.57 16.82 6.02
N PRO D 392 -27.09 17.35 7.13
CA PRO D 392 -26.22 18.01 8.11
C PRO D 392 -25.54 17.00 9.04
N VAL D 393 -24.69 17.55 9.91
CA VAL D 393 -23.98 16.80 10.92
C VAL D 393 -24.58 17.14 12.28
N ARG D 394 -24.74 16.12 13.13
CA ARG D 394 -25.31 16.32 14.45
C ARG D 394 -24.40 17.20 15.30
N LEU D 395 -25.02 18.05 16.13
CA LEU D 395 -24.28 18.92 17.03
C LEU D 395 -24.37 18.40 18.47
N PRO D 396 -23.35 18.67 19.31
CA PRO D 396 -23.39 18.21 20.70
C PRO D 396 -24.65 18.60 21.45
C ACE E 1 6.14 12.40 26.09
O ACE E 1 6.93 12.60 26.95
CH3 ACE E 1 4.93 13.31 25.96
N GLN E 2 6.29 11.40 25.28
CA GLN E 2 7.42 10.47 25.36
C GLN E 2 8.73 11.23 25.44
N LEU E 3 9.60 10.85 26.46
CA LEU E 3 10.89 11.51 26.52
C LEU E 3 11.98 10.62 25.92
N PRO E 4 13.07 11.20 25.42
CA PRO E 4 14.18 10.39 24.93
C PRO E 4 15.23 10.13 25.99
N LEU E 5 15.96 9.04 25.80
CA LEU E 5 17.08 8.72 26.69
C LEU E 5 18.18 9.76 26.58
N TRP E 6 18.39 10.34 25.40
CA TRP E 6 19.37 11.40 25.21
C TRP E 6 18.94 12.23 24.00
N GLY E 7 19.17 13.53 24.09
CA GLY E 7 18.83 14.45 23.01
C GLY E 7 18.07 15.66 23.50
N NH2 E 8 17.02 15.50 24.42
HN1 NH2 E 8 16.75 14.58 24.72
HN2 NH2 E 8 16.51 16.31 24.76
C ACE F 1 -6.54 -17.68 -22.73
O ACE F 1 -7.36 -18.24 -23.39
CH3 ACE F 1 -5.22 -17.28 -23.39
N GLN F 2 -6.75 -17.39 -21.49
CA GLN F 2 -7.98 -17.74 -20.79
C GLN F 2 -9.20 -17.34 -21.61
N LEU F 3 -10.16 -18.32 -21.80
CA LEU F 3 -11.35 -17.97 -22.52
C LEU F 3 -12.49 -17.66 -21.55
N PRO F 4 -13.48 -16.87 -21.96
CA PRO F 4 -14.64 -16.61 -21.11
C PRO F 4 -15.78 -17.58 -21.38
N LEU F 5 -16.53 -17.87 -20.30
CA LEU F 5 -17.73 -18.68 -20.46
C LEU F 5 -18.74 -18.03 -21.40
N TRP F 6 -18.78 -16.70 -21.43
CA TRP F 6 -19.65 -15.97 -22.33
C TRP F 6 -19.12 -14.56 -22.48
N GLY F 7 -19.48 -13.93 -23.61
CA GLY F 7 -19.08 -12.56 -23.88
C GLY F 7 -18.13 -12.45 -25.04
N NH2 F 8 -17.50 -13.59 -25.56
HN1 NH2 F 8 -17.67 -14.49 -25.13
HN2 NH2 F 8 -16.87 -13.52 -26.34
C ACE G 1 23.31 -7.81 -15.61
O ACE G 1 24.48 -7.78 -15.80
CH3 ACE G 1 22.48 -8.99 -16.11
N GLN G 2 22.72 -6.83 -14.98
CA GLN G 2 23.43 -5.66 -14.48
C GLN G 2 24.66 -6.07 -13.69
N LEU G 3 25.85 -5.46 -14.04
CA LEU G 3 27.06 -5.79 -13.30
C LEU G 3 27.34 -4.73 -12.25
N PRO G 4 28.05 -5.07 -11.17
CA PRO G 4 28.43 -4.07 -10.18
C PRO G 4 29.80 -3.47 -10.46
N LEU G 5 29.99 -2.25 -9.93
CA LEU G 5 31.29 -1.60 -10.00
C LEU G 5 32.32 -2.30 -9.11
N TRP G 6 31.87 -3.01 -8.08
CA TRP G 6 32.77 -3.76 -7.22
C TRP G 6 31.94 -4.75 -6.42
N GLY G 7 32.48 -5.94 -6.21
CA GLY G 7 31.80 -6.98 -5.45
C GLY G 7 31.72 -8.29 -6.22
N NH2 G 8 32.00 -8.30 -7.59
HN1 NH2 G 8 32.20 -7.43 -8.08
HN2 NH2 G 8 31.95 -9.18 -8.11
C ACE H 1 -23.17 13.16 12.52
O ACE H 1 -24.31 13.51 12.50
CH3 ACE H 1 -22.45 13.02 13.85
N GLN H 2 -22.55 12.90 11.40
CA GLN H 2 -23.18 13.02 10.09
C GLN H 2 -24.51 12.28 10.04
N LEU H 3 -25.59 13.00 9.61
CA LEU H 3 -26.86 12.30 9.49
C LEU H 3 -27.05 11.79 8.07
N PRO H 4 -27.80 10.70 7.87
CA PRO H 4 -28.11 10.25 6.52
C PRO H 4 -29.37 10.90 5.97
N LEU H 5 -29.44 10.95 4.63
CA LEU H 5 -30.64 11.46 3.97
C LEU H 5 -31.83 10.55 4.21
N TRP H 6 -31.59 9.25 4.35
CA TRP H 6 -32.65 8.29 4.66
C TRP H 6 -32.03 7.09 5.33
N GLY H 7 -32.77 6.50 6.26
CA GLY H 7 -32.32 5.34 6.99
C GLY H 7 -32.04 5.64 8.45
N NH2 H 8 -32.29 6.93 8.95
HN1 NH2 H 8 -32.60 7.66 8.33
HN2 NH2 H 8 -32.12 7.13 9.93
C FMT I . 24.06 -20.37 11.43
O1 FMT I . 23.66 -21.15 12.29
O2 FMT I . 23.47 -19.32 11.18
H FMT I . 24.97 -20.60 10.86
HO2 FMT I . 22.68 -19.07 11.70
C FMT J . 25.00 7.80 12.14
O1 FMT J . 25.80 7.57 11.25
O2 FMT J . 24.55 6.90 12.85
H FMT J . 24.67 8.82 12.36
HO2 FMT J . 24.82 5.97 12.70
C FMT K . 19.98 26.93 3.48
O1 FMT K . 19.66 27.66 2.55
O2 FMT K . 19.69 25.73 3.49
H FMT K . 20.55 27.31 4.32
HO2 FMT K . 19.17 25.35 2.75
C FMT L . -26.73 -16.63 11.69
O1 FMT L . -26.02 -17.61 11.91
O2 FMT L . -26.43 -15.81 10.81
H FMT L . -27.64 -16.47 12.25
HO2 FMT L . -25.61 -15.93 10.30
C FMT M . 11.50 -31.21 -19.20
O1 FMT M . 10.66 -30.89 -18.37
O2 FMT M . 11.87 -30.44 -20.09
H FMT M . 11.94 -32.21 -19.17
HO2 FMT M . 11.50 -29.54 -20.15
C FMT N . -24.88 -5.56 -13.59
O1 FMT N . -24.53 -6.62 -13.09
O2 FMT N . -25.63 -4.77 -13.00
H FMT N . -24.52 -5.26 -14.58
HO2 FMT N . -25.96 -5.00 -12.10
C ACT O . -26.03 -15.11 -20.32
O ACT O . -26.96 -15.06 -19.46
OXT ACT O . -25.56 -14.19 -21.04
CH3 ACT O . -25.35 -16.51 -20.51
H1 ACT O . -24.40 -16.44 -20.31
H2 ACT O . -25.72 -17.14 -19.88
H3 ACT O . -25.46 -16.84 -21.42
C FMT P . -17.94 9.51 -26.95
O1 FMT P . -17.78 10.63 -27.41
O2 FMT P . -17.60 9.23 -25.80
H FMT P . -18.37 8.71 -27.55
HO2 FMT P . -17.19 9.93 -25.23
#